data_8A8N
# 
_entry.id   8A8N 
# 
_audit_conform.dict_name       mmcif_pdbx.dic 
_audit_conform.dict_version    5.398 
_audit_conform.dict_location   http://mmcif.pdb.org/dictionaries/ascii/mmcif_pdbx.dic 
# 
loop_
_database_2.database_id 
_database_2.database_code 
_database_2.pdbx_database_accession 
_database_2.pdbx_DOI 
PDB   8A8N         pdb_00008a8n 10.2210/pdb8a8n/pdb 
WWPDB D_1292123892 ?            ?                   
EMDB  EMD-15234    ?            ?                   
# 
loop_
_pdbx_audit_revision_history.ordinal 
_pdbx_audit_revision_history.data_content_type 
_pdbx_audit_revision_history.major_revision 
_pdbx_audit_revision_history.minor_revision 
_pdbx_audit_revision_history.revision_date 
1 'Structure model' 1 0 2022-08-10 
2 'Structure model' 1 1 2022-08-24 
3 'Structure model' 1 2 2022-08-31 
4 'Structure model' 1 3 2024-11-06 
# 
_pdbx_audit_revision_details.ordinal             1 
_pdbx_audit_revision_details.revision_ordinal    1 
_pdbx_audit_revision_details.data_content_type   'Structure model' 
_pdbx_audit_revision_details.provider            repository 
_pdbx_audit_revision_details.type                'Initial release' 
_pdbx_audit_revision_details.description         ? 
_pdbx_audit_revision_details.details             ? 
# 
loop_
_pdbx_audit_revision_group.ordinal 
_pdbx_audit_revision_group.revision_ordinal 
_pdbx_audit_revision_group.data_content_type 
_pdbx_audit_revision_group.group 
1 2 'Structure model' 'Database references'    
2 3 'Structure model' 'Database references'    
3 4 'Structure model' 'Data collection'        
4 4 'Structure model' 'Refinement description' 
5 4 'Structure model' 'Structure summary'      
# 
loop_
_pdbx_audit_revision_category.ordinal 
_pdbx_audit_revision_category.revision_ordinal 
_pdbx_audit_revision_category.data_content_type 
_pdbx_audit_revision_category.category 
1  2 'Structure model' citation                      
2  2 'Structure model' citation_author               
3  3 'Structure model' citation                      
4  3 'Structure model' citation_author               
5  4 'Structure model' chem_comp_atom                
6  4 'Structure model' chem_comp_bond                
7  4 'Structure model' em_3d_fitting_list            
8  4 'Structure model' em_admin                      
9  4 'Structure model' pdbx_entry_details            
10 4 'Structure model' pdbx_initial_refinement_model 
11 4 'Structure model' pdbx_modification_feature     
# 
loop_
_pdbx_audit_revision_item.ordinal 
_pdbx_audit_revision_item.revision_ordinal 
_pdbx_audit_revision_item.data_content_type 
_pdbx_audit_revision_item.item 
1  2 'Structure model' '_citation.journal_volume'                        
2  2 'Structure model' '_citation.pdbx_database_id_PubMed'               
3  2 'Structure model' '_citation.title'                                 
4  2 'Structure model' '_citation_author.identifier_ORCID'               
5  2 'Structure model' '_citation_author.name'                           
6  3 'Structure model' '_citation.page_first'                            
7  3 'Structure model' '_citation.page_last'                             
8  3 'Structure model' '_citation_author.identifier_ORCID'               
9  4 'Structure model' '_em_3d_fitting_list.accession_code'              
10 4 'Structure model' '_em_3d_fitting_list.initial_refinement_model_id' 
11 4 'Structure model' '_em_3d_fitting_list.source_name'                 
12 4 'Structure model' '_em_3d_fitting_list.type'                        
13 4 'Structure model' '_em_admin.last_update'                           
# 
_pdbx_database_status.status_code                     REL 
_pdbx_database_status.status_code_sf                  ? 
_pdbx_database_status.status_code_mr                  ? 
_pdbx_database_status.entry_id                        8A8N 
_pdbx_database_status.recvd_initial_deposition_date   2022-06-23 
_pdbx_database_status.SG_entry                        N 
_pdbx_database_status.deposit_site                    PDBE 
_pdbx_database_status.process_site                    PDBE 
_pdbx_database_status.status_code_cs                  ? 
_pdbx_database_status.status_code_nmr_data            ? 
_pdbx_database_status.methods_development_category    ? 
_pdbx_database_status.pdb_format_compatible           Y 
# 
_pdbx_database_related.db_name        EMDB 
_pdbx_database_related.details        
'Structure of self-assembling engineered protein nanocage (EPN) fused with hepatitis A pX protein' 
_pdbx_database_related.db_id          EMD-15234 
_pdbx_database_related.content_type   'associated EM volume' 
# 
loop_
_pdbx_contact_author.id 
_pdbx_contact_author.email 
_pdbx_contact_author.name_first 
_pdbx_contact_author.name_last 
_pdbx_contact_author.name_mi 
_pdbx_contact_author.role 
_pdbx_contact_author.identifier_ORCID 
4 smlemon@med.unc.edu  Stanley Lemon  M. 'principal investigator/group leader' 0000-0003-1450-806X 
5 dave@strubi.ox.ac.uk David   Stuart I. 'principal investigator/group leader' 0000-0002-3426-4210 
# 
loop_
_audit_author.name 
_audit_author.pdbx_ordinal 
_audit_author.identifier_ORCID 
'Duyvesteyn, H.M.E.' 1 0000-0002-4641-5442 
'Stuart, D.I.'       2 0000-0002-3426-4210 
# 
_citation.abstract                  ? 
_citation.abstract_id_CAS           ? 
_citation.book_id_ISBN              ? 
_citation.book_publisher            ? 
_citation.book_publisher_city       ? 
_citation.book_title                ? 
_citation.coordinate_linkage        ? 
_citation.country                   US 
_citation.database_id_Medline       ? 
_citation.details                   ? 
_citation.id                        primary 
_citation.journal_abbrev            'Plos Pathog.' 
_citation.journal_id_ASTM           ? 
_citation.journal_id_CSD            ? 
_citation.journal_id_ISSN           1553-7374 
_citation.journal_full              ? 
_citation.journal_issue             ? 
_citation.journal_volume            18 
_citation.language                  ? 
_citation.page_first                e1010543 
_citation.page_last                 e1010543 
_citation.title                     
;Nonlytic cellular release of hepatitis A virus requires dual capsid recruitment of the ESCRT-associated Bro1 domain proteins HD-PTP and ALIX.
;
_citation.year                      2022 
_citation.database_id_CSD           ? 
_citation.pdbx_database_id_DOI      10.1371/journal.ppat.1010543 
_citation.pdbx_database_id_PubMed   35969644 
_citation.pdbx_database_id_patent   ? 
_citation.unpublished_flag          ? 
# 
loop_
_citation_author.citation_id 
_citation_author.name 
_citation_author.ordinal 
_citation_author.identifier_ORCID 
primary 'Shirasaki, T.'      1  ?                   
primary 'Feng, H.'           2  ?                   
primary 'Duyvesteyn, H.M.E.' 3  ?                   
primary 'Fusco, W.G.'        4  ?                   
primary 'McKnight, K.L.'     5  ?                   
primary 'Xie, L.'            6  ?                   
primary 'Boyce, M.'          7  ?                   
primary 'Kumar, S.'          8  ?                   
primary 'Barouch-Bentov, R.' 9  ?                   
primary 'Gonzalez-Lopez, O.' 10 ?                   
primary 'McNamara, R.'       11 ?                   
primary 'Wang, L.'           12 ?                   
primary 'Hertel-Wulff, A.'   13 ?                   
primary 'Chen, X.'           14 ?                   
primary 'Einav, S.'          15 ?                   
primary 'Duncan, J.A.'       16 ?                   
primary 'Kapustina, M.'      17 ?                   
primary 'Fry, E.E.'          18 ?                   
primary 'Stuart, D.I.'       19 ?                   
primary 'Lemon, S.M.'        20 0000-0003-1450-806X 
# 
_entity.id                         1 
_entity.type                       polymer 
_entity.src_method                 man 
_entity.pdbx_description           EPN-pX 
_entity.formula_weight             32934.234 
_entity.pdbx_number_of_molecules   1 
_entity.pdbx_ec                    ? 
_entity.pdbx_mutation              ? 
_entity.pdbx_fragment              ? 
_entity.details                    
;Model just contains EPN-01 component since associated tag and pX could not be confidentally resolved.,Model just contains EPN-01 component since associated tag and pX could not be confidentally resolved.
;
# 
_entity_poly.entity_id                      1 
_entity_poly.type                           'polypeptide(L)' 
_entity_poly.nstd_linkage                   no 
_entity_poly.nstd_monomer                   no 
_entity_poly.pdbx_seq_one_letter_code       
;MGARASGSKSGSGSDSGSKIEELFKKHKIVAVLRANSVEEAKKKALAVFLGGVHLIEITFTVPDADTVIKELSFLKEMGA
IIGAGTVTSVEQCRKAVESGAEFIVSPHLDEEISQFCKEKGVFYMPGVMTPTELVKAMKLGHTILKLFPGEVVGPQFVKA
MKGPFPNVKFVPTGGVNLDNVCEWFKAGVLAVGVGSALVKGTPVEVAEKAKAFVEKIRGCTEQKLISEEDLMMSRIAAGD
LESSVDDPRSEEDKRFESHIECRKPYKELRLEVGKQRLKYAQEELSNEVLPPPRKMKGLFSQ
;
_entity_poly.pdbx_seq_one_letter_code_can   
;MGARASGSKSGSGSDSGSKIEELFKKHKIVAVLRANSVEEAKKKALAVFLGGVHLIEITFTVPDADTVIKELSFLKEMGA
IIGAGTVTSVEQCRKAVESGAEFIVSPHLDEEISQFCKEKGVFYMPGVMTPTELVKAMKLGHTILKLFPGEVVGPQFVKA
MKGPFPNVKFVPTGGVNLDNVCEWFKAGVLAVGVGSALVKGTPVEVAEKAKAFVEKIRGCTEQKLISEEDLMMSRIAAGD
LESSVDDPRSEEDKRFESHIECRKPYKELRLEVGKQRLKYAQEELSNEVLPPPRKMKGLFSQ
;
_entity_poly.pdbx_strand_id                 A 
_entity_poly.pdbx_target_identifier         ? 
# 
loop_
_entity_poly_seq.entity_id 
_entity_poly_seq.num 
_entity_poly_seq.mon_id 
_entity_poly_seq.hetero 
1 1   MET n 
1 2   GLY n 
1 3   ALA n 
1 4   ARG n 
1 5   ALA n 
1 6   SER n 
1 7   GLY n 
1 8   SER n 
1 9   LYS n 
1 10  SER n 
1 11  GLY n 
1 12  SER n 
1 13  GLY n 
1 14  SER n 
1 15  ASP n 
1 16  SER n 
1 17  GLY n 
1 18  SER n 
1 19  LYS n 
1 20  ILE n 
1 21  GLU n 
1 22  GLU n 
1 23  LEU n 
1 24  PHE n 
1 25  LYS n 
1 26  LYS n 
1 27  HIS n 
1 28  LYS n 
1 29  ILE n 
1 30  VAL n 
1 31  ALA n 
1 32  VAL n 
1 33  LEU n 
1 34  ARG n 
1 35  ALA n 
1 36  ASN n 
1 37  SER n 
1 38  VAL n 
1 39  GLU n 
1 40  GLU n 
1 41  ALA n 
1 42  LYS n 
1 43  LYS n 
1 44  LYS n 
1 45  ALA n 
1 46  LEU n 
1 47  ALA n 
1 48  VAL n 
1 49  PHE n 
1 50  LEU n 
1 51  GLY n 
1 52  GLY n 
1 53  VAL n 
1 54  HIS n 
1 55  LEU n 
1 56  ILE n 
1 57  GLU n 
1 58  ILE n 
1 59  THR n 
1 60  PHE n 
1 61  THR n 
1 62  VAL n 
1 63  PRO n 
1 64  ASP n 
1 65  ALA n 
1 66  ASP n 
1 67  THR n 
1 68  VAL n 
1 69  ILE n 
1 70  LYS n 
1 71  GLU n 
1 72  LEU n 
1 73  SER n 
1 74  PHE n 
1 75  LEU n 
1 76  LYS n 
1 77  GLU n 
1 78  MET n 
1 79  GLY n 
1 80  ALA n 
1 81  ILE n 
1 82  ILE n 
1 83  GLY n 
1 84  ALA n 
1 85  GLY n 
1 86  THR n 
1 87  VAL n 
1 88  THR n 
1 89  SER n 
1 90  VAL n 
1 91  GLU n 
1 92  GLN n 
1 93  CYS n 
1 94  ARG n 
1 95  LYS n 
1 96  ALA n 
1 97  VAL n 
1 98  GLU n 
1 99  SER n 
1 100 GLY n 
1 101 ALA n 
1 102 GLU n 
1 103 PHE n 
1 104 ILE n 
1 105 VAL n 
1 106 SER n 
1 107 PRO n 
1 108 HIS n 
1 109 LEU n 
1 110 ASP n 
1 111 GLU n 
1 112 GLU n 
1 113 ILE n 
1 114 SER n 
1 115 GLN n 
1 116 PHE n 
1 117 CYS n 
1 118 LYS n 
1 119 GLU n 
1 120 LYS n 
1 121 GLY n 
1 122 VAL n 
1 123 PHE n 
1 124 TYR n 
1 125 MET n 
1 126 PRO n 
1 127 GLY n 
1 128 VAL n 
1 129 MET n 
1 130 THR n 
1 131 PRO n 
1 132 THR n 
1 133 GLU n 
1 134 LEU n 
1 135 VAL n 
1 136 LYS n 
1 137 ALA n 
1 138 MET n 
1 139 LYS n 
1 140 LEU n 
1 141 GLY n 
1 142 HIS n 
1 143 THR n 
1 144 ILE n 
1 145 LEU n 
1 146 LYS n 
1 147 LEU n 
1 148 PHE n 
1 149 PRO n 
1 150 GLY n 
1 151 GLU n 
1 152 VAL n 
1 153 VAL n 
1 154 GLY n 
1 155 PRO n 
1 156 GLN n 
1 157 PHE n 
1 158 VAL n 
1 159 LYS n 
1 160 ALA n 
1 161 MET n 
1 162 LYS n 
1 163 GLY n 
1 164 PRO n 
1 165 PHE n 
1 166 PRO n 
1 167 ASN n 
1 168 VAL n 
1 169 LYS n 
1 170 PHE n 
1 171 VAL n 
1 172 PRO n 
1 173 THR n 
1 174 GLY n 
1 175 GLY n 
1 176 VAL n 
1 177 ASN n 
1 178 LEU n 
1 179 ASP n 
1 180 ASN n 
1 181 VAL n 
1 182 CYS n 
1 183 GLU n 
1 184 TRP n 
1 185 PHE n 
1 186 LYS n 
1 187 ALA n 
1 188 GLY n 
1 189 VAL n 
1 190 LEU n 
1 191 ALA n 
1 192 VAL n 
1 193 GLY n 
1 194 VAL n 
1 195 GLY n 
1 196 SER n 
1 197 ALA n 
1 198 LEU n 
1 199 VAL n 
1 200 LYS n 
1 201 GLY n 
1 202 THR n 
1 203 PRO n 
1 204 VAL n 
1 205 GLU n 
1 206 VAL n 
1 207 ALA n 
1 208 GLU n 
1 209 LYS n 
1 210 ALA n 
1 211 LYS n 
1 212 ALA n 
1 213 PHE n 
1 214 VAL n 
1 215 GLU n 
1 216 LYS n 
1 217 ILE n 
1 218 ARG n 
1 219 GLY n 
1 220 CYS n 
1 221 THR n 
1 222 GLU n 
1 223 GLN n 
1 224 LYS n 
1 225 LEU n 
1 226 ILE n 
1 227 SER n 
1 228 GLU n 
1 229 GLU n 
1 230 ASP n 
1 231 LEU n 
1 232 MET n 
1 233 MET n 
1 234 SER n 
1 235 ARG n 
1 236 ILE n 
1 237 ALA n 
1 238 ALA n 
1 239 GLY n 
1 240 ASP n 
1 241 LEU n 
1 242 GLU n 
1 243 SER n 
1 244 SER n 
1 245 VAL n 
1 246 ASP n 
1 247 ASP n 
1 248 PRO n 
1 249 ARG n 
1 250 SER n 
1 251 GLU n 
1 252 GLU n 
1 253 ASP n 
1 254 LYS n 
1 255 ARG n 
1 256 PHE n 
1 257 GLU n 
1 258 SER n 
1 259 HIS n 
1 260 ILE n 
1 261 GLU n 
1 262 CYS n 
1 263 ARG n 
1 264 LYS n 
1 265 PRO n 
1 266 TYR n 
1 267 LYS n 
1 268 GLU n 
1 269 LEU n 
1 270 ARG n 
1 271 LEU n 
1 272 GLU n 
1 273 VAL n 
1 274 GLY n 
1 275 LYS n 
1 276 GLN n 
1 277 ARG n 
1 278 LEU n 
1 279 LYS n 
1 280 TYR n 
1 281 ALA n 
1 282 GLN n 
1 283 GLU n 
1 284 GLU n 
1 285 LEU n 
1 286 SER n 
1 287 ASN n 
1 288 GLU n 
1 289 VAL n 
1 290 LEU n 
1 291 PRO n 
1 292 PRO n 
1 293 PRO n 
1 294 ARG n 
1 295 LYS n 
1 296 MET n 
1 297 LYS n 
1 298 GLY n 
1 299 LEU n 
1 300 PHE n 
1 301 SER n 
1 302 GLN n 
# 
loop_
_entity_src_gen.entity_id 
_entity_src_gen.pdbx_src_id 
_entity_src_gen.pdbx_alt_source_flag 
_entity_src_gen.pdbx_seq_type 
_entity_src_gen.pdbx_beg_seq_num 
_entity_src_gen.pdbx_end_seq_num 
_entity_src_gen.gene_src_common_name 
_entity_src_gen.gene_src_genus 
_entity_src_gen.pdbx_gene_src_gene 
_entity_src_gen.gene_src_species 
_entity_src_gen.gene_src_strain 
_entity_src_gen.gene_src_tissue 
_entity_src_gen.gene_src_tissue_fraction 
_entity_src_gen.gene_src_details 
_entity_src_gen.pdbx_gene_src_fragment 
_entity_src_gen.pdbx_gene_src_scientific_name 
_entity_src_gen.pdbx_gene_src_ncbi_taxonomy_id 
_entity_src_gen.pdbx_gene_src_variant 
_entity_src_gen.pdbx_gene_src_cell_line 
_entity_src_gen.pdbx_gene_src_atcc 
_entity_src_gen.pdbx_gene_src_organ 
_entity_src_gen.pdbx_gene_src_organelle 
_entity_src_gen.pdbx_gene_src_cell 
_entity_src_gen.pdbx_gene_src_cellular_location 
_entity_src_gen.host_org_common_name 
_entity_src_gen.pdbx_host_org_scientific_name 
_entity_src_gen.pdbx_host_org_ncbi_taxonomy_id 
_entity_src_gen.host_org_genus 
_entity_src_gen.pdbx_host_org_gene 
_entity_src_gen.pdbx_host_org_organ 
_entity_src_gen.host_org_species 
_entity_src_gen.pdbx_host_org_tissue 
_entity_src_gen.pdbx_host_org_tissue_fraction 
_entity_src_gen.pdbx_host_org_strain 
_entity_src_gen.pdbx_host_org_variant 
_entity_src_gen.pdbx_host_org_cell_line 
_entity_src_gen.pdbx_host_org_atcc 
_entity_src_gen.pdbx_host_org_culture_collection 
_entity_src_gen.pdbx_host_org_cell 
_entity_src_gen.pdbx_host_org_organelle 
_entity_src_gen.pdbx_host_org_cellular_location 
_entity_src_gen.pdbx_host_org_vector_type 
_entity_src_gen.pdbx_host_org_vector 
_entity_src_gen.host_org_details 
_entity_src_gen.expression_system_id 
_entity_src_gen.plasmid_name 
_entity_src_gen.plasmid_details 
_entity_src_gen.pdbx_description 
1 1 sample 'Biological sequence' 1   222 ? ? ? ? ? ? ? ? ? 'Human immunodeficiency virus type 1 BH10' 11678 ? ? ? ? ? ? ? ? 
'Homo sapiens' 9606 ? ? ? ? ? ? ? ? HEK293T ? ? ? ? ? ? ? ? ? ? ? ? 
1 2 sample 'Biological sequence' 223 302 ? ? ? ? ? ? ? ? ? 'Human immunodeficiency virus type 1 BH10' 11678 ? ? ? ? ? ? ? ? 
'Homo sapiens' 9606 ? ? ? ? ? ? ? ? HEK293T ? ? ? ? ? ? ? ? ? ? ? ? 
# 
loop_
_chem_comp.id 
_chem_comp.type 
_chem_comp.mon_nstd_flag 
_chem_comp.name 
_chem_comp.pdbx_synonyms 
_chem_comp.formula 
_chem_comp.formula_weight 
ALA 'L-peptide linking' y ALANINE         ? 'C3 H7 N O2'     89.093  
ARG 'L-peptide linking' y ARGININE        ? 'C6 H15 N4 O2 1' 175.209 
ASN 'L-peptide linking' y ASPARAGINE      ? 'C4 H8 N2 O3'    132.118 
ASP 'L-peptide linking' y 'ASPARTIC ACID' ? 'C4 H7 N O4'     133.103 
CYS 'L-peptide linking' y CYSTEINE        ? 'C3 H7 N O2 S'   121.158 
GLN 'L-peptide linking' y GLUTAMINE       ? 'C5 H10 N2 O3'   146.144 
GLU 'L-peptide linking' y 'GLUTAMIC ACID' ? 'C5 H9 N O4'     147.129 
GLY 'peptide linking'   y GLYCINE         ? 'C2 H5 N O2'     75.067  
HIS 'L-peptide linking' y HISTIDINE       ? 'C6 H10 N3 O2 1' 156.162 
ILE 'L-peptide linking' y ISOLEUCINE      ? 'C6 H13 N O2'    131.173 
LEU 'L-peptide linking' y LEUCINE         ? 'C6 H13 N O2'    131.173 
LYS 'L-peptide linking' y LYSINE          ? 'C6 H15 N2 O2 1' 147.195 
MET 'L-peptide linking' y METHIONINE      ? 'C5 H11 N O2 S'  149.211 
PHE 'L-peptide linking' y PHENYLALANINE   ? 'C9 H11 N O2'    165.189 
PRO 'L-peptide linking' y PROLINE         ? 'C5 H9 N O2'     115.130 
SER 'L-peptide linking' y SERINE          ? 'C3 H7 N O3'     105.093 
THR 'L-peptide linking' y THREONINE       ? 'C4 H9 N O3'     119.119 
TRP 'L-peptide linking' y TRYPTOPHAN      ? 'C11 H12 N2 O2'  204.225 
TYR 'L-peptide linking' y TYROSINE        ? 'C9 H11 N O3'    181.189 
VAL 'L-peptide linking' y VALINE          ? 'C5 H11 N O2'    117.146 
# 
loop_
_pdbx_poly_seq_scheme.asym_id 
_pdbx_poly_seq_scheme.entity_id 
_pdbx_poly_seq_scheme.seq_id 
_pdbx_poly_seq_scheme.mon_id 
_pdbx_poly_seq_scheme.ndb_seq_num 
_pdbx_poly_seq_scheme.pdb_seq_num 
_pdbx_poly_seq_scheme.auth_seq_num 
_pdbx_poly_seq_scheme.pdb_mon_id 
_pdbx_poly_seq_scheme.auth_mon_id 
_pdbx_poly_seq_scheme.pdb_strand_id 
_pdbx_poly_seq_scheme.pdb_ins_code 
_pdbx_poly_seq_scheme.hetero 
A 1 1   MET 1   -18 ?   ?   ?   A . n 
A 1 2   GLY 2   -17 ?   ?   ?   A . n 
A 1 3   ALA 3   -16 ?   ?   ?   A . n 
A 1 4   ARG 4   -15 ?   ?   ?   A . n 
A 1 5   ALA 5   -14 ?   ?   ?   A . n 
A 1 6   SER 6   -13 ?   ?   ?   A . n 
A 1 7   GLY 7   -12 ?   ?   ?   A . n 
A 1 8   SER 8   -11 ?   ?   ?   A . n 
A 1 9   LYS 9   -10 ?   ?   ?   A . n 
A 1 10  SER 10  -9  ?   ?   ?   A . n 
A 1 11  GLY 11  -8  ?   ?   ?   A . n 
A 1 12  SER 12  -7  ?   ?   ?   A . n 
A 1 13  GLY 13  -6  ?   ?   ?   A . n 
A 1 14  SER 14  -5  ?   ?   ?   A . n 
A 1 15  ASP 15  -4  ?   ?   ?   A . n 
A 1 16  SER 16  -3  ?   ?   ?   A . n 
A 1 17  GLY 17  -2  ?   ?   ?   A . n 
A 1 18  SER 18  -1  ?   ?   ?   A . n 
A 1 19  LYS 19  0   0   LYS LYS A . n 
A 1 20  ILE 20  1   1   ILE ILE A . n 
A 1 21  GLU 21  2   2   GLU GLU A . n 
A 1 22  GLU 22  3   3   GLU GLU A . n 
A 1 23  LEU 23  4   4   LEU LEU A . n 
A 1 24  PHE 24  5   5   PHE PHE A . n 
A 1 25  LYS 25  6   6   LYS LYS A . n 
A 1 26  LYS 26  7   7   LYS LYS A . n 
A 1 27  HIS 27  8   8   HIS HIS A . n 
A 1 28  LYS 28  9   9   LYS LYS A . n 
A 1 29  ILE 29  10  10  ILE ILE A . n 
A 1 30  VAL 30  11  11  VAL VAL A . n 
A 1 31  ALA 31  12  12  ALA ALA A . n 
A 1 32  VAL 32  13  13  VAL VAL A . n 
A 1 33  LEU 33  14  14  LEU LEU A . n 
A 1 34  ARG 34  15  15  ARG ARG A . n 
A 1 35  ALA 35  16  16  ALA ALA A . n 
A 1 36  ASN 36  17  17  ASN ASN A . n 
A 1 37  SER 37  18  18  SER SER A . n 
A 1 38  VAL 38  19  19  VAL VAL A . n 
A 1 39  GLU 39  20  20  GLU GLU A . n 
A 1 40  GLU 40  21  21  GLU GLU A . n 
A 1 41  ALA 41  22  22  ALA ALA A . n 
A 1 42  LYS 42  23  23  LYS LYS A . n 
A 1 43  LYS 43  24  24  LYS LYS A . n 
A 1 44  LYS 44  25  25  LYS LYS A . n 
A 1 45  ALA 45  26  26  ALA ALA A . n 
A 1 46  LEU 46  27  27  LEU LEU A . n 
A 1 47  ALA 47  28  28  ALA ALA A . n 
A 1 48  VAL 48  29  29  VAL VAL A . n 
A 1 49  PHE 49  30  30  PHE PHE A . n 
A 1 50  LEU 50  31  31  LEU LEU A . n 
A 1 51  GLY 51  32  32  GLY GLY A . n 
A 1 52  GLY 52  33  33  GLY GLY A . n 
A 1 53  VAL 53  34  34  VAL VAL A . n 
A 1 54  HIS 54  35  35  HIS HIS A . n 
A 1 55  LEU 55  36  36  LEU LEU A . n 
A 1 56  ILE 56  37  37  ILE ILE A . n 
A 1 57  GLU 57  38  38  GLU GLU A . n 
A 1 58  ILE 58  39  39  ILE ILE A . n 
A 1 59  THR 59  40  40  THR THR A . n 
A 1 60  PHE 60  41  41  PHE PHE A . n 
A 1 61  THR 61  42  42  THR THR A . n 
A 1 62  VAL 62  43  43  VAL VAL A . n 
A 1 63  PRO 63  44  44  PRO PRO A . n 
A 1 64  ASP 64  45  45  ASP ASP A . n 
A 1 65  ALA 65  46  46  ALA ALA A . n 
A 1 66  ASP 66  47  47  ASP ASP A . n 
A 1 67  THR 67  48  48  THR THR A . n 
A 1 68  VAL 68  49  49  VAL VAL A . n 
A 1 69  ILE 69  50  50  ILE ILE A . n 
A 1 70  LYS 70  51  51  LYS LYS A . n 
A 1 71  GLU 71  52  52  GLU GLU A . n 
A 1 72  LEU 72  53  53  LEU LEU A . n 
A 1 73  SER 73  54  54  SER SER A . n 
A 1 74  PHE 74  55  55  PHE PHE A . n 
A 1 75  LEU 75  56  56  LEU LEU A . n 
A 1 76  LYS 76  57  57  LYS LYS A . n 
A 1 77  GLU 77  58  58  GLU GLU A . n 
A 1 78  MET 78  59  59  MET MET A . n 
A 1 79  GLY 79  60  60  GLY GLY A . n 
A 1 80  ALA 80  61  61  ALA ALA A . n 
A 1 81  ILE 81  62  62  ILE ILE A . n 
A 1 82  ILE 82  63  63  ILE ILE A . n 
A 1 83  GLY 83  64  64  GLY GLY A . n 
A 1 84  ALA 84  65  65  ALA ALA A . n 
A 1 85  GLY 85  66  66  GLY GLY A . n 
A 1 86  THR 86  67  67  THR THR A . n 
A 1 87  VAL 87  68  68  VAL VAL A . n 
A 1 88  THR 88  69  69  THR THR A . n 
A 1 89  SER 89  70  70  SER SER A . n 
A 1 90  VAL 90  71  71  VAL VAL A . n 
A 1 91  GLU 91  72  72  GLU GLU A . n 
A 1 92  GLN 92  73  73  GLN GLN A . n 
A 1 93  CYS 93  74  74  CYS CYS A . n 
A 1 94  ARG 94  75  75  ARG ARG A . n 
A 1 95  LYS 95  76  76  LYS LYS A . n 
A 1 96  ALA 96  77  77  ALA ALA A . n 
A 1 97  VAL 97  78  78  VAL VAL A . n 
A 1 98  GLU 98  79  79  GLU GLU A . n 
A 1 99  SER 99  80  80  SER SER A . n 
A 1 100 GLY 100 81  81  GLY GLY A . n 
A 1 101 ALA 101 82  82  ALA ALA A . n 
A 1 102 GLU 102 83  83  GLU GLU A . n 
A 1 103 PHE 103 84  84  PHE PHE A . n 
A 1 104 ILE 104 85  85  ILE ILE A . n 
A 1 105 VAL 105 86  86  VAL VAL A . n 
A 1 106 SER 106 87  87  SER SER A . n 
A 1 107 PRO 107 88  88  PRO PRO A . n 
A 1 108 HIS 108 89  89  HIS HIS A . n 
A 1 109 LEU 109 90  90  LEU LEU A . n 
A 1 110 ASP 110 91  91  ASP ASP A . n 
A 1 111 GLU 111 92  92  GLU GLU A . n 
A 1 112 GLU 112 93  93  GLU GLU A . n 
A 1 113 ILE 113 94  94  ILE ILE A . n 
A 1 114 SER 114 95  95  SER SER A . n 
A 1 115 GLN 115 96  96  GLN GLN A . n 
A 1 116 PHE 116 97  97  PHE PHE A . n 
A 1 117 CYS 117 98  98  CYS CYS A . n 
A 1 118 LYS 118 99  99  LYS LYS A . n 
A 1 119 GLU 119 100 100 GLU GLU A . n 
A 1 120 LYS 120 101 101 LYS LYS A . n 
A 1 121 GLY 121 102 102 GLY GLY A . n 
A 1 122 VAL 122 103 103 VAL VAL A . n 
A 1 123 PHE 123 104 104 PHE PHE A . n 
A 1 124 TYR 124 105 105 TYR TYR A . n 
A 1 125 MET 125 106 106 MET MET A . n 
A 1 126 PRO 126 107 107 PRO PRO A . n 
A 1 127 GLY 127 108 108 GLY GLY A . n 
A 1 128 VAL 128 109 109 VAL VAL A . n 
A 1 129 MET 129 110 110 MET MET A . n 
A 1 130 THR 130 111 111 THR THR A . n 
A 1 131 PRO 131 112 112 PRO PRO A . n 
A 1 132 THR 132 113 113 THR THR A . n 
A 1 133 GLU 133 114 114 GLU GLU A . n 
A 1 134 LEU 134 115 115 LEU LEU A . n 
A 1 135 VAL 135 116 116 VAL VAL A . n 
A 1 136 LYS 136 117 117 LYS LYS A . n 
A 1 137 ALA 137 118 118 ALA ALA A . n 
A 1 138 MET 138 119 119 MET MET A . n 
A 1 139 LYS 139 120 120 LYS LYS A . n 
A 1 140 LEU 140 121 121 LEU LEU A . n 
A 1 141 GLY 141 122 122 GLY GLY A . n 
A 1 142 HIS 142 123 123 HIS HIS A . n 
A 1 143 THR 143 124 124 THR THR A . n 
A 1 144 ILE 144 125 125 ILE ILE A . n 
A 1 145 LEU 145 126 126 LEU LEU A . n 
A 1 146 LYS 146 127 127 LYS LYS A . n 
A 1 147 LEU 147 128 128 LEU LEU A . n 
A 1 148 PHE 148 129 129 PHE PHE A . n 
A 1 149 PRO 149 130 130 PRO PRO A . n 
A 1 150 GLY 150 131 131 GLY GLY A . n 
A 1 151 GLU 151 132 132 GLU GLU A . n 
A 1 152 VAL 152 133 133 VAL VAL A . n 
A 1 153 VAL 153 134 134 VAL VAL A . n 
A 1 154 GLY 154 135 135 GLY GLY A . n 
A 1 155 PRO 155 136 136 PRO PRO A . n 
A 1 156 GLN 156 137 137 GLN GLN A . n 
A 1 157 PHE 157 138 138 PHE PHE A . n 
A 1 158 VAL 158 139 139 VAL VAL A . n 
A 1 159 LYS 159 140 140 LYS LYS A . n 
A 1 160 ALA 160 141 141 ALA ALA A . n 
A 1 161 MET 161 142 142 MET MET A . n 
A 1 162 LYS 162 143 143 LYS LYS A . n 
A 1 163 GLY 163 144 144 GLY GLY A . n 
A 1 164 PRO 164 145 145 PRO PRO A . n 
A 1 165 PHE 165 146 146 PHE PHE A . n 
A 1 166 PRO 166 147 147 PRO PRO A . n 
A 1 167 ASN 167 148 148 ASN ASN A . n 
A 1 168 VAL 168 149 149 VAL VAL A . n 
A 1 169 LYS 169 150 150 LYS LYS A . n 
A 1 170 PHE 170 151 151 PHE PHE A . n 
A 1 171 VAL 171 152 152 VAL VAL A . n 
A 1 172 PRO 172 153 153 PRO PRO A . n 
A 1 173 THR 173 154 154 THR THR A . n 
A 1 174 GLY 174 155 155 GLY GLY A . n 
A 1 175 GLY 175 156 156 GLY GLY A . n 
A 1 176 VAL 176 157 157 VAL VAL A . n 
A 1 177 ASN 177 158 158 ASN ASN A . n 
A 1 178 LEU 178 159 159 LEU LEU A . n 
A 1 179 ASP 179 160 160 ASP ASP A . n 
A 1 180 ASN 180 161 161 ASN ASN A . n 
A 1 181 VAL 181 162 162 VAL VAL A . n 
A 1 182 CYS 182 163 163 CYS CYS A . n 
A 1 183 GLU 183 164 164 GLU GLU A . n 
A 1 184 TRP 184 165 165 TRP TRP A . n 
A 1 185 PHE 185 166 166 PHE PHE A . n 
A 1 186 LYS 186 167 167 LYS LYS A . n 
A 1 187 ALA 187 168 168 ALA ALA A . n 
A 1 188 GLY 188 169 169 GLY GLY A . n 
A 1 189 VAL 189 170 170 VAL VAL A . n 
A 1 190 LEU 190 171 171 LEU LEU A . n 
A 1 191 ALA 191 172 172 ALA ALA A . n 
A 1 192 VAL 192 173 173 VAL VAL A . n 
A 1 193 GLY 193 174 174 GLY GLY A . n 
A 1 194 VAL 194 175 175 VAL VAL A . n 
A 1 195 GLY 195 176 176 GLY GLY A . n 
A 1 196 SER 196 177 177 SER SER A . n 
A 1 197 ALA 197 178 178 ALA ALA A . n 
A 1 198 LEU 198 179 179 LEU LEU A . n 
A 1 199 VAL 199 180 180 VAL VAL A . n 
A 1 200 LYS 200 181 181 LYS LYS A . n 
A 1 201 GLY 201 182 182 GLY GLY A . n 
A 1 202 THR 202 183 183 THR THR A . n 
A 1 203 PRO 203 184 184 PRO PRO A . n 
A 1 204 VAL 204 185 185 VAL VAL A . n 
A 1 205 GLU 205 186 186 GLU GLU A . n 
A 1 206 VAL 206 187 187 VAL VAL A . n 
A 1 207 ALA 207 188 188 ALA ALA A . n 
A 1 208 GLU 208 189 189 GLU GLU A . n 
A 1 209 LYS 209 190 190 LYS LYS A . n 
A 1 210 ALA 210 191 191 ALA ALA A . n 
A 1 211 LYS 211 192 192 LYS LYS A . n 
A 1 212 ALA 212 193 193 ALA ALA A . n 
A 1 213 PHE 213 194 194 PHE PHE A . n 
A 1 214 VAL 214 195 195 VAL VAL A . n 
A 1 215 GLU 215 196 196 GLU GLU A . n 
A 1 216 LYS 216 197 197 LYS LYS A . n 
A 1 217 ILE 217 198 198 ILE ILE A . n 
A 1 218 ARG 218 199 199 ARG ARG A . n 
A 1 219 GLY 219 200 200 GLY GLY A . n 
A 1 220 CYS 220 201 201 CYS CYS A . n 
A 1 221 THR 221 202 ?   ?   ?   A . n 
A 1 222 GLU 222 203 ?   ?   ?   A . n 
A 1 223 GLN 223 204 ?   ?   ?   A . n 
A 1 224 LYS 224 205 ?   ?   ?   A . n 
A 1 225 LEU 225 206 ?   ?   ?   A . n 
A 1 226 ILE 226 207 ?   ?   ?   A . n 
A 1 227 SER 227 208 ?   ?   ?   A . n 
A 1 228 GLU 228 209 ?   ?   ?   A . n 
A 1 229 GLU 229 210 ?   ?   ?   A . n 
A 1 230 ASP 230 211 ?   ?   ?   A . n 
A 1 231 LEU 231 212 ?   ?   ?   A . n 
A 1 232 MET 232 213 ?   ?   ?   A . n 
A 1 233 MET 233 214 ?   ?   ?   A . n 
A 1 234 SER 234 215 ?   ?   ?   A . n 
A 1 235 ARG 235 216 ?   ?   ?   A . n 
A 1 236 ILE 236 217 ?   ?   ?   A . n 
A 1 237 ALA 237 218 ?   ?   ?   A . n 
A 1 238 ALA 238 219 ?   ?   ?   A . n 
A 1 239 GLY 239 220 ?   ?   ?   A . n 
A 1 240 ASP 240 221 ?   ?   ?   A . n 
A 1 241 LEU 241 222 ?   ?   ?   A . n 
A 1 242 GLU 242 223 ?   ?   ?   A . n 
A 1 243 SER 243 224 ?   ?   ?   A . n 
A 1 244 SER 244 225 ?   ?   ?   A . n 
A 1 245 VAL 245 226 ?   ?   ?   A . n 
A 1 246 ASP 246 227 ?   ?   ?   A . n 
A 1 247 ASP 247 228 ?   ?   ?   A . n 
A 1 248 PRO 248 229 ?   ?   ?   A . n 
A 1 249 ARG 249 230 ?   ?   ?   A . n 
A 1 250 SER 250 231 ?   ?   ?   A . n 
A 1 251 GLU 251 232 ?   ?   ?   A . n 
A 1 252 GLU 252 233 ?   ?   ?   A . n 
A 1 253 ASP 253 234 ?   ?   ?   A . n 
A 1 254 LYS 254 235 ?   ?   ?   A . n 
A 1 255 ARG 255 236 ?   ?   ?   A . n 
A 1 256 PHE 256 237 ?   ?   ?   A . n 
A 1 257 GLU 257 238 ?   ?   ?   A . n 
A 1 258 SER 258 239 ?   ?   ?   A . n 
A 1 259 HIS 259 240 ?   ?   ?   A . n 
A 1 260 ILE 260 241 ?   ?   ?   A . n 
A 1 261 GLU 261 242 ?   ?   ?   A . n 
A 1 262 CYS 262 243 ?   ?   ?   A . n 
A 1 263 ARG 263 244 ?   ?   ?   A . n 
A 1 264 LYS 264 245 ?   ?   ?   A . n 
A 1 265 PRO 265 246 ?   ?   ?   A . n 
A 1 266 TYR 266 247 ?   ?   ?   A . n 
A 1 267 LYS 267 248 ?   ?   ?   A . n 
A 1 268 GLU 268 249 ?   ?   ?   A . n 
A 1 269 LEU 269 250 ?   ?   ?   A . n 
A 1 270 ARG 270 251 ?   ?   ?   A . n 
A 1 271 LEU 271 252 ?   ?   ?   A . n 
A 1 272 GLU 272 253 ?   ?   ?   A . n 
A 1 273 VAL 273 254 ?   ?   ?   A . n 
A 1 274 GLY 274 255 ?   ?   ?   A . n 
A 1 275 LYS 275 256 ?   ?   ?   A . n 
A 1 276 GLN 276 257 ?   ?   ?   A . n 
A 1 277 ARG 277 258 ?   ?   ?   A . n 
A 1 278 LEU 278 259 ?   ?   ?   A . n 
A 1 279 LYS 279 260 ?   ?   ?   A . n 
A 1 280 TYR 280 261 ?   ?   ?   A . n 
A 1 281 ALA 281 262 ?   ?   ?   A . n 
A 1 282 GLN 282 263 ?   ?   ?   A . n 
A 1 283 GLU 283 264 ?   ?   ?   A . n 
A 1 284 GLU 284 265 ?   ?   ?   A . n 
A 1 285 LEU 285 266 ?   ?   ?   A . n 
A 1 286 SER 286 267 ?   ?   ?   A . n 
A 1 287 ASN 287 268 ?   ?   ?   A . n 
A 1 288 GLU 288 269 ?   ?   ?   A . n 
A 1 289 VAL 289 270 ?   ?   ?   A . n 
A 1 290 LEU 290 271 ?   ?   ?   A . n 
A 1 291 PRO 291 272 ?   ?   ?   A . n 
A 1 292 PRO 292 273 ?   ?   ?   A . n 
A 1 293 PRO 293 274 ?   ?   ?   A . n 
A 1 294 ARG 294 275 ?   ?   ?   A . n 
A 1 295 LYS 295 276 ?   ?   ?   A . n 
A 1 296 MET 296 277 ?   ?   ?   A . n 
A 1 297 LYS 297 278 ?   ?   ?   A . n 
A 1 298 GLY 298 279 ?   ?   ?   A . n 
A 1 299 LEU 299 280 ?   ?   ?   A . n 
A 1 300 PHE 300 281 ?   ?   ?   A . n 
A 1 301 SER 301 282 ?   ?   ?   A . n 
A 1 302 GLN 302 283 ?   ?   ?   A . n 
# 
loop_
_pdbx_unobs_or_zero_occ_atoms.id 
_pdbx_unobs_or_zero_occ_atoms.PDB_model_num 
_pdbx_unobs_or_zero_occ_atoms.polymer_flag 
_pdbx_unobs_or_zero_occ_atoms.occupancy_flag 
_pdbx_unobs_or_zero_occ_atoms.auth_asym_id 
_pdbx_unobs_or_zero_occ_atoms.auth_comp_id 
_pdbx_unobs_or_zero_occ_atoms.auth_seq_id 
_pdbx_unobs_or_zero_occ_atoms.PDB_ins_code 
_pdbx_unobs_or_zero_occ_atoms.auth_atom_id 
_pdbx_unobs_or_zero_occ_atoms.label_alt_id 
_pdbx_unobs_or_zero_occ_atoms.label_asym_id 
_pdbx_unobs_or_zero_occ_atoms.label_comp_id 
_pdbx_unobs_or_zero_occ_atoms.label_seq_id 
_pdbx_unobs_or_zero_occ_atoms.label_atom_id 
1 1 Y 1 A LYS 0 ? CB ? A LYS 19 CB 
2 1 Y 1 A LYS 0 ? CG ? A LYS 19 CG 
3 1 Y 1 A LYS 0 ? CD ? A LYS 19 CD 
4 1 Y 1 A LYS 0 ? CE ? A LYS 19 CE 
5 1 Y 1 A LYS 0 ? NZ ? A LYS 19 NZ 
# 
_cell.angle_alpha                  90.00 
_cell.angle_alpha_esd              ? 
_cell.angle_beta                   90.00 
_cell.angle_beta_esd               ? 
_cell.angle_gamma                  90.00 
_cell.angle_gamma_esd              ? 
_cell.entry_id                     8A8N 
_cell.details                      ? 
_cell.formula_units_Z              ? 
_cell.length_a                     1.00 
_cell.length_a_esd                 ? 
_cell.length_b                     1.00 
_cell.length_b_esd                 ? 
_cell.length_c                     1.00 
_cell.length_c_esd                 ? 
_cell.volume                       ? 
_cell.volume_esd                   ? 
_cell.Z_PDB                        ? 
_cell.reciprocal_angle_alpha       ? 
_cell.reciprocal_angle_beta        ? 
_cell.reciprocal_angle_gamma       ? 
_cell.reciprocal_angle_alpha_esd   ? 
_cell.reciprocal_angle_beta_esd    ? 
_cell.reciprocal_angle_gamma_esd   ? 
_cell.reciprocal_length_a          ? 
_cell.reciprocal_length_b          ? 
_cell.reciprocal_length_c          ? 
_cell.reciprocal_length_a_esd      ? 
_cell.reciprocal_length_b_esd      ? 
_cell.reciprocal_length_c_esd      ? 
_cell.pdbx_unique_axis             ? 
_cell.pdbx_esd_method              ? 
# 
_symmetry.entry_id                         8A8N 
_symmetry.cell_setting                     ? 
_symmetry.Int_Tables_number                1 
_symmetry.space_group_name_Hall            ? 
_symmetry.space_group_name_H-M             'P 1' 
_symmetry.pdbx_full_space_group_name_H-M   ? 
# 
_exptl.absorpt_coefficient_mu     ? 
_exptl.absorpt_correction_T_max   ? 
_exptl.absorpt_correction_T_min   ? 
_exptl.absorpt_correction_type    ? 
_exptl.absorpt_process_details    ? 
_exptl.entry_id                   8A8N 
_exptl.crystals_number            ? 
_exptl.details                    ? 
_exptl.method                     'ELECTRON MICROSCOPY' 
_exptl.method_details             ? 
# 
_struct.entry_id                     8A8N 
_struct.title                        
'Structure of self-assembling engineered protein nanocage (EPN) fused with hepatitis A pX protein' 
_struct.pdbx_model_details           ? 
_struct.pdbx_formula_weight          ? 
_struct.pdbx_formula_weight_method   ? 
_struct.pdbx_model_type_details      ? 
_struct.pdbx_CASP_flag               N 
# 
_struct_keywords.entry_id        8A8N 
_struct_keywords.text            
'hepatitis A, pX, VP1-pX, nanocage, icosahedral, protein nanoparticle, virus assembly, enveloped viruses, STRUCTURAL PROTEIN' 
_struct_keywords.pdbx_keywords   'STRUCTURAL PROTEIN' 
# 
_struct_asym.id                            A 
_struct_asym.pdbx_blank_PDB_chainid_flag   N 
_struct_asym.pdbx_modified                 N 
_struct_asym.entity_id                     1 
_struct_asym.details                       ? 
# 
loop_
_struct_ref.id 
_struct_ref.db_name 
_struct_ref.db_code 
_struct_ref.pdbx_db_accession 
_struct_ref.pdbx_db_isoform 
_struct_ref.entity_id 
_struct_ref.pdbx_seq_one_letter_code 
_struct_ref.pdbx_align_begin 
1 UNP Q9WXS1_THEMA Q9WXS1 ? 1 
;KMEELFKKHKIVAVLRANSVEEAKEKALAVFEGGVHLIEITFTVPDADTVIKELSFLKEKGAIIGAGTVTSVEQCRKAVE
SGAEFIVSPHLDEEISQFCKEKGVFYMPGVMTPTELVKAMKLGHTILKLFPGEVVGPQFVKAMKGPFPNVKFVPTGGVNL
DNVCEWFKAGVLAVGVGSALVKGTPDEVREKAKAFVEKIRGCTE
;
2  
2 UNP V9Z3B5_9PICO V9Z3B5 ? 1 MMSRIAAGDLESSVDDPRSEEDKRFESHIECRKPYKELRLEVGKQRLKYAQEELSNEVLPPPRKMKGLFSQ 38 
# 
loop_
_struct_ref_seq.align_id 
_struct_ref_seq.ref_id 
_struct_ref_seq.pdbx_PDB_id_code 
_struct_ref_seq.pdbx_strand_id 
_struct_ref_seq.seq_align_beg 
_struct_ref_seq.pdbx_seq_align_beg_ins_code 
_struct_ref_seq.seq_align_end 
_struct_ref_seq.pdbx_seq_align_end_ins_code 
_struct_ref_seq.pdbx_db_accession 
_struct_ref_seq.db_align_beg 
_struct_ref_seq.pdbx_db_align_beg_ins_code 
_struct_ref_seq.db_align_end 
_struct_ref_seq.pdbx_db_align_end_ins_code 
_struct_ref_seq.pdbx_auth_seq_align_beg 
_struct_ref_seq.pdbx_auth_seq_align_end 
1 1 8A8N A 19  ? 222 ? Q9WXS1 2  ? 205 ? 0   203 
2 2 8A8N A 232 ? 302 ? V9Z3B5 38 ? 108 ? 213 283 
# 
loop_
_struct_ref_seq_dif.align_id 
_struct_ref_seq_dif.pdbx_pdb_id_code 
_struct_ref_seq_dif.mon_id 
_struct_ref_seq_dif.pdbx_pdb_strand_id 
_struct_ref_seq_dif.seq_num 
_struct_ref_seq_dif.pdbx_pdb_ins_code 
_struct_ref_seq_dif.pdbx_seq_db_name 
_struct_ref_seq_dif.pdbx_seq_db_accession_code 
_struct_ref_seq_dif.db_mon_id 
_struct_ref_seq_dif.pdbx_seq_db_seq_num 
_struct_ref_seq_dif.details 
_struct_ref_seq_dif.pdbx_auth_seq_num 
_struct_ref_seq_dif.pdbx_ordinal 
1 8A8N MET A 1   ? UNP Q9WXS1 ?   ?   'initiating methionine' -18 1  
1 8A8N GLY A 2   ? UNP Q9WXS1 ?   ?   'expression tag'        -17 2  
1 8A8N ALA A 3   ? UNP Q9WXS1 ?   ?   'expression tag'        -16 3  
1 8A8N ARG A 4   ? UNP Q9WXS1 ?   ?   'expression tag'        -15 4  
1 8A8N ALA A 5   ? UNP Q9WXS1 ?   ?   'expression tag'        -14 5  
1 8A8N SER A 6   ? UNP Q9WXS1 ?   ?   'expression tag'        -13 6  
1 8A8N GLY A 7   ? UNP Q9WXS1 ?   ?   'expression tag'        -12 7  
1 8A8N SER A 8   ? UNP Q9WXS1 ?   ?   'expression tag'        -11 8  
1 8A8N LYS A 9   ? UNP Q9WXS1 ?   ?   'expression tag'        -10 9  
1 8A8N SER A 10  ? UNP Q9WXS1 ?   ?   'expression tag'        -9  10 
1 8A8N GLY A 11  ? UNP Q9WXS1 ?   ?   'expression tag'        -8  11 
1 8A8N SER A 12  ? UNP Q9WXS1 ?   ?   'expression tag'        -7  12 
1 8A8N GLY A 13  ? UNP Q9WXS1 ?   ?   'expression tag'        -6  13 
1 8A8N SER A 14  ? UNP Q9WXS1 ?   ?   'expression tag'        -5  14 
1 8A8N ASP A 15  ? UNP Q9WXS1 ?   ?   'expression tag'        -4  15 
1 8A8N SER A 16  ? UNP Q9WXS1 ?   ?   'expression tag'        -3  16 
1 8A8N GLY A 17  ? UNP Q9WXS1 ?   ?   'expression tag'        -2  17 
1 8A8N SER A 18  ? UNP Q9WXS1 ?   ?   'expression tag'        -1  18 
1 8A8N ILE A 20  ? UNP Q9WXS1 MET 3   conflict                1   19 
1 8A8N LYS A 43  ? UNP Q9WXS1 GLU 26  conflict                24  20 
1 8A8N LEU A 50  ? UNP Q9WXS1 GLU 33  conflict                31  21 
1 8A8N MET A 78  ? UNP Q9WXS1 LYS 61  conflict                59  22 
1 8A8N VAL A 204 ? UNP Q9WXS1 ASP 187 conflict                185 23 
1 8A8N ALA A 207 ? UNP Q9WXS1 ARG 190 conflict                188 24 
1 8A8N GLN A 223 ? UNP Q9WXS1 ?   ?   linker                  204 25 
1 8A8N LYS A 224 ? UNP Q9WXS1 ?   ?   linker                  205 26 
1 8A8N LEU A 225 ? UNP Q9WXS1 ?   ?   linker                  206 27 
1 8A8N ILE A 226 ? UNP Q9WXS1 ?   ?   linker                  207 28 
1 8A8N SER A 227 ? UNP Q9WXS1 ?   ?   linker                  208 29 
1 8A8N GLU A 228 ? UNP Q9WXS1 ?   ?   linker                  209 30 
1 8A8N GLU A 229 ? UNP Q9WXS1 ?   ?   linker                  210 31 
1 8A8N ASP A 230 ? UNP Q9WXS1 ?   ?   linker                  211 32 
1 8A8N LEU A 231 ? UNP Q9WXS1 ?   ?   linker                  212 33 
# 
_pdbx_struct_assembly.id                   1 
_pdbx_struct_assembly.details              author_defined_assembly 
_pdbx_struct_assembly.method_details       ? 
_pdbx_struct_assembly.oligomeric_details   monomeric 
_pdbx_struct_assembly.oligomeric_count     1 
# 
_pdbx_struct_assembly_gen.assembly_id       1 
_pdbx_struct_assembly_gen.oper_expression   1 
_pdbx_struct_assembly_gen.asym_id_list      A 
# 
_pdbx_struct_assembly_auth_evidence.id                     1 
_pdbx_struct_assembly_auth_evidence.assembly_id            1 
_pdbx_struct_assembly_auth_evidence.experimental_support   'electron microscopy' 
_pdbx_struct_assembly_auth_evidence.details                ? 
# 
_pdbx_struct_oper_list.id                   1 
_pdbx_struct_oper_list.type                 'identity operation' 
_pdbx_struct_oper_list.name                 1_555 
_pdbx_struct_oper_list.symmetry_operation   ? 
_pdbx_struct_oper_list.matrix[1][1]         1.0000000000 
_pdbx_struct_oper_list.matrix[1][2]         0.0000000000 
_pdbx_struct_oper_list.matrix[1][3]         0.0000000000 
_pdbx_struct_oper_list.vector[1]            0.0000000000 
_pdbx_struct_oper_list.matrix[2][1]         0.0000000000 
_pdbx_struct_oper_list.matrix[2][2]         1.0000000000 
_pdbx_struct_oper_list.matrix[2][3]         0.0000000000 
_pdbx_struct_oper_list.vector[2]            0.0000000000 
_pdbx_struct_oper_list.matrix[3][1]         0.0000000000 
_pdbx_struct_oper_list.matrix[3][2]         0.0000000000 
_pdbx_struct_oper_list.matrix[3][3]         1.0000000000 
_pdbx_struct_oper_list.vector[3]            0.0000000000 
# 
loop_
_struct_conf.conf_type_id 
_struct_conf.id 
_struct_conf.pdbx_PDB_helix_id 
_struct_conf.beg_label_comp_id 
_struct_conf.beg_label_asym_id 
_struct_conf.beg_label_seq_id 
_struct_conf.pdbx_beg_PDB_ins_code 
_struct_conf.end_label_comp_id 
_struct_conf.end_label_asym_id 
_struct_conf.end_label_seq_id 
_struct_conf.pdbx_end_PDB_ins_code 
_struct_conf.beg_auth_comp_id 
_struct_conf.beg_auth_asym_id 
_struct_conf.beg_auth_seq_id 
_struct_conf.end_auth_comp_id 
_struct_conf.end_auth_asym_id 
_struct_conf.end_auth_seq_id 
_struct_conf.pdbx_PDB_helix_class 
_struct_conf.details 
_struct_conf.pdbx_PDB_helix_length 
HELX_P HELX_P1  AA1 LYS A 19  ? LYS A 28  ? LYS A 0   LYS A 9   1 ? 10 
HELX_P HELX_P2  AA2 SER A 37  ? GLY A 51  ? SER A 18  GLY A 32  1 ? 15 
HELX_P HELX_P3  AA3 ASP A 64  ? SER A 73  ? ASP A 45  SER A 54  1 ? 10 
HELX_P HELX_P4  AA4 PHE A 74  ? GLY A 79  ? PHE A 55  GLY A 60  5 ? 6  
HELX_P HELX_P5  AA5 SER A 89  ? SER A 99  ? SER A 70  SER A 80  1 ? 11 
HELX_P HELX_P6  AA6 ASP A 110 ? GLY A 121 ? ASP A 91  GLY A 102 1 ? 12 
HELX_P HELX_P7  AA7 THR A 130 ? LEU A 140 ? THR A 111 LEU A 121 1 ? 11 
HELX_P HELX_P8  AA8 PRO A 149 ? GLY A 154 ? PRO A 130 GLY A 135 1 ? 6  
HELX_P HELX_P9  AA9 GLY A 154 ? GLY A 163 ? GLY A 135 GLY A 144 1 ? 10 
HELX_P HELX_P10 AB1 ASN A 180 ? GLY A 188 ? ASN A 161 GLY A 169 1 ? 9  
HELX_P HELX_P11 AB2 GLY A 195 ? LYS A 200 ? GLY A 176 LYS A 181 1 ? 6  
HELX_P HELX_P12 AB3 THR A 202 ? GLY A 219 ? THR A 183 GLY A 200 1 ? 18 
# 
_struct_conf_type.id          HELX_P 
_struct_conf_type.criteria    ? 
_struct_conf_type.reference   ? 
# 
_struct_conn.id                            disulf1 
_struct_conn.conn_type_id                  disulf 
_struct_conn.pdbx_leaving_atom_flag        ? 
_struct_conn.pdbx_PDB_id                   ? 
_struct_conn.ptnr1_label_asym_id           A 
_struct_conn.ptnr1_label_comp_id           CYS 
_struct_conn.ptnr1_label_seq_id            182 
_struct_conn.ptnr1_label_atom_id           SG 
_struct_conn.pdbx_ptnr1_label_alt_id       ? 
_struct_conn.pdbx_ptnr1_PDB_ins_code       ? 
_struct_conn.pdbx_ptnr1_standard_comp_id   ? 
_struct_conn.ptnr1_symmetry                1_555 
_struct_conn.ptnr2_label_asym_id           A 
_struct_conn.ptnr2_label_comp_id           CYS 
_struct_conn.ptnr2_label_seq_id            220 
_struct_conn.ptnr2_label_atom_id           SG 
_struct_conn.pdbx_ptnr2_label_alt_id       ? 
_struct_conn.pdbx_ptnr2_PDB_ins_code       ? 
_struct_conn.ptnr1_auth_asym_id            A 
_struct_conn.ptnr1_auth_comp_id            CYS 
_struct_conn.ptnr1_auth_seq_id             163 
_struct_conn.ptnr2_auth_asym_id            A 
_struct_conn.ptnr2_auth_comp_id            CYS 
_struct_conn.ptnr2_auth_seq_id             201 
_struct_conn.ptnr2_symmetry                1_555 
_struct_conn.pdbx_ptnr3_label_atom_id      ? 
_struct_conn.pdbx_ptnr3_label_seq_id       ? 
_struct_conn.pdbx_ptnr3_label_comp_id      ? 
_struct_conn.pdbx_ptnr3_label_asym_id      ? 
_struct_conn.pdbx_ptnr3_label_alt_id       ? 
_struct_conn.pdbx_ptnr3_PDB_ins_code       ? 
_struct_conn.details                       ? 
_struct_conn.pdbx_dist_value               2.029 
_struct_conn.pdbx_value_order              ? 
_struct_conn.pdbx_role                     ? 
# 
_struct_conn_type.id          disulf 
_struct_conn_type.criteria    ? 
_struct_conn_type.reference   ? 
# 
_pdbx_modification_feature.ordinal                            1 
_pdbx_modification_feature.label_comp_id                      CYS 
_pdbx_modification_feature.label_asym_id                      A 
_pdbx_modification_feature.label_seq_id                       182 
_pdbx_modification_feature.label_alt_id                       ? 
_pdbx_modification_feature.modified_residue_label_comp_id     CYS 
_pdbx_modification_feature.modified_residue_label_asym_id     A 
_pdbx_modification_feature.modified_residue_label_seq_id      220 
_pdbx_modification_feature.modified_residue_label_alt_id      ? 
_pdbx_modification_feature.auth_comp_id                       CYS 
_pdbx_modification_feature.auth_asym_id                       A 
_pdbx_modification_feature.auth_seq_id                        163 
_pdbx_modification_feature.PDB_ins_code                       ? 
_pdbx_modification_feature.symmetry                           1_555 
_pdbx_modification_feature.modified_residue_auth_comp_id      CYS 
_pdbx_modification_feature.modified_residue_auth_asym_id      A 
_pdbx_modification_feature.modified_residue_auth_seq_id       201 
_pdbx_modification_feature.modified_residue_PDB_ins_code      ? 
_pdbx_modification_feature.modified_residue_symmetry          1_555 
_pdbx_modification_feature.comp_id_linking_atom               SG 
_pdbx_modification_feature.modified_residue_id_linking_atom   SG 
_pdbx_modification_feature.modified_residue_id                . 
_pdbx_modification_feature.ref_pcm_id                         . 
_pdbx_modification_feature.ref_comp_id                        . 
_pdbx_modification_feature.type                               None 
_pdbx_modification_feature.category                           'Disulfide bridge' 
# 
_struct_mon_prot_cis.pdbx_id                1 
_struct_mon_prot_cis.label_comp_id          PHE 
_struct_mon_prot_cis.label_seq_id           148 
_struct_mon_prot_cis.label_asym_id          A 
_struct_mon_prot_cis.label_alt_id           . 
_struct_mon_prot_cis.pdbx_PDB_ins_code      ? 
_struct_mon_prot_cis.auth_comp_id           PHE 
_struct_mon_prot_cis.auth_seq_id            129 
_struct_mon_prot_cis.auth_asym_id           A 
_struct_mon_prot_cis.pdbx_label_comp_id_2   PRO 
_struct_mon_prot_cis.pdbx_label_seq_id_2    149 
_struct_mon_prot_cis.pdbx_label_asym_id_2   A 
_struct_mon_prot_cis.pdbx_PDB_ins_code_2    ? 
_struct_mon_prot_cis.pdbx_auth_comp_id_2    PRO 
_struct_mon_prot_cis.pdbx_auth_seq_id_2     130 
_struct_mon_prot_cis.pdbx_auth_asym_id_2    A 
_struct_mon_prot_cis.pdbx_PDB_model_num     1 
_struct_mon_prot_cis.pdbx_omega_angle       1.06 
# 
loop_
_struct_sheet.id 
_struct_sheet.type 
_struct_sheet.number_strands 
_struct_sheet.details 
AA1 ? 4 ? 
AA2 ? 2 ? 
AA3 ? 3 ? 
# 
loop_
_struct_sheet_order.sheet_id 
_struct_sheet_order.range_id_1 
_struct_sheet_order.range_id_2 
_struct_sheet_order.offset 
_struct_sheet_order.sense 
AA1 1 2 ? parallel 
AA1 2 3 ? parallel 
AA1 3 4 ? parallel 
AA2 1 2 ? parallel 
AA3 1 2 ? parallel 
AA3 2 3 ? parallel 
# 
loop_
_struct_sheet_range.sheet_id 
_struct_sheet_range.id 
_struct_sheet_range.beg_label_comp_id 
_struct_sheet_range.beg_label_asym_id 
_struct_sheet_range.beg_label_seq_id 
_struct_sheet_range.pdbx_beg_PDB_ins_code 
_struct_sheet_range.end_label_comp_id 
_struct_sheet_range.end_label_asym_id 
_struct_sheet_range.end_label_seq_id 
_struct_sheet_range.pdbx_end_PDB_ins_code 
_struct_sheet_range.beg_auth_comp_id 
_struct_sheet_range.beg_auth_asym_id 
_struct_sheet_range.beg_auth_seq_id 
_struct_sheet_range.end_auth_comp_id 
_struct_sheet_range.end_auth_asym_id 
_struct_sheet_range.end_auth_seq_id 
AA1 1 ILE A 81  ? GLY A 85  ? ILE A 62  GLY A 66  
AA1 2 LEU A 55  ? THR A 59  ? LEU A 36  THR A 40  
AA1 3 ILE A 29  ? LEU A 33  ? ILE A 10  LEU A 14  
AA1 4 VAL A 192 ? VAL A 194 ? VAL A 173 VAL A 175 
AA2 1 PHE A 103 ? VAL A 105 ? PHE A 84  VAL A 86  
AA2 2 PHE A 123 ? MET A 125 ? PHE A 104 MET A 106 
AA3 1 GLY A 127 ? VAL A 128 ? GLY A 108 VAL A 109 
AA3 2 ILE A 144 ? LEU A 147 ? ILE A 125 LEU A 128 
AA3 3 LYS A 169 ? PRO A 172 ? LYS A 150 PRO A 153 
# 
loop_
_pdbx_struct_sheet_hbond.sheet_id 
_pdbx_struct_sheet_hbond.range_id_1 
_pdbx_struct_sheet_hbond.range_id_2 
_pdbx_struct_sheet_hbond.range_1_label_atom_id 
_pdbx_struct_sheet_hbond.range_1_label_comp_id 
_pdbx_struct_sheet_hbond.range_1_label_asym_id 
_pdbx_struct_sheet_hbond.range_1_label_seq_id 
_pdbx_struct_sheet_hbond.range_1_PDB_ins_code 
_pdbx_struct_sheet_hbond.range_1_auth_atom_id 
_pdbx_struct_sheet_hbond.range_1_auth_comp_id 
_pdbx_struct_sheet_hbond.range_1_auth_asym_id 
_pdbx_struct_sheet_hbond.range_1_auth_seq_id 
_pdbx_struct_sheet_hbond.range_2_label_atom_id 
_pdbx_struct_sheet_hbond.range_2_label_comp_id 
_pdbx_struct_sheet_hbond.range_2_label_asym_id 
_pdbx_struct_sheet_hbond.range_2_label_seq_id 
_pdbx_struct_sheet_hbond.range_2_PDB_ins_code 
_pdbx_struct_sheet_hbond.range_2_auth_atom_id 
_pdbx_struct_sheet_hbond.range_2_auth_comp_id 
_pdbx_struct_sheet_hbond.range_2_auth_asym_id 
_pdbx_struct_sheet_hbond.range_2_auth_seq_id 
AA1 1 2 O ILE A 81  ? O ILE A 62  N ILE A 56  ? N ILE A 37  
AA1 2 3 O GLU A 57  ? O GLU A 38  N ALA A 31  ? N ALA A 12  
AA1 3 4 N VAL A 30  ? N VAL A 11  O VAL A 194 ? O VAL A 175 
AA2 1 2 N ILE A 104 ? N ILE A 85  O MET A 125 ? O MET A 106 
AA3 1 2 N VAL A 128 ? N VAL A 109 O LYS A 146 ? O LYS A 127 
AA3 2 3 N LEU A 145 ? N LEU A 126 O LYS A 169 ? O LYS A 150 
# 
_pdbx_entry_details.entry_id                   8A8N 
_pdbx_entry_details.compound_details           ? 
_pdbx_entry_details.source_details             ? 
_pdbx_entry_details.nonpolymer_details         ? 
_pdbx_entry_details.sequence_details           ? 
_pdbx_entry_details.has_ligand_of_interest     ? 
_pdbx_entry_details.has_protein_modification   Y 
# 
_pdbx_validate_torsion.id              1 
_pdbx_validate_torsion.PDB_model_num   1 
_pdbx_validate_torsion.auth_comp_id    LYS 
_pdbx_validate_torsion.auth_asym_id    A 
_pdbx_validate_torsion.auth_seq_id     9 
_pdbx_validate_torsion.PDB_ins_code    ? 
_pdbx_validate_torsion.label_alt_id    ? 
_pdbx_validate_torsion.phi             70.81 
_pdbx_validate_torsion.psi             -7.30 
# 
_em_3d_fitting.entry_id          8A8N 
_em_3d_fitting.id                1 
_em_3d_fitting.details           
;Rigid body fit monomer in chimera, generated biological unit then checked in coot and residues to be altered done so in coot followed by one cycle of rigid body refinement of entire icosahedral assembly in phenix, defining each monomeric unit as a separate body and considering ncs constraints to check for clashes.
;
_em_3d_fitting.overall_b_value   ? 
_em_3d_fitting.ref_protocol      'RIGID BODY FIT' 
_em_3d_fitting.ref_space         REAL 
_em_3d_fitting.target_criteria   'Correlation coefficient' 
_em_3d_fitting.method            ? 
# 
loop_
_em_3d_fitting_list.3d_fitting_id 
_em_3d_fitting_list.id 
_em_3d_fitting_list.details 
_em_3d_fitting_list.pdb_chain_id 
_em_3d_fitting_list.pdb_chain_residue_range 
_em_3d_fitting_list.pdb_entry_id 
_em_3d_fitting_list.initial_refinement_model_id 
_em_3d_fitting_list.chain_id 
_em_3d_fitting_list.chain_residue_range 
_em_3d_fitting_list.source_name 
_em_3d_fitting_list.type 
_em_3d_fitting_list.accession_code 
1 1 ? ? ? 5KP9 1 ? ? PDB 'experimental model' 5KP9 
1 2 ? ? ? 7B3Y 2 ? ? PDB 'experimental model' 7B3Y 
# 
_em_3d_reconstruction.entry_id                    8A8N 
_em_3d_reconstruction.id                          1 
_em_3d_reconstruction.algorithm                   ? 
_em_3d_reconstruction.details                     ? 
_em_3d_reconstruction.refinement_type             ? 
_em_3d_reconstruction.image_processing_id         1 
_em_3d_reconstruction.num_class_averages          ? 
_em_3d_reconstruction.num_particles               1830 
_em_3d_reconstruction.resolution                  6.7 
_em_3d_reconstruction.resolution_method           'FSC 0.143 CUT-OFF' 
_em_3d_reconstruction.symmetry_type               POINT 
_em_3d_reconstruction.method                      ? 
_em_3d_reconstruction.nominal_pixel_size          ? 
_em_3d_reconstruction.actual_pixel_size           ? 
_em_3d_reconstruction.magnification_calibration   ? 
# 
_em_buffer.id            1 
_em_buffer.details       PBS 
_em_buffer.pH            7 
_em_buffer.specimen_id   1 
_em_buffer.name          ? 
# 
_em_entity_assembly.id                   1 
_em_entity_assembly.parent_id            0 
_em_entity_assembly.details              
'Associated model just contains EPN-01 component since associated tag and pX could not be confidentally resolved.' 
_em_entity_assembly.name                 EPN-pX 
_em_entity_assembly.source               RECOMBINANT 
_em_entity_assembly.type                 COMPLEX 
_em_entity_assembly.entity_id_list       1 
_em_entity_assembly.synonym              ? 
_em_entity_assembly.oligomeric_details   ? 
# 
_em_imaging.id                              1 
_em_imaging.entry_id                        8A8N 
_em_imaging.accelerating_voltage            200 
_em_imaging.alignment_procedure             ? 
_em_imaging.c2_aperture_diameter            50 
_em_imaging.calibrated_defocus_max          ? 
_em_imaging.calibrated_defocus_min          ? 
_em_imaging.calibrated_magnification        ? 
_em_imaging.cryogen                         NITROGEN 
_em_imaging.details                         ? 
_em_imaging.electron_source                 'FIELD EMISSION GUN' 
_em_imaging.illumination_mode               OTHER 
_em_imaging.microscope_model                'TFS GLACIOS' 
_em_imaging.mode                            'BRIGHT FIELD' 
_em_imaging.nominal_cs                      ? 
_em_imaging.nominal_defocus_max             3000 
_em_imaging.nominal_defocus_min             700 
_em_imaging.nominal_magnification           92000 
_em_imaging.recording_temperature_maximum   ? 
_em_imaging.recording_temperature_minimum   ? 
_em_imaging.residual_tilt                   ? 
_em_imaging.specimen_holder_model           'FEI TITAN KRIOS AUTOGRID HOLDER' 
_em_imaging.specimen_id                     1 
_em_imaging.citation_id                     ? 
_em_imaging.date                            ? 
_em_imaging.temperature                     ? 
_em_imaging.tilt_angle_min                  ? 
_em_imaging.tilt_angle_max                  ? 
_em_imaging.astigmatism                     ? 
_em_imaging.detector_distance               ? 
_em_imaging.electron_beam_tilt_params       ? 
_em_imaging.specimen_holder_type            ? 
# 
_em_sample_support.id               1 
_em_sample_support.specimen_id      1 
_em_sample_support.details          ? 
_em_sample_support.grid_material    COPPER 
_em_sample_support.grid_mesh_size   200 
_em_sample_support.grid_type        'Quantifoil R2/2' 
_em_sample_support.method           ? 
_em_sample_support.film_material    ? 
# 
_em_vitrification.id                    1 
_em_vitrification.specimen_id           1 
_em_vitrification.chamber_temperature   293 
_em_vitrification.cryogen_name          ETHANE 
_em_vitrification.details               'Blot time 4-5 s.' 
_em_vitrification.humidity              90 
_em_vitrification.instrument            'GATAN CRYOPLUNGE 3' 
_em_vitrification.entry_id              8A8N 
_em_vitrification.citation_id           ? 
_em_vitrification.method                ? 
_em_vitrification.temp                  ? 
_em_vitrification.time_resolved_state   ? 
# 
_em_experiment.entry_id                8A8N 
_em_experiment.id                      1 
_em_experiment.aggregation_state       PARTICLE 
_em_experiment.reconstruction_method   'SINGLE PARTICLE' 
_em_experiment.entity_assembly_id      1 
# 
_em_single_particle_entity.entry_id              8A8N 
_em_single_particle_entity.id                    1 
_em_single_particle_entity.image_processing_id   1 
_em_single_particle_entity.point_symmetry        I 
# 
loop_
_pdbx_unobs_or_zero_occ_residues.id 
_pdbx_unobs_or_zero_occ_residues.PDB_model_num 
_pdbx_unobs_or_zero_occ_residues.polymer_flag 
_pdbx_unobs_or_zero_occ_residues.occupancy_flag 
_pdbx_unobs_or_zero_occ_residues.auth_asym_id 
_pdbx_unobs_or_zero_occ_residues.auth_comp_id 
_pdbx_unobs_or_zero_occ_residues.auth_seq_id 
_pdbx_unobs_or_zero_occ_residues.PDB_ins_code 
_pdbx_unobs_or_zero_occ_residues.label_asym_id 
_pdbx_unobs_or_zero_occ_residues.label_comp_id 
_pdbx_unobs_or_zero_occ_residues.label_seq_id 
1   1 Y 1 A MET -18 ? A MET 1   
2   1 Y 1 A GLY -17 ? A GLY 2   
3   1 Y 1 A ALA -16 ? A ALA 3   
4   1 Y 1 A ARG -15 ? A ARG 4   
5   1 Y 1 A ALA -14 ? A ALA 5   
6   1 Y 1 A SER -13 ? A SER 6   
7   1 Y 1 A GLY -12 ? A GLY 7   
8   1 Y 1 A SER -11 ? A SER 8   
9   1 Y 1 A LYS -10 ? A LYS 9   
10  1 Y 1 A SER -9  ? A SER 10  
11  1 Y 1 A GLY -8  ? A GLY 11  
12  1 Y 1 A SER -7  ? A SER 12  
13  1 Y 1 A GLY -6  ? A GLY 13  
14  1 Y 1 A SER -5  ? A SER 14  
15  1 Y 1 A ASP -4  ? A ASP 15  
16  1 Y 1 A SER -3  ? A SER 16  
17  1 Y 1 A GLY -2  ? A GLY 17  
18  1 Y 1 A SER -1  ? A SER 18  
19  1 Y 1 A THR 202 ? A THR 221 
20  1 Y 1 A GLU 203 ? A GLU 222 
21  1 Y 1 A GLN 204 ? A GLN 223 
22  1 Y 1 A LYS 205 ? A LYS 224 
23  1 Y 1 A LEU 206 ? A LEU 225 
24  1 Y 1 A ILE 207 ? A ILE 226 
25  1 Y 1 A SER 208 ? A SER 227 
26  1 Y 1 A GLU 209 ? A GLU 228 
27  1 Y 1 A GLU 210 ? A GLU 229 
28  1 Y 1 A ASP 211 ? A ASP 230 
29  1 Y 1 A LEU 212 ? A LEU 231 
30  1 Y 1 A MET 213 ? A MET 232 
31  1 Y 1 A MET 214 ? A MET 233 
32  1 Y 1 A SER 215 ? A SER 234 
33  1 Y 1 A ARG 216 ? A ARG 235 
34  1 Y 1 A ILE 217 ? A ILE 236 
35  1 Y 1 A ALA 218 ? A ALA 237 
36  1 Y 1 A ALA 219 ? A ALA 238 
37  1 Y 1 A GLY 220 ? A GLY 239 
38  1 Y 1 A ASP 221 ? A ASP 240 
39  1 Y 1 A LEU 222 ? A LEU 241 
40  1 Y 1 A GLU 223 ? A GLU 242 
41  1 Y 1 A SER 224 ? A SER 243 
42  1 Y 1 A SER 225 ? A SER 244 
43  1 Y 1 A VAL 226 ? A VAL 245 
44  1 Y 1 A ASP 227 ? A ASP 246 
45  1 Y 1 A ASP 228 ? A ASP 247 
46  1 Y 1 A PRO 229 ? A PRO 248 
47  1 Y 1 A ARG 230 ? A ARG 249 
48  1 Y 1 A SER 231 ? A SER 250 
49  1 Y 1 A GLU 232 ? A GLU 251 
50  1 Y 1 A GLU 233 ? A GLU 252 
51  1 Y 1 A ASP 234 ? A ASP 253 
52  1 Y 1 A LYS 235 ? A LYS 254 
53  1 Y 1 A ARG 236 ? A ARG 255 
54  1 Y 1 A PHE 237 ? A PHE 256 
55  1 Y 1 A GLU 238 ? A GLU 257 
56  1 Y 1 A SER 239 ? A SER 258 
57  1 Y 1 A HIS 240 ? A HIS 259 
58  1 Y 1 A ILE 241 ? A ILE 260 
59  1 Y 1 A GLU 242 ? A GLU 261 
60  1 Y 1 A CYS 243 ? A CYS 262 
61  1 Y 1 A ARG 244 ? A ARG 263 
62  1 Y 1 A LYS 245 ? A LYS 264 
63  1 Y 1 A PRO 246 ? A PRO 265 
64  1 Y 1 A TYR 247 ? A TYR 266 
65  1 Y 1 A LYS 248 ? A LYS 267 
66  1 Y 1 A GLU 249 ? A GLU 268 
67  1 Y 1 A LEU 250 ? A LEU 269 
68  1 Y 1 A ARG 251 ? A ARG 270 
69  1 Y 1 A LEU 252 ? A LEU 271 
70  1 Y 1 A GLU 253 ? A GLU 272 
71  1 Y 1 A VAL 254 ? A VAL 273 
72  1 Y 1 A GLY 255 ? A GLY 274 
73  1 Y 1 A LYS 256 ? A LYS 275 
74  1 Y 1 A GLN 257 ? A GLN 276 
75  1 Y 1 A ARG 258 ? A ARG 277 
76  1 Y 1 A LEU 259 ? A LEU 278 
77  1 Y 1 A LYS 260 ? A LYS 279 
78  1 Y 1 A TYR 261 ? A TYR 280 
79  1 Y 1 A ALA 262 ? A ALA 281 
80  1 Y 1 A GLN 263 ? A GLN 282 
81  1 Y 1 A GLU 264 ? A GLU 283 
82  1 Y 1 A GLU 265 ? A GLU 284 
83  1 Y 1 A LEU 266 ? A LEU 285 
84  1 Y 1 A SER 267 ? A SER 286 
85  1 Y 1 A ASN 268 ? A ASN 287 
86  1 Y 1 A GLU 269 ? A GLU 288 
87  1 Y 1 A VAL 270 ? A VAL 289 
88  1 Y 1 A LEU 271 ? A LEU 290 
89  1 Y 1 A PRO 272 ? A PRO 291 
90  1 Y 1 A PRO 273 ? A PRO 292 
91  1 Y 1 A PRO 274 ? A PRO 293 
92  1 Y 1 A ARG 275 ? A ARG 294 
93  1 Y 1 A LYS 276 ? A LYS 295 
94  1 Y 1 A MET 277 ? A MET 296 
95  1 Y 1 A LYS 278 ? A LYS 297 
96  1 Y 1 A GLY 279 ? A GLY 298 
97  1 Y 1 A LEU 280 ? A LEU 299 
98  1 Y 1 A PHE 281 ? A PHE 300 
99  1 Y 1 A SER 282 ? A SER 301 
100 1 Y 1 A GLN 283 ? A GLN 302 
# 
loop_
_chem_comp_atom.comp_id 
_chem_comp_atom.atom_id 
_chem_comp_atom.type_symbol 
_chem_comp_atom.pdbx_aromatic_flag 
_chem_comp_atom.pdbx_stereo_config 
_chem_comp_atom.pdbx_ordinal 
ALA N    N N N 1   
ALA CA   C N S 2   
ALA C    C N N 3   
ALA O    O N N 4   
ALA CB   C N N 5   
ALA OXT  O N N 6   
ALA H    H N N 7   
ALA H2   H N N 8   
ALA HA   H N N 9   
ALA HB1  H N N 10  
ALA HB2  H N N 11  
ALA HB3  H N N 12  
ALA HXT  H N N 13  
ARG N    N N N 14  
ARG CA   C N S 15  
ARG C    C N N 16  
ARG O    O N N 17  
ARG CB   C N N 18  
ARG CG   C N N 19  
ARG CD   C N N 20  
ARG NE   N N N 21  
ARG CZ   C N N 22  
ARG NH1  N N N 23  
ARG NH2  N N N 24  
ARG OXT  O N N 25  
ARG H    H N N 26  
ARG H2   H N N 27  
ARG HA   H N N 28  
ARG HB2  H N N 29  
ARG HB3  H N N 30  
ARG HG2  H N N 31  
ARG HG3  H N N 32  
ARG HD2  H N N 33  
ARG HD3  H N N 34  
ARG HE   H N N 35  
ARG HH11 H N N 36  
ARG HH12 H N N 37  
ARG HH21 H N N 38  
ARG HH22 H N N 39  
ARG HXT  H N N 40  
ASN N    N N N 41  
ASN CA   C N S 42  
ASN C    C N N 43  
ASN O    O N N 44  
ASN CB   C N N 45  
ASN CG   C N N 46  
ASN OD1  O N N 47  
ASN ND2  N N N 48  
ASN OXT  O N N 49  
ASN H    H N N 50  
ASN H2   H N N 51  
ASN HA   H N N 52  
ASN HB2  H N N 53  
ASN HB3  H N N 54  
ASN HD21 H N N 55  
ASN HD22 H N N 56  
ASN HXT  H N N 57  
ASP N    N N N 58  
ASP CA   C N S 59  
ASP C    C N N 60  
ASP O    O N N 61  
ASP CB   C N N 62  
ASP CG   C N N 63  
ASP OD1  O N N 64  
ASP OD2  O N N 65  
ASP OXT  O N N 66  
ASP H    H N N 67  
ASP H2   H N N 68  
ASP HA   H N N 69  
ASP HB2  H N N 70  
ASP HB3  H N N 71  
ASP HD2  H N N 72  
ASP HXT  H N N 73  
CYS N    N N N 74  
CYS CA   C N R 75  
CYS C    C N N 76  
CYS O    O N N 77  
CYS CB   C N N 78  
CYS SG   S N N 79  
CYS OXT  O N N 80  
CYS H    H N N 81  
CYS H2   H N N 82  
CYS HA   H N N 83  
CYS HB2  H N N 84  
CYS HB3  H N N 85  
CYS HG   H N N 86  
CYS HXT  H N N 87  
GLN N    N N N 88  
GLN CA   C N S 89  
GLN C    C N N 90  
GLN O    O N N 91  
GLN CB   C N N 92  
GLN CG   C N N 93  
GLN CD   C N N 94  
GLN OE1  O N N 95  
GLN NE2  N N N 96  
GLN OXT  O N N 97  
GLN H    H N N 98  
GLN H2   H N N 99  
GLN HA   H N N 100 
GLN HB2  H N N 101 
GLN HB3  H N N 102 
GLN HG2  H N N 103 
GLN HG3  H N N 104 
GLN HE21 H N N 105 
GLN HE22 H N N 106 
GLN HXT  H N N 107 
GLU N    N N N 108 
GLU CA   C N S 109 
GLU C    C N N 110 
GLU O    O N N 111 
GLU CB   C N N 112 
GLU CG   C N N 113 
GLU CD   C N N 114 
GLU OE1  O N N 115 
GLU OE2  O N N 116 
GLU OXT  O N N 117 
GLU H    H N N 118 
GLU H2   H N N 119 
GLU HA   H N N 120 
GLU HB2  H N N 121 
GLU HB3  H N N 122 
GLU HG2  H N N 123 
GLU HG3  H N N 124 
GLU HE2  H N N 125 
GLU HXT  H N N 126 
GLY N    N N N 127 
GLY CA   C N N 128 
GLY C    C N N 129 
GLY O    O N N 130 
GLY OXT  O N N 131 
GLY H    H N N 132 
GLY H2   H N N 133 
GLY HA2  H N N 134 
GLY HA3  H N N 135 
GLY HXT  H N N 136 
HIS N    N N N 137 
HIS CA   C N S 138 
HIS C    C N N 139 
HIS O    O N N 140 
HIS CB   C N N 141 
HIS CG   C Y N 142 
HIS ND1  N Y N 143 
HIS CD2  C Y N 144 
HIS CE1  C Y N 145 
HIS NE2  N Y N 146 
HIS OXT  O N N 147 
HIS H    H N N 148 
HIS H2   H N N 149 
HIS HA   H N N 150 
HIS HB2  H N N 151 
HIS HB3  H N N 152 
HIS HD1  H N N 153 
HIS HD2  H N N 154 
HIS HE1  H N N 155 
HIS HE2  H N N 156 
HIS HXT  H N N 157 
ILE N    N N N 158 
ILE CA   C N S 159 
ILE C    C N N 160 
ILE O    O N N 161 
ILE CB   C N S 162 
ILE CG1  C N N 163 
ILE CG2  C N N 164 
ILE CD1  C N N 165 
ILE OXT  O N N 166 
ILE H    H N N 167 
ILE H2   H N N 168 
ILE HA   H N N 169 
ILE HB   H N N 170 
ILE HG12 H N N 171 
ILE HG13 H N N 172 
ILE HG21 H N N 173 
ILE HG22 H N N 174 
ILE HG23 H N N 175 
ILE HD11 H N N 176 
ILE HD12 H N N 177 
ILE HD13 H N N 178 
ILE HXT  H N N 179 
LEU N    N N N 180 
LEU CA   C N S 181 
LEU C    C N N 182 
LEU O    O N N 183 
LEU CB   C N N 184 
LEU CG   C N N 185 
LEU CD1  C N N 186 
LEU CD2  C N N 187 
LEU OXT  O N N 188 
LEU H    H N N 189 
LEU H2   H N N 190 
LEU HA   H N N 191 
LEU HB2  H N N 192 
LEU HB3  H N N 193 
LEU HG   H N N 194 
LEU HD11 H N N 195 
LEU HD12 H N N 196 
LEU HD13 H N N 197 
LEU HD21 H N N 198 
LEU HD22 H N N 199 
LEU HD23 H N N 200 
LEU HXT  H N N 201 
LYS N    N N N 202 
LYS CA   C N S 203 
LYS C    C N N 204 
LYS O    O N N 205 
LYS CB   C N N 206 
LYS CG   C N N 207 
LYS CD   C N N 208 
LYS CE   C N N 209 
LYS NZ   N N N 210 
LYS OXT  O N N 211 
LYS H    H N N 212 
LYS H2   H N N 213 
LYS HA   H N N 214 
LYS HB2  H N N 215 
LYS HB3  H N N 216 
LYS HG2  H N N 217 
LYS HG3  H N N 218 
LYS HD2  H N N 219 
LYS HD3  H N N 220 
LYS HE2  H N N 221 
LYS HE3  H N N 222 
LYS HZ1  H N N 223 
LYS HZ2  H N N 224 
LYS HZ3  H N N 225 
LYS HXT  H N N 226 
MET N    N N N 227 
MET CA   C N S 228 
MET C    C N N 229 
MET O    O N N 230 
MET CB   C N N 231 
MET CG   C N N 232 
MET SD   S N N 233 
MET CE   C N N 234 
MET OXT  O N N 235 
MET H    H N N 236 
MET H2   H N N 237 
MET HA   H N N 238 
MET HB2  H N N 239 
MET HB3  H N N 240 
MET HG2  H N N 241 
MET HG3  H N N 242 
MET HE1  H N N 243 
MET HE2  H N N 244 
MET HE3  H N N 245 
MET HXT  H N N 246 
PHE N    N N N 247 
PHE CA   C N S 248 
PHE C    C N N 249 
PHE O    O N N 250 
PHE CB   C N N 251 
PHE CG   C Y N 252 
PHE CD1  C Y N 253 
PHE CD2  C Y N 254 
PHE CE1  C Y N 255 
PHE CE2  C Y N 256 
PHE CZ   C Y N 257 
PHE OXT  O N N 258 
PHE H    H N N 259 
PHE H2   H N N 260 
PHE HA   H N N 261 
PHE HB2  H N N 262 
PHE HB3  H N N 263 
PHE HD1  H N N 264 
PHE HD2  H N N 265 
PHE HE1  H N N 266 
PHE HE2  H N N 267 
PHE HZ   H N N 268 
PHE HXT  H N N 269 
PRO N    N N N 270 
PRO CA   C N S 271 
PRO C    C N N 272 
PRO O    O N N 273 
PRO CB   C N N 274 
PRO CG   C N N 275 
PRO CD   C N N 276 
PRO OXT  O N N 277 
PRO H    H N N 278 
PRO HA   H N N 279 
PRO HB2  H N N 280 
PRO HB3  H N N 281 
PRO HG2  H N N 282 
PRO HG3  H N N 283 
PRO HD2  H N N 284 
PRO HD3  H N N 285 
PRO HXT  H N N 286 
SER N    N N N 287 
SER CA   C N S 288 
SER C    C N N 289 
SER O    O N N 290 
SER CB   C N N 291 
SER OG   O N N 292 
SER OXT  O N N 293 
SER H    H N N 294 
SER H2   H N N 295 
SER HA   H N N 296 
SER HB2  H N N 297 
SER HB3  H N N 298 
SER HG   H N N 299 
SER HXT  H N N 300 
THR N    N N N 301 
THR CA   C N S 302 
THR C    C N N 303 
THR O    O N N 304 
THR CB   C N R 305 
THR OG1  O N N 306 
THR CG2  C N N 307 
THR OXT  O N N 308 
THR H    H N N 309 
THR H2   H N N 310 
THR HA   H N N 311 
THR HB   H N N 312 
THR HG1  H N N 313 
THR HG21 H N N 314 
THR HG22 H N N 315 
THR HG23 H N N 316 
THR HXT  H N N 317 
TRP N    N N N 318 
TRP CA   C N S 319 
TRP C    C N N 320 
TRP O    O N N 321 
TRP CB   C N N 322 
TRP CG   C Y N 323 
TRP CD1  C Y N 324 
TRP CD2  C Y N 325 
TRP NE1  N Y N 326 
TRP CE2  C Y N 327 
TRP CE3  C Y N 328 
TRP CZ2  C Y N 329 
TRP CZ3  C Y N 330 
TRP CH2  C Y N 331 
TRP OXT  O N N 332 
TRP H    H N N 333 
TRP H2   H N N 334 
TRP HA   H N N 335 
TRP HB2  H N N 336 
TRP HB3  H N N 337 
TRP HD1  H N N 338 
TRP HE1  H N N 339 
TRP HE3  H N N 340 
TRP HZ2  H N N 341 
TRP HZ3  H N N 342 
TRP HH2  H N N 343 
TRP HXT  H N N 344 
TYR N    N N N 345 
TYR CA   C N S 346 
TYR C    C N N 347 
TYR O    O N N 348 
TYR CB   C N N 349 
TYR CG   C Y N 350 
TYR CD1  C Y N 351 
TYR CD2  C Y N 352 
TYR CE1  C Y N 353 
TYR CE2  C Y N 354 
TYR CZ   C Y N 355 
TYR OH   O N N 356 
TYR OXT  O N N 357 
TYR H    H N N 358 
TYR H2   H N N 359 
TYR HA   H N N 360 
TYR HB2  H N N 361 
TYR HB3  H N N 362 
TYR HD1  H N N 363 
TYR HD2  H N N 364 
TYR HE1  H N N 365 
TYR HE2  H N N 366 
TYR HH   H N N 367 
TYR HXT  H N N 368 
VAL N    N N N 369 
VAL CA   C N S 370 
VAL C    C N N 371 
VAL O    O N N 372 
VAL CB   C N N 373 
VAL CG1  C N N 374 
VAL CG2  C N N 375 
VAL OXT  O N N 376 
VAL H    H N N 377 
VAL H2   H N N 378 
VAL HA   H N N 379 
VAL HB   H N N 380 
VAL HG11 H N N 381 
VAL HG12 H N N 382 
VAL HG13 H N N 383 
VAL HG21 H N N 384 
VAL HG22 H N N 385 
VAL HG23 H N N 386 
VAL HXT  H N N 387 
# 
loop_
_chem_comp_bond.comp_id 
_chem_comp_bond.atom_id_1 
_chem_comp_bond.atom_id_2 
_chem_comp_bond.value_order 
_chem_comp_bond.pdbx_aromatic_flag 
_chem_comp_bond.pdbx_stereo_config 
_chem_comp_bond.pdbx_ordinal 
ALA N   CA   sing N N 1   
ALA N   H    sing N N 2   
ALA N   H2   sing N N 3   
ALA CA  C    sing N N 4   
ALA CA  CB   sing N N 5   
ALA CA  HA   sing N N 6   
ALA C   O    doub N N 7   
ALA C   OXT  sing N N 8   
ALA CB  HB1  sing N N 9   
ALA CB  HB2  sing N N 10  
ALA CB  HB3  sing N N 11  
ALA OXT HXT  sing N N 12  
ARG N   CA   sing N N 13  
ARG N   H    sing N N 14  
ARG N   H2   sing N N 15  
ARG CA  C    sing N N 16  
ARG CA  CB   sing N N 17  
ARG CA  HA   sing N N 18  
ARG C   O    doub N N 19  
ARG C   OXT  sing N N 20  
ARG CB  CG   sing N N 21  
ARG CB  HB2  sing N N 22  
ARG CB  HB3  sing N N 23  
ARG CG  CD   sing N N 24  
ARG CG  HG2  sing N N 25  
ARG CG  HG3  sing N N 26  
ARG CD  NE   sing N N 27  
ARG CD  HD2  sing N N 28  
ARG CD  HD3  sing N N 29  
ARG NE  CZ   sing N N 30  
ARG NE  HE   sing N N 31  
ARG CZ  NH1  sing N N 32  
ARG CZ  NH2  doub N N 33  
ARG NH1 HH11 sing N N 34  
ARG NH1 HH12 sing N N 35  
ARG NH2 HH21 sing N N 36  
ARG NH2 HH22 sing N N 37  
ARG OXT HXT  sing N N 38  
ASN N   CA   sing N N 39  
ASN N   H    sing N N 40  
ASN N   H2   sing N N 41  
ASN CA  C    sing N N 42  
ASN CA  CB   sing N N 43  
ASN CA  HA   sing N N 44  
ASN C   O    doub N N 45  
ASN C   OXT  sing N N 46  
ASN CB  CG   sing N N 47  
ASN CB  HB2  sing N N 48  
ASN CB  HB3  sing N N 49  
ASN CG  OD1  doub N N 50  
ASN CG  ND2  sing N N 51  
ASN ND2 HD21 sing N N 52  
ASN ND2 HD22 sing N N 53  
ASN OXT HXT  sing N N 54  
ASP N   CA   sing N N 55  
ASP N   H    sing N N 56  
ASP N   H2   sing N N 57  
ASP CA  C    sing N N 58  
ASP CA  CB   sing N N 59  
ASP CA  HA   sing N N 60  
ASP C   O    doub N N 61  
ASP C   OXT  sing N N 62  
ASP CB  CG   sing N N 63  
ASP CB  HB2  sing N N 64  
ASP CB  HB3  sing N N 65  
ASP CG  OD1  doub N N 66  
ASP CG  OD2  sing N N 67  
ASP OD2 HD2  sing N N 68  
ASP OXT HXT  sing N N 69  
CYS N   CA   sing N N 70  
CYS N   H    sing N N 71  
CYS N   H2   sing N N 72  
CYS CA  C    sing N N 73  
CYS CA  CB   sing N N 74  
CYS CA  HA   sing N N 75  
CYS C   O    doub N N 76  
CYS C   OXT  sing N N 77  
CYS CB  SG   sing N N 78  
CYS CB  HB2  sing N N 79  
CYS CB  HB3  sing N N 80  
CYS SG  HG   sing N N 81  
CYS OXT HXT  sing N N 82  
GLN N   CA   sing N N 83  
GLN N   H    sing N N 84  
GLN N   H2   sing N N 85  
GLN CA  C    sing N N 86  
GLN CA  CB   sing N N 87  
GLN CA  HA   sing N N 88  
GLN C   O    doub N N 89  
GLN C   OXT  sing N N 90  
GLN CB  CG   sing N N 91  
GLN CB  HB2  sing N N 92  
GLN CB  HB3  sing N N 93  
GLN CG  CD   sing N N 94  
GLN CG  HG2  sing N N 95  
GLN CG  HG3  sing N N 96  
GLN CD  OE1  doub N N 97  
GLN CD  NE2  sing N N 98  
GLN NE2 HE21 sing N N 99  
GLN NE2 HE22 sing N N 100 
GLN OXT HXT  sing N N 101 
GLU N   CA   sing N N 102 
GLU N   H    sing N N 103 
GLU N   H2   sing N N 104 
GLU CA  C    sing N N 105 
GLU CA  CB   sing N N 106 
GLU CA  HA   sing N N 107 
GLU C   O    doub N N 108 
GLU C   OXT  sing N N 109 
GLU CB  CG   sing N N 110 
GLU CB  HB2  sing N N 111 
GLU CB  HB3  sing N N 112 
GLU CG  CD   sing N N 113 
GLU CG  HG2  sing N N 114 
GLU CG  HG3  sing N N 115 
GLU CD  OE1  doub N N 116 
GLU CD  OE2  sing N N 117 
GLU OE2 HE2  sing N N 118 
GLU OXT HXT  sing N N 119 
GLY N   CA   sing N N 120 
GLY N   H    sing N N 121 
GLY N   H2   sing N N 122 
GLY CA  C    sing N N 123 
GLY CA  HA2  sing N N 124 
GLY CA  HA3  sing N N 125 
GLY C   O    doub N N 126 
GLY C   OXT  sing N N 127 
GLY OXT HXT  sing N N 128 
HIS N   CA   sing N N 129 
HIS N   H    sing N N 130 
HIS N   H2   sing N N 131 
HIS CA  C    sing N N 132 
HIS CA  CB   sing N N 133 
HIS CA  HA   sing N N 134 
HIS C   O    doub N N 135 
HIS C   OXT  sing N N 136 
HIS CB  CG   sing N N 137 
HIS CB  HB2  sing N N 138 
HIS CB  HB3  sing N N 139 
HIS CG  ND1  sing Y N 140 
HIS CG  CD2  doub Y N 141 
HIS ND1 CE1  doub Y N 142 
HIS ND1 HD1  sing N N 143 
HIS CD2 NE2  sing Y N 144 
HIS CD2 HD2  sing N N 145 
HIS CE1 NE2  sing Y N 146 
HIS CE1 HE1  sing N N 147 
HIS NE2 HE2  sing N N 148 
HIS OXT HXT  sing N N 149 
ILE N   CA   sing N N 150 
ILE N   H    sing N N 151 
ILE N   H2   sing N N 152 
ILE CA  C    sing N N 153 
ILE CA  CB   sing N N 154 
ILE CA  HA   sing N N 155 
ILE C   O    doub N N 156 
ILE C   OXT  sing N N 157 
ILE CB  CG1  sing N N 158 
ILE CB  CG2  sing N N 159 
ILE CB  HB   sing N N 160 
ILE CG1 CD1  sing N N 161 
ILE CG1 HG12 sing N N 162 
ILE CG1 HG13 sing N N 163 
ILE CG2 HG21 sing N N 164 
ILE CG2 HG22 sing N N 165 
ILE CG2 HG23 sing N N 166 
ILE CD1 HD11 sing N N 167 
ILE CD1 HD12 sing N N 168 
ILE CD1 HD13 sing N N 169 
ILE OXT HXT  sing N N 170 
LEU N   CA   sing N N 171 
LEU N   H    sing N N 172 
LEU N   H2   sing N N 173 
LEU CA  C    sing N N 174 
LEU CA  CB   sing N N 175 
LEU CA  HA   sing N N 176 
LEU C   O    doub N N 177 
LEU C   OXT  sing N N 178 
LEU CB  CG   sing N N 179 
LEU CB  HB2  sing N N 180 
LEU CB  HB3  sing N N 181 
LEU CG  CD1  sing N N 182 
LEU CG  CD2  sing N N 183 
LEU CG  HG   sing N N 184 
LEU CD1 HD11 sing N N 185 
LEU CD1 HD12 sing N N 186 
LEU CD1 HD13 sing N N 187 
LEU CD2 HD21 sing N N 188 
LEU CD2 HD22 sing N N 189 
LEU CD2 HD23 sing N N 190 
LEU OXT HXT  sing N N 191 
LYS N   CA   sing N N 192 
LYS N   H    sing N N 193 
LYS N   H2   sing N N 194 
LYS CA  C    sing N N 195 
LYS CA  CB   sing N N 196 
LYS CA  HA   sing N N 197 
LYS C   O    doub N N 198 
LYS C   OXT  sing N N 199 
LYS CB  CG   sing N N 200 
LYS CB  HB2  sing N N 201 
LYS CB  HB3  sing N N 202 
LYS CG  CD   sing N N 203 
LYS CG  HG2  sing N N 204 
LYS CG  HG3  sing N N 205 
LYS CD  CE   sing N N 206 
LYS CD  HD2  sing N N 207 
LYS CD  HD3  sing N N 208 
LYS CE  NZ   sing N N 209 
LYS CE  HE2  sing N N 210 
LYS CE  HE3  sing N N 211 
LYS NZ  HZ1  sing N N 212 
LYS NZ  HZ2  sing N N 213 
LYS NZ  HZ3  sing N N 214 
LYS OXT HXT  sing N N 215 
MET N   CA   sing N N 216 
MET N   H    sing N N 217 
MET N   H2   sing N N 218 
MET CA  C    sing N N 219 
MET CA  CB   sing N N 220 
MET CA  HA   sing N N 221 
MET C   O    doub N N 222 
MET C   OXT  sing N N 223 
MET CB  CG   sing N N 224 
MET CB  HB2  sing N N 225 
MET CB  HB3  sing N N 226 
MET CG  SD   sing N N 227 
MET CG  HG2  sing N N 228 
MET CG  HG3  sing N N 229 
MET SD  CE   sing N N 230 
MET CE  HE1  sing N N 231 
MET CE  HE2  sing N N 232 
MET CE  HE3  sing N N 233 
MET OXT HXT  sing N N 234 
PHE N   CA   sing N N 235 
PHE N   H    sing N N 236 
PHE N   H2   sing N N 237 
PHE CA  C    sing N N 238 
PHE CA  CB   sing N N 239 
PHE CA  HA   sing N N 240 
PHE C   O    doub N N 241 
PHE C   OXT  sing N N 242 
PHE CB  CG   sing N N 243 
PHE CB  HB2  sing N N 244 
PHE CB  HB3  sing N N 245 
PHE CG  CD1  doub Y N 246 
PHE CG  CD2  sing Y N 247 
PHE CD1 CE1  sing Y N 248 
PHE CD1 HD1  sing N N 249 
PHE CD2 CE2  doub Y N 250 
PHE CD2 HD2  sing N N 251 
PHE CE1 CZ   doub Y N 252 
PHE CE1 HE1  sing N N 253 
PHE CE2 CZ   sing Y N 254 
PHE CE2 HE2  sing N N 255 
PHE CZ  HZ   sing N N 256 
PHE OXT HXT  sing N N 257 
PRO N   CA   sing N N 258 
PRO N   CD   sing N N 259 
PRO N   H    sing N N 260 
PRO CA  C    sing N N 261 
PRO CA  CB   sing N N 262 
PRO CA  HA   sing N N 263 
PRO C   O    doub N N 264 
PRO C   OXT  sing N N 265 
PRO CB  CG   sing N N 266 
PRO CB  HB2  sing N N 267 
PRO CB  HB3  sing N N 268 
PRO CG  CD   sing N N 269 
PRO CG  HG2  sing N N 270 
PRO CG  HG3  sing N N 271 
PRO CD  HD2  sing N N 272 
PRO CD  HD3  sing N N 273 
PRO OXT HXT  sing N N 274 
SER N   CA   sing N N 275 
SER N   H    sing N N 276 
SER N   H2   sing N N 277 
SER CA  C    sing N N 278 
SER CA  CB   sing N N 279 
SER CA  HA   sing N N 280 
SER C   O    doub N N 281 
SER C   OXT  sing N N 282 
SER CB  OG   sing N N 283 
SER CB  HB2  sing N N 284 
SER CB  HB3  sing N N 285 
SER OG  HG   sing N N 286 
SER OXT HXT  sing N N 287 
THR N   CA   sing N N 288 
THR N   H    sing N N 289 
THR N   H2   sing N N 290 
THR CA  C    sing N N 291 
THR CA  CB   sing N N 292 
THR CA  HA   sing N N 293 
THR C   O    doub N N 294 
THR C   OXT  sing N N 295 
THR CB  OG1  sing N N 296 
THR CB  CG2  sing N N 297 
THR CB  HB   sing N N 298 
THR OG1 HG1  sing N N 299 
THR CG2 HG21 sing N N 300 
THR CG2 HG22 sing N N 301 
THR CG2 HG23 sing N N 302 
THR OXT HXT  sing N N 303 
TRP N   CA   sing N N 304 
TRP N   H    sing N N 305 
TRP N   H2   sing N N 306 
TRP CA  C    sing N N 307 
TRP CA  CB   sing N N 308 
TRP CA  HA   sing N N 309 
TRP C   O    doub N N 310 
TRP C   OXT  sing N N 311 
TRP CB  CG   sing N N 312 
TRP CB  HB2  sing N N 313 
TRP CB  HB3  sing N N 314 
TRP CG  CD1  doub Y N 315 
TRP CG  CD2  sing Y N 316 
TRP CD1 NE1  sing Y N 317 
TRP CD1 HD1  sing N N 318 
TRP CD2 CE2  doub Y N 319 
TRP CD2 CE3  sing Y N 320 
TRP NE1 CE2  sing Y N 321 
TRP NE1 HE1  sing N N 322 
TRP CE2 CZ2  sing Y N 323 
TRP CE3 CZ3  doub Y N 324 
TRP CE3 HE3  sing N N 325 
TRP CZ2 CH2  doub Y N 326 
TRP CZ2 HZ2  sing N N 327 
TRP CZ3 CH2  sing Y N 328 
TRP CZ3 HZ3  sing N N 329 
TRP CH2 HH2  sing N N 330 
TRP OXT HXT  sing N N 331 
TYR N   CA   sing N N 332 
TYR N   H    sing N N 333 
TYR N   H2   sing N N 334 
TYR CA  C    sing N N 335 
TYR CA  CB   sing N N 336 
TYR CA  HA   sing N N 337 
TYR C   O    doub N N 338 
TYR C   OXT  sing N N 339 
TYR CB  CG   sing N N 340 
TYR CB  HB2  sing N N 341 
TYR CB  HB3  sing N N 342 
TYR CG  CD1  doub Y N 343 
TYR CG  CD2  sing Y N 344 
TYR CD1 CE1  sing Y N 345 
TYR CD1 HD1  sing N N 346 
TYR CD2 CE2  doub Y N 347 
TYR CD2 HD2  sing N N 348 
TYR CE1 CZ   doub Y N 349 
TYR CE1 HE1  sing N N 350 
TYR CE2 CZ   sing Y N 351 
TYR CE2 HE2  sing N N 352 
TYR CZ  OH   sing N N 353 
TYR OH  HH   sing N N 354 
TYR OXT HXT  sing N N 355 
VAL N   CA   sing N N 356 
VAL N   H    sing N N 357 
VAL N   H2   sing N N 358 
VAL CA  C    sing N N 359 
VAL CA  CB   sing N N 360 
VAL CA  HA   sing N N 361 
VAL C   O    doub N N 362 
VAL C   OXT  sing N N 363 
VAL CB  CG1  sing N N 364 
VAL CB  CG2  sing N N 365 
VAL CB  HB   sing N N 366 
VAL CG1 HG11 sing N N 367 
VAL CG1 HG12 sing N N 368 
VAL CG1 HG13 sing N N 369 
VAL CG2 HG21 sing N N 370 
VAL CG2 HG22 sing N N 371 
VAL CG2 HG23 sing N N 372 
VAL OXT HXT  sing N N 373 
# 
_em_admin.entry_id           8A8N 
_em_admin.current_status     REL 
_em_admin.deposition_date    2022-06-23 
_em_admin.deposition_site    PDBE 
_em_admin.last_update        2024-11-06 
_em_admin.map_release_date   2022-08-10 
_em_admin.title              'Structure of self-assembling engineered protein nanocage (EPN) fused with hepatitis A pX protein' 
# 
_em_ctf_correction.id                       1 
_em_ctf_correction.em_image_processing_id   1 
_em_ctf_correction.type                     'PHASE FLIPPING AND AMPLITUDE CORRECTION' 
_em_ctf_correction.details                  ? 
# 
_em_entity_assembly_molwt.entity_assembly_id   1 
_em_entity_assembly_molwt.id                   1 
_em_entity_assembly_molwt.experimental_flag    NO 
_em_entity_assembly_molwt.units                ? 
_em_entity_assembly_molwt.value                ? 
# 
_em_entity_assembly_naturalsource.id                   2 
_em_entity_assembly_naturalsource.entity_assembly_id   1 
_em_entity_assembly_naturalsource.cell                 ? 
_em_entity_assembly_naturalsource.cellular_location    ? 
_em_entity_assembly_naturalsource.ncbi_tax_id          9606 
_em_entity_assembly_naturalsource.organ                ? 
_em_entity_assembly_naturalsource.organelle            ? 
_em_entity_assembly_naturalsource.organism             'Homo sapiens' 
_em_entity_assembly_naturalsource.strain               ? 
_em_entity_assembly_naturalsource.tissue               ? 
# 
_em_entity_assembly_recombinant.id                   2 
_em_entity_assembly_recombinant.entity_assembly_id   1 
_em_entity_assembly_recombinant.cell                 HEK293T 
_em_entity_assembly_recombinant.ncbi_tax_id          9606 
_em_entity_assembly_recombinant.organism             'Homo sapiens' 
_em_entity_assembly_recombinant.plasmid              ? 
_em_entity_assembly_recombinant.strain               ? 
# 
_em_image_processing.id                   1 
_em_image_processing.image_recording_id   1 
_em_image_processing.details              ? 
# 
_em_image_recording.id                                  1 
_em_image_recording.imaging_id                          1 
_em_image_recording.avg_electron_dose_per_image         46 
_em_image_recording.average_exposure_time               ? 
_em_image_recording.details                             ? 
_em_image_recording.detector_mode                       INTEGRATING 
_em_image_recording.film_or_detector_model              'FEI FALCON III (4k x 4k)' 
_em_image_recording.num_diffraction_images              ? 
_em_image_recording.num_grids_imaged                    1 
_em_image_recording.num_real_images                     1803 
_em_image_recording.avg_electron_dose_per_subtomogram   ? 
# 
_em_particle_selection.id                       1 
_em_particle_selection.image_processing_id      1 
_em_particle_selection.details                  'Manual selection.' 
_em_particle_selection.method                   ? 
_em_particle_selection.num_particles_selected   1830 
_em_particle_selection.reference_model          ? 
# 
loop_
_em_software.id 
_em_software.category 
_em_software.details 
_em_software.name 
_em_software.version 
_em_software.image_processing_id 
_em_software.fitting_id 
_em_software.imaging_id 
1  'PARTICLE SELECTION'       ? RELION         ? 1 ? ? 
2  'IMAGE ACQUISITION'        ? EPU            ? ? ? 1 
3  MASKING                    ? ?              ? ? ? ? 
4  'CTF CORRECTION'           ? CTFFIND        ? 1 ? ? 
5  'LAYERLINE INDEXING'       ? ?              ? ? ? ? 
6  'DIFFRACTION INDEXING'     ? ?              ? ? ? ? 
7  'MODEL FITTING'            ? Coot           ? ? 1 ? 
8  'MODEL FITTING'            ? 'UCSF Chimera' ? ? 1 ? 
9  OTHER                      ? ?              ? ? ? ? 
10 'INITIAL EULER ASSIGNMENT' ? RELION         ? 1 ? ? 
11 'FINAL EULER ASSIGNMENT'   ? RELION         ? 1 ? ? 
12 CLASSIFICATION             ? RELION         ? 1 ? ? 
13 RECONSTRUCTION             ? RELION         ? 1 ? ? 
14 'MODEL REFINEMENT'         ? PHENIX         ? ? 1 ? 
# 
_em_specimen.id                      1 
_em_specimen.experiment_id           1 
_em_specimen.concentration           ? 
_em_specimen.details                 ? 
_em_specimen.embedding_applied       NO 
_em_specimen.shadowing_applied       NO 
_em_specimen.staining_applied        NO 
_em_specimen.vitrification_applied   YES 
# 
loop_
_pdbx_audit_support.funding_organization 
_pdbx_audit_support.country 
_pdbx_audit_support.grant_number 
_pdbx_audit_support.ordinal 
'National Institutes of Health/National Cancer Institute (NIH/NCI)' 'United States'  R01-AI103083 1 
'National Institutes of Health/National Cancer Institute (NIH/NCI)' 'United States'  R01-AI131685 2 
'National Institutes of Health/National Cancer Institute (NIH/NCI)' 'United States'  R01-AI088255 3 
'National Institutes of Health/National Cancer Institute (NIH/NCI)' 'United States'  R01-AI150095 4 
'Wellcome Trust'                                                    'United Kingdom' ALR00750     5 
'Medical Research Council (MRC, United Kingdom)'                    'United Kingdom' MR/N00065X/1 6 
# 
loop_
_pdbx_initial_refinement_model.id 
_pdbx_initial_refinement_model.type 
_pdbx_initial_refinement_model.source_name 
_pdbx_initial_refinement_model.accession_code 
1 'experimental model' PDB 5KP9 
2 'experimental model' PDB 7B3Y 
# 
_pdbx_related_exp_data_set.ordinal              1 
_pdbx_related_exp_data_set.data_reference       10.1101/2022.04.26.489493 
_pdbx_related_exp_data_set.metadata_reference   ? 
_pdbx_related_exp_data_set.data_set_type        'other data' 
_pdbx_related_exp_data_set.details              ? 
# 
_atom_sites.entry_id                    8A8N 
_atom_sites.Cartn_transf_matrix[1][1]   ? 
_atom_sites.Cartn_transf_matrix[1][2]   ? 
_atom_sites.Cartn_transf_matrix[1][3]   ? 
_atom_sites.Cartn_transf_matrix[2][1]   ? 
_atom_sites.Cartn_transf_matrix[2][2]   ? 
_atom_sites.Cartn_transf_matrix[2][3]   ? 
_atom_sites.Cartn_transf_matrix[3][1]   ? 
_atom_sites.Cartn_transf_matrix[3][2]   ? 
_atom_sites.Cartn_transf_matrix[3][3]   ? 
_atom_sites.Cartn_transf_vector[1]      ? 
_atom_sites.Cartn_transf_vector[2]      ? 
_atom_sites.Cartn_transf_vector[3]      ? 
_atom_sites.fract_transf_matrix[1][1]   1.000000 
_atom_sites.fract_transf_matrix[1][2]   0.000000 
_atom_sites.fract_transf_matrix[1][3]   0.000000 
_atom_sites.fract_transf_matrix[2][1]   0.000000 
_atom_sites.fract_transf_matrix[2][2]   1.000000 
_atom_sites.fract_transf_matrix[2][3]   0.000000 
_atom_sites.fract_transf_matrix[3][1]   0.000000 
_atom_sites.fract_transf_matrix[3][2]   0.000000 
_atom_sites.fract_transf_matrix[3][3]   1.000000 
_atom_sites.fract_transf_vector[1]      0.00000 
_atom_sites.fract_transf_vector[2]      0.00000 
_atom_sites.fract_transf_vector[3]      0.00000 
_atom_sites.solution_primary            ? 
_atom_sites.solution_secondary          ? 
_atom_sites.solution_hydrogens          ? 
_atom_sites.special_details             ? 
# 
loop_
_atom_type.symbol 
C 
N 
O 
S 
# 
loop_
_atom_site.group_PDB 
_atom_site.id 
_atom_site.type_symbol 
_atom_site.label_atom_id 
_atom_site.label_alt_id 
_atom_site.label_comp_id 
_atom_site.label_asym_id 
_atom_site.label_entity_id 
_atom_site.label_seq_id 
_atom_site.pdbx_PDB_ins_code 
_atom_site.Cartn_x 
_atom_site.Cartn_y 
_atom_site.Cartn_z 
_atom_site.occupancy 
_atom_site.B_iso_or_equiv 
_atom_site.pdbx_formal_charge 
_atom_site.auth_seq_id 
_atom_site.auth_comp_id 
_atom_site.auth_asym_id 
_atom_site.auth_atom_id 
_atom_site.pdbx_PDB_model_num 
ATOM 1    N N   . LYS A 1 19  ? 15.841  -1.324  0.891   1.00 0.00  ? 0   LYS A N   1 
ATOM 2    C CA  . LYS A 1 19  ? 15.185  -2.658  0.829   1.00 0.00  ? 0   LYS A CA  1 
ATOM 3    C C   . LYS A 1 19  ? 13.707  -2.472  0.472   1.00 0.00  ? 0   LYS A C   1 
ATOM 4    O O   . LYS A 1 19  ? 13.399  -2.365  -0.732  1.00 0.00  ? 0   LYS A O   1 
ATOM 5    N N   . ILE A 1 20  ? 12.831  -2.439  1.480   1.00 0.00  ? 1   ILE A N   1 
ATOM 6    C CA  . ILE A 1 20  ? 11.387  -2.178  1.204   1.00 0.00  ? 1   ILE A CA  1 
ATOM 7    C C   . ILE A 1 20  ? 11.279  -0.819  0.513   1.00 0.00  ? 1   ILE A C   1 
ATOM 8    O O   . ILE A 1 20  ? 10.571  -0.737  -0.511  1.00 0.00  ? 1   ILE A O   1 
ATOM 9    C CB  . ILE A 1 20  ? 10.541  -2.236  2.489   1.00 30.00 ? 1   ILE A CB  1 
ATOM 10   C CG1 . ILE A 1 20  ? 10.786  -3.530  3.268   1.00 30.00 ? 1   ILE A CG1 1 
ATOM 11   C CG2 . ILE A 1 20  ? 9.071   -2.050  2.156   1.00 30.00 ? 1   ILE A CG2 1 
ATOM 12   C CD1 . ILE A 1 20  ? 9.759   -4.607  2.998   1.00 30.00 ? 1   ILE A CD1 1 
ATOM 13   N N   . GLU A 1 21  ? 11.957  0.205   1.045   1.00 0.00  ? 2   GLU A N   1 
ATOM 14   C CA  . GLU A 1 21  ? 11.947  1.488   0.338   1.00 0.00  ? 2   GLU A CA  1 
ATOM 15   C C   . GLU A 1 21  ? 12.209  1.306   -1.082  1.00 22.85 ? 2   GLU A C   1 
ATOM 16   O O   . GLU A 1 21  ? 11.565  1.911   -1.960  1.00 22.41 ? 2   GLU A O   1 
ATOM 17   C CB  . GLU A 1 21  ? 13.004  2.325   1.105   1.00 24.25 ? 2   GLU A CB  1 
ATOM 18   C CG  . GLU A 1 21  ? 12.588  2.668   2.557   1.00 27.13 ? 2   GLU A CG  1 
ATOM 19   C CD  . GLU A 1 21  ? 13.649  3.430   3.350   1.00 29.46 ? 2   GLU A CD  1 
ATOM 20   O OE1 . GLU A 1 21  ? 14.793  3.532   2.844   1.00 30.28 ? 2   GLU A OE1 1 
ATOM 21   O OE2 . GLU A 1 21  ? 13.351  3.931   4.462   1.00 30.96 ? 2   GLU A OE2 1 
ATOM 22   N N   . GLU A 1 22  ? 13.170  0.422   -1.343  1.00 21.75 ? 3   GLU A N   1 
ATOM 23   C CA  . GLU A 1 22  ? 13.691  0.253   -2.679  1.00 21.44 ? 3   GLU A CA  1 
ATOM 24   C C   . GLU A 1 22  ? 12.682  -0.469  -3.560  1.00 20.45 ? 3   GLU A C   1 
ATOM 25   O O   . GLU A 1 22  ? 12.653  -0.253  -4.775  1.00 20.05 ? 3   GLU A O   1 
ATOM 26   C CB  . GLU A 1 22  ? 15.039  -0.497  -2.669  1.00 22.55 ? 3   GLU A CB  1 
ATOM 27   C CG  . GLU A 1 22  ? 16.199  0.271   -2.024  1.00 25.22 ? 3   GLU A CG  1 
ATOM 28   C CD  . GLU A 1 22  ? 17.488  -0.555  -1.980  1.00 28.44 ? 3   GLU A CD  1 
ATOM 29   O OE1 . GLU A 1 22  ? 17.425  -1.772  -2.274  1.00 29.81 ? 3   GLU A OE1 1 
ATOM 30   O OE2 . GLU A 1 22  ? 18.555  0.022   -1.653  1.00 29.17 ? 3   GLU A OE2 1 
ATOM 31   N N   . LEU A 1 23  ? 11.871  -1.330  -2.956  1.00 19.16 ? 4   LEU A N   1 
ATOM 32   C CA  . LEU A 1 23  ? 10.827  -2.031  -3.697  1.00 18.59 ? 4   LEU A CA  1 
ATOM 33   C C   . LEU A 1 23  ? 9.695   -1.091  -4.146  1.00 18.65 ? 4   LEU A C   1 
ATOM 34   O O   . LEU A 1 23  ? 9.243   -1.161  -5.295  1.00 17.38 ? 4   LEU A O   1 
ATOM 35   C CB  . LEU A 1 23  ? 10.300  -3.206  -2.889  1.00 18.34 ? 4   LEU A CB  1 
ATOM 36   C CG  . LEU A 1 23  ? 11.295  -4.355  -2.717  1.00 19.07 ? 4   LEU A CG  1 
ATOM 37   C CD1 . LEU A 1 23  ? 10.790  -5.307  -1.647  1.00 17.27 ? 4   LEU A CD1 1 
ATOM 38   C CD2 . LEU A 1 23  ? 11.526  -5.101  -4.029  1.00 18.00 ? 4   LEU A CD2 1 
ATOM 39   N N   . PHE A 1 24  ? 9.263   -0.208  -3.242  1.00 18.90 ? 5   PHE A N   1 
ATOM 40   C CA  . PHE A 1 24  ? 8.275   0.834   -3.543  1.00 19.83 ? 5   PHE A CA  1 
ATOM 41   C C   . PHE A 1 24  ? 8.732   1.728   -4.650  1.00 19.41 ? 5   PHE A C   1 
ATOM 42   O O   . PHE A 1 24  ? 7.976   2.033   -5.572  1.00 19.47 ? 5   PHE A O   1 
ATOM 43   C CB  . PHE A 1 24  ? 8.016   1.716   -2.324  1.00 20.20 ? 5   PHE A CB  1 
ATOM 44   C CG  . PHE A 1 24  ? 7.403   0.991   -1.174  1.00 22.14 ? 5   PHE A CG  1 
ATOM 45   C CD1 . PHE A 1 24  ? 6.765   -0.228  -1.367  1.00 23.43 ? 5   PHE A CD1 1 
ATOM 46   C CD2 . PHE A 1 24  ? 7.455   1.526   0.105   1.00 24.41 ? 5   PHE A CD2 1 
ATOM 47   C CE1 . PHE A 1 24  ? 6.201   -0.917  -0.294  1.00 25.47 ? 5   PHE A CE1 1 
ATOM 48   C CE2 . PHE A 1 24  ? 6.889   0.851   1.186   1.00 26.11 ? 5   PHE A CE2 1 
ATOM 49   C CZ  . PHE A 1 24  ? 6.274   -0.386  0.989   1.00 25.44 ? 5   PHE A CZ  1 
ATOM 50   N N   . LYS A 1 25  ? 9.986   2.150   -4.538  1.00 20.01 ? 6   LYS A N   1 
ATOM 51   C CA  . LYS A 1 25  ? 10.670  2.980   -5.525  1.00 19.88 ? 6   LYS A CA  1 
ATOM 52   C C   . LYS A 1 25  ? 10.673  2.343   -6.909  1.00 19.47 ? 6   LYS A C   1 
ATOM 53   O O   . LYS A 1 25  ? 10.465  3.027   -7.909  1.00 19.65 ? 6   LYS A O   1 
ATOM 54   C CB  . LYS A 1 25  ? 12.112  3.193   -5.070  1.00 20.85 ? 6   LYS A CB  1 
ATOM 55   C CG  . LYS A 1 25  ? 12.664  4.598   -5.168  1.00 22.03 ? 6   LYS A CG  1 
ATOM 56   C CD  . LYS A 1 25  ? 14.190  4.516   -5.377  1.00 26.51 ? 6   LYS A CD  1 
ATOM 57   C CE  . LYS A 1 25  ? 14.602  4.617   -6.874  1.00 25.63 ? 6   LYS A CE  1 
ATOM 58   N NZ  . LYS A 1 25  ? 15.488  3.496   -7.294  1.00 25.56 ? 6   LYS A NZ  1 
ATOM 59   N N   . LYS A 1 26  ? 10.914  1.036   -6.966  1.00 18.20 ? 7   LYS A N   1 
ATOM 60   C CA  . LYS A 1 26  ? 11.021  0.295   -8.215  1.00 17.90 ? 7   LYS A CA  1 
ATOM 61   C C   . LYS A 1 26  ? 9.658   -0.009  -8.857  1.00 17.04 ? 7   LYS A C   1 
ATOM 62   O O   . LYS A 1 26  ? 9.485   0.100   -10.074 1.00 16.70 ? 7   LYS A O   1 
ATOM 63   C CB  . LYS A 1 26  ? 11.794  -1.007  -7.954  1.00 17.96 ? 7   LYS A CB  1 
ATOM 64   C CG  . LYS A 1 26  ? 11.699  -2.106  -9.044  1.00 18.81 ? 7   LYS A CG  1 
ATOM 65   C CD  . LYS A 1 26  ? 12.761  -3.166  -8.842  1.00 19.69 ? 7   LYS A CD  1 
ATOM 66   C CE  . LYS A 1 26  ? 13.005  -3.994  -10.118 1.00 21.37 ? 7   LYS A CE  1 
ATOM 67   N NZ  . LYS A 1 26  ? 14.182  -4.923  -9.990  1.00 24.14 ? 7   LYS A NZ  1 
ATOM 68   N N   . HIS A 1 27  ? 8.694   -0.394  -8.036  1.00 16.12 ? 8   HIS A N   1 
ATOM 69   C CA  . HIS A 1 27  ? 7.409   -0.865  -8.551  1.00 15.57 ? 8   HIS A CA  1 
ATOM 70   C C   . HIS A 1 27  ? 6.362   0.246   -8.662  1.00 14.58 ? 8   HIS A C   1 
ATOM 71   O O   . HIS A 1 27  ? 5.516   0.193   -9.553  1.00 14.68 ? 8   HIS A O   1 
ATOM 72   C CB  . HIS A 1 27  ? 6.912   -2.020  -7.705  1.00 15.22 ? 8   HIS A CB  1 
ATOM 73   C CG  . HIS A 1 27  ? 7.726   -3.264  -7.874  1.00 17.62 ? 8   HIS A CG  1 
ATOM 74   N ND1 . HIS A 1 27  ? 8.433   -3.833  -6.837  1.00 19.30 ? 8   HIS A ND1 1 
ATOM 75   C CD2 . HIS A 1 27  ? 7.972   -4.023  -8.964  1.00 17.69 ? 8   HIS A CD2 1 
ATOM 76   C CE1 . HIS A 1 27  ? 9.064   -4.906  -7.280  1.00 21.18 ? 8   HIS A CE1 1 
ATOM 77   N NE2 . HIS A 1 27  ? 8.806   -5.039  -8.570  1.00 19.96 ? 8   HIS A NE2 1 
ATOM 78   N N   . LYS A 1 28  ? 6.423   1.226   -7.757  1.00 13.37 ? 9   LYS A N   1 
ATOM 79   C CA  . LYS A 1 28  ? 5.635   2.468   -7.842  1.00 12.14 ? 9   LYS A CA  1 
ATOM 80   C C   . LYS A 1 28  ? 4.144   2.330   -7.596  1.00 11.53 ? 9   LYS A C   1 
ATOM 81   O O   . LYS A 1 28  ? 3.434   3.338   -7.496  1.00 11.20 ? 9   LYS A O   1 
ATOM 82   C CB  . LYS A 1 28  ? 5.856   3.188   -9.172  1.00 13.23 ? 9   LYS A CB  1 
ATOM 83   C CG  . LYS A 1 28  ? 7.203   3.864   -9.306  1.00 15.54 ? 9   LYS A CG  1 
ATOM 84   C CD  . LYS A 1 28  ? 7.476   4.254   -10.764 1.00 19.34 ? 9   LYS A CD  1 
ATOM 85   C CE  . LYS A 1 28  ? 8.626   5.241   -10.835 1.00 22.10 ? 9   LYS A CE  1 
ATOM 86   N NZ  . LYS A 1 28  ? 8.890   5.732   -12.241 1.00 23.93 ? 9   LYS A NZ  1 
ATOM 87   N N   . ILE A 1 29  ? 3.656   1.103   -7.475  1.00 9.33  ? 10  ILE A N   1 
ATOM 88   C CA  . ILE A 1 29  ? 2.243   0.876   -7.288  1.00 8.31  ? 10  ILE A CA  1 
ATOM 89   C C   . ILE A 1 29  ? 2.013   -0.321  -6.370  1.00 6.92  ? 10  ILE A C   1 
ATOM 90   O O   . ILE A 1 29  ? 2.658   -1.370  -6.502  1.00 5.94  ? 10  ILE A O   1 
ATOM 91   C CB  . ILE A 1 29  ? 1.480   0.716   -8.643  1.00 8.26  ? 10  ILE A CB  1 
ATOM 92   C CG1 . ILE A 1 29  ? -0.027  0.521   -8.396  1.00 8.63  ? 10  ILE A CG1 1 
ATOM 93   C CG2 . ILE A 1 29  ? 2.073   -0.442  -9.526  1.00 9.35  ? 10  ILE A CG2 1 
ATOM 94   C CD1 . ILE A 1 29  ? -0.881  0.580   -9.655  1.00 9.74  ? 10  ILE A CD1 1 
ATOM 95   N N   . VAL A 1 30  ? 1.092   -0.142  -5.439  1.00 5.40  ? 11  VAL A N   1 
ATOM 96   C CA  . VAL A 1 30  ? 0.696   -1.182  -4.519  1.00 4.70  ? 11  VAL A CA  1 
ATOM 97   C C   . VAL A 1 30  ? -0.790  -1.306  -4.713  1.00 4.28  ? 11  VAL A C   1 
ATOM 98   O O   . VAL A 1 30  ? -1.504  -0.316  -4.655  1.00 3.67  ? 11  VAL A O   1 
ATOM 99   C CB  . VAL A 1 30  ? 0.934   -0.789  -3.028  1.00 5.70  ? 11  VAL A CB  1 
ATOM 100  C CG1 . VAL A 1 30  ? 0.723   -2.003  -2.110  1.00 5.20  ? 11  VAL A CG1 1 
ATOM 101  C CG2 . VAL A 1 30  ? 2.314   -0.220  -2.828  1.00 7.81  ? 11  VAL A CG2 1 
ATOM 102  N N   . ALA A 1 31  ? -1.244  -2.520  -4.952  1.00 3.82  ? 12  ALA A N   1 
ATOM 103  C CA  . ALA A 1 31  ? -2.661  -2.801  -5.008  1.00 4.62  ? 12  ALA A CA  1 
ATOM 104  C C   . ALA A 1 31  ? -3.195  -2.951  -3.608  1.00 5.09  ? 12  ALA A C   1 
ATOM 105  O O   . ALA A 1 31  ? -2.741  -3.810  -2.833  1.00 6.16  ? 12  ALA A O   1 
ATOM 106  C CB  . ALA A 1 31  ? -2.922  -4.066  -5.800  1.00 4.33  ? 12  ALA A CB  1 
ATOM 107  N N   . VAL A 1 32  ? -4.189  -2.147  -3.294  1.00 4.92  ? 13  VAL A N   1 
ATOM 108  C CA  . VAL A 1 32  ? -4.849  -2.194  -1.995  1.00 5.51  ? 13  VAL A CA  1 
ATOM 109  C C   . VAL A 1 32  ? -6.111  -3.015  -2.213  1.00 5.98  ? 13  VAL A C   1 
ATOM 110  O O   . VAL A 1 32  ? -7.070  -2.554  -2.847  1.00 5.49  ? 13  VAL A O   1 
ATOM 111  C CB  . VAL A 1 32  ? -5.174  -0.783  -1.537  1.00 5.88  ? 13  VAL A CB  1 
ATOM 112  C CG1 . VAL A 1 32  ? -5.971  -0.763  -0.212  1.00 5.70  ? 13  VAL A CG1 1 
ATOM 113  C CG2 . VAL A 1 32  ? -3.887  0.071   -1.431  1.00 6.65  ? 13  VAL A CG2 1 
ATOM 114  N N   . LEU A 1 33  ? -6.097  -4.241  -1.694  1.00 5.38  ? 14  LEU A N   1 
ATOM 115  C CA  . LEU A 1 33  ? -7.059  -5.250  -2.091  1.00 5.18  ? 14  LEU A CA  1 
ATOM 116  C C   . LEU A 1 33  ? -8.114  -5.399  -1.026  1.00 5.32  ? 14  LEU A C   1 
ATOM 117  O O   . LEU A 1 33  ? -7.857  -6.000  0.008   1.00 4.18  ? 14  LEU A O   1 
ATOM 118  C CB  . LEU A 1 33  ? -6.354  -6.594  -2.316  1.00 5.64  ? 14  LEU A CB  1 
ATOM 119  C CG  . LEU A 1 33  ? -6.854  -7.448  -3.473  1.00 6.61  ? 14  LEU A CG  1 
ATOM 120  C CD1 . LEU A 1 33  ? -5.866  -8.529  -3.769  1.00 6.28  ? 14  LEU A CD1 1 
ATOM 121  C CD2 . LEU A 1 33  ? -8.208  -8.075  -3.127  1.00 8.97  ? 14  LEU A CD2 1 
ATOM 122  N N   . ARG A 1 34  ? -9.293  -4.821  -1.272  1.00 4.35  ? 15  ARG A N   1 
ATOM 123  C CA  . ARG A 1 34  ? -10.484 -5.120  -0.487  1.00 4.36  ? 15  ARG A CA  1 
ATOM 124  C C   . ARG A 1 34  ? -11.370 -6.045  -1.319  1.00 4.78  ? 15  ARG A C   1 
ATOM 125  O O   . ARG A 1 34  ? -11.359 -5.962  -2.553  1.00 5.54  ? 15  ARG A O   1 
ATOM 126  C CB  . ARG A 1 34  ? -11.222 -3.825  -0.101  1.00 3.38  ? 15  ARG A CB  1 
ATOM 127  C CG  . ARG A 1 34  ? -10.365 -2.873  0.744   1.00 4.34  ? 15  ARG A CG  1 
ATOM 128  C CD  . ARG A 1 34  ? -11.148 -1.658  1.243   1.00 2.83  ? 15  ARG A CD  1 
ATOM 129  N NE  . ARG A 1 34  ? -10.198 -0.590  1.608   1.00 2.81  ? 15  ARG A NE  1 
ATOM 130  C CZ  . ARG A 1 34  ? -9.437  -0.616  2.690   1.00 4.97  ? 15  ARG A CZ  1 
ATOM 131  N NH1 . ARG A 1 34  ? -9.560  -1.643  3.561   1.00 3.93  ? 15  ARG A NH1 1 
ATOM 132  N NH2 . ARG A 1 34  ? -8.563  0.366   2.896   1.00 2.09  ? 15  ARG A NH2 1 
ATOM 133  N N   . ALA A 1 35  ? -12.068 -6.960  -0.638  1.00 5.59  ? 16  ALA A N   1 
ATOM 134  C CA  . ALA A 1 35  ? -12.861 -8.034  -1.248  1.00 5.77  ? 16  ALA A CA  1 
ATOM 135  C C   . ALA A 1 35  ? -13.788 -8.608  -0.190  1.00 6.38  ? 16  ALA A C   1 
ATOM 136  O O   . ALA A 1 35  ? -13.546 -8.427  0.996   1.00 6.56  ? 16  ALA A O   1 
ATOM 137  C CB  . ALA A 1 35  ? -11.950 -9.150  -1.794  1.00 5.33  ? 16  ALA A CB  1 
ATOM 138  N N   . ASN A 1 36  ? -14.841 -9.294  -0.627  1.00 6.19  ? 17  ASN A N   1 
ATOM 139  C CA  . ASN A 1 36  ? -15.834 -9.873  0.279   1.00 7.62  ? 17  ASN A CA  1 
ATOM 140  C C   . ASN A 1 36  ? -15.545 -11.311 0.694   1.00 7.25  ? 17  ASN A C   1 
ATOM 141  O O   . ASN A 1 36  ? -16.271 -11.871 1.515   1.00 8.02  ? 17  ASN A O   1 
ATOM 142  C CB  . ASN A 1 36  ? -17.216 -9.865  -0.390  1.00 8.18  ? 17  ASN A CB  1 
ATOM 143  C CG  . ASN A 1 36  ? -17.651 -8.472  -0.809  1.00 10.91 ? 17  ASN A CG  1 
ATOM 144  O OD1 . ASN A 1 36  ? -17.536 -7.533  -0.052  1.00 13.61 ? 17  ASN A OD1 1 
ATOM 145  N ND2 . ASN A 1 36  ? -18.160 -8.349  -2.037  1.00 14.92 ? 17  ASN A ND2 1 
ATOM 146  N N   . SER A 1 37  ? -14.528 -11.935 0.114   1.00 6.54  ? 18  SER A N   1 
ATOM 147  C CA  . SER A 1 37  ? -14.259 -13.354 0.423   1.00 6.56  ? 18  SER A CA  1 
ATOM 148  C C   . SER A 1 37  ? -12.789 -13.660 0.212   1.00 6.24  ? 18  SER A C   1 
ATOM 149  O O   . SER A 1 37  ? -12.113 -12.927 -0.478  1.00 7.17  ? 18  SER A O   1 
ATOM 150  C CB  . SER A 1 37  ? -15.101 -14.284 -0.480  1.00 7.55  ? 18  SER A CB  1 
ATOM 151  O OG  . SER A 1 37  ? -14.691 -14.169 -1.830  1.00 9.52  ? 18  SER A OG  1 
ATOM 152  N N   . VAL A 1 38  ? -12.316 -14.771 0.778   1.00 6.39  ? 19  VAL A N   1 
ATOM 153  C CA  . VAL A 1 38  ? -10.967 -15.289 0.547   1.00 5.70  ? 19  VAL A CA  1 
ATOM 154  C C   . VAL A 1 38  ? -10.732 -15.545 -0.939  1.00 5.75  ? 19  VAL A C   1 
ATOM 155  O O   . VAL A 1 38  ? -9.715  -15.176 -1.520  1.00 5.24  ? 19  VAL A O   1 
ATOM 156  C CB  . VAL A 1 38  ? -10.765 -16.605 1.352   1.00 5.51  ? 19  VAL A CB  1 
ATOM 157  C CG1 . VAL A 1 38  ? -9.478  -17.351 0.948   1.00 6.34  ? 19  VAL A CG1 1 
ATOM 158  C CG2 . VAL A 1 38  ? -10.844 -16.343 2.873   1.00 6.69  ? 19  VAL A CG2 1 
ATOM 159  N N   . GLU A 1 39  ? -11.706 -16.193 -1.559  1.00 0.00  ? 20  GLU A N   1 
ATOM 160  C CA  . GLU A 1 39  ? -11.603 -16.570 -2.942  1.00 0.00  ? 20  GLU A CA  1 
ATOM 161  C C   . GLU A 1 39  ? -11.520 -15.363 -3.857  1.00 0.00  ? 20  GLU A C   1 
ATOM 162  O O   . GLU A 1 39  ? -10.717 -15.336 -4.778  1.00 0.00  ? 20  GLU A O   1 
ATOM 163  C CB  . GLU A 1 39  ? -12.801 -17.439 -3.334  1.00 0.00  ? 20  GLU A CB  1 
ATOM 164  C CG  . GLU A 1 39  ? -12.783 -17.912 -4.784  1.00 0.00  ? 20  GLU A CG  1 
ATOM 165  C CD  . GLU A 1 39  ? -13.954 -18.793 -5.123  1.00 0.00  ? 20  GLU A CD  1 
ATOM 166  O OE1 . GLU A 1 39  ? -14.703 -19.120 -4.235  1.00 0.00  ? 20  GLU A OE1 1 
ATOM 167  O OE2 . GLU A 1 39  ? -14.098 -19.140 -6.271  1.00 0.00  ? 20  GLU A OE2 1 
ATOM 168  N N   . GLU A 1 40  ? -12.332 -14.350 -3.599  1.00 6.60  ? 21  GLU A N   1 
ATOM 169  C CA  . GLU A 1 40  ? -12.324 -13.134 -4.425  1.00 6.61  ? 21  GLU A CA  1 
ATOM 170  C C   . GLU A 1 40  ? -10.992 -12.422 -4.266  1.00 6.31  ? 21  GLU A C   1 
ATOM 171  O O   . GLU A 1 40  ? -10.415 -11.921 -5.242  1.00 6.65  ? 21  GLU A O   1 
ATOM 172  C CB  . GLU A 1 40  ? -13.487 -12.218 -4.018  1.00 6.46  ? 21  GLU A CB  1 
ATOM 173  C CG  . GLU A 1 40  ? -13.616 -10.887 -4.813  1.00 9.77  ? 21  GLU A CG  1 
ATOM 174  C CD  . GLU A 1 40  ? -14.344 -9.761  -4.041  1.00 12.08 ? 21  GLU A CD  1 
ATOM 175  O OE1 . GLU A 1 40  ? -14.423 -8.624  -4.548  1.00 17.82 ? 21  GLU A OE1 1 
ATOM 176  O OE2 . GLU A 1 40  ? -14.815 -9.969  -2.906  1.00 19.67 ? 21  GLU A OE2 1 
ATOM 177  N N   . ALA A 1 41  ? -10.526 -12.331 -3.015  1.00 5.61  ? 22  ALA A N   1 
ATOM 178  C CA  . ALA A 1 41  ? -9.249  -11.663 -2.711  1.00 5.08  ? 22  ALA A CA  1 
ATOM 179  C C   . ALA A 1 41  ? -8.083  -12.358 -3.422  1.00 5.00  ? 22  ALA A C   1 
ATOM 180  O O   . ALA A 1 41  ? -7.289  -11.705 -4.100  1.00 4.69  ? 22  ALA A O   1 
ATOM 181  C CB  . ALA A 1 41  ? -9.031  -11.605 -1.207  1.00 4.21  ? 22  ALA A CB  1 
ATOM 182  N N   . LYS A 1 42  ? -8.023  -13.690 -3.331  1.00 0.00  ? 23  LYS A N   1 
ATOM 183  C CA  . LYS A 1 42  ? -6.958  -14.403 -4.032  1.00 0.00  ? 23  LYS A CA  1 
ATOM 184  C C   . LYS A 1 42  ? -6.992  -14.220 -5.558  1.00 0.00  ? 23  LYS A C   1 
ATOM 185  O O   . LYS A 1 42  ? -5.951  -14.029 -6.200  1.00 0.00  ? 23  LYS A O   1 
ATOM 186  C CB  . LYS A 1 42  ? -7.026  -15.892 -3.694  1.00 0.00  ? 23  LYS A CB  1 
ATOM 187  C CG  . LYS A 1 42  ? -5.916  -16.732 -4.311  1.00 0.00  ? 23  LYS A CG  1 
ATOM 188  C CD  . LYS A 1 42  ? -5.983  -18.174 -3.836  1.00 0.00  ? 23  LYS A CD  1 
ATOM 189  C CE  . LYS A 1 42  ? -4.833  -18.999 -4.398  1.00 0.00  ? 23  LYS A CE  1 
ATOM 190  N NZ  . LYS A 1 42  ? -4.864  -20.403 -3.909  1.00 0.00  ? 23  LYS A NZ  1 
ATOM 191  N N   . LYS A 1 43  ? -8.188  -14.321 -6.143  1.00 0.00  ? 24  LYS A N   1 
ATOM 192  C CA  . LYS A 1 43  ? -8.344  -14.150 -7.584  1.00 0.00  ? 24  LYS A CA  1 
ATOM 193  C C   . LYS A 1 43  ? -7.931  -12.750 -8.036  1.00 0.00  ? 24  LYS A C   1 
ATOM 194  O O   . LYS A 1 43  ? -7.277  -12.618 -9.062  1.00 0.00  ? 24  LYS A O   1 
ATOM 195  C CB  . LYS A 1 43  ? -9.791  -14.426 -8.000  1.00 0.00  ? 24  LYS A CB  1 
ATOM 196  C CG  . LYS A 1 43  ? -10.185 -15.896 -7.960  1.00 0.00  ? 24  LYS A CG  1 
ATOM 197  C CD  . LYS A 1 43  ? -11.639 -16.088 -8.363  1.00 0.00  ? 24  LYS A CD  1 
ATOM 198  C CE  . LYS A 1 43  ? -12.012 -17.563 -8.408  1.00 0.00  ? 24  LYS A CE  1 
ATOM 199  N NZ  . LYS A 1 43  ? -13.456 -17.764 -8.709  1.00 0.00  ? 24  LYS A NZ  1 
ATOM 200  N N   . LYS A 1 44  ? -8.299  -11.723 -7.256  1.00 0.00  ? 25  LYS A N   1 
ATOM 201  C CA  . LYS A 1 44  ? -7.903  -10.357 -7.587  1.00 0.00  ? 25  LYS A CA  1 
ATOM 202  C C   . LYS A 1 44  ? -6.389  -10.149 -7.409  1.00 0.00  ? 25  LYS A C   1 
ATOM 203  O O   . LYS A 1 44  ? -5.787  -9.409  -8.154  1.00 0.00  ? 25  LYS A O   1 
ATOM 204  C CB  . LYS A 1 44  ? -8.678  -9.361  -6.721  1.00 0.00  ? 25  LYS A CB  1 
ATOM 205  C CG  . LYS A 1 44  ? -10.151 -9.228  -7.083  1.00 0.00  ? 25  LYS A CG  1 
ATOM 206  C CD  . LYS A 1 44  ? -10.883 -8.330  -6.099  1.00 0.00  ? 25  LYS A CD  1 
ATOM 207  C CE  . LYS A 1 44  ? -12.263 -7.948  -6.617  1.00 0.00  ? 25  LYS A CE  1 
ATOM 208  N NZ  . LYS A 1 44  ? -12.949 -6.990  -5.711  1.00 0.00  ? 25  LYS A NZ  1 
ATOM 209  N N   . ALA A 1 45  ? -5.777  -10.801 -6.418  1.00 9.11  ? 26  ALA A N   1 
ATOM 210  C CA  . ALA A 1 45  ? -4.326  -10.664 -6.205  1.00 8.65  ? 26  ALA A CA  1 
ATOM 211  C C   . ALA A 1 45  ? -3.559  -11.289 -7.360  1.00 7.74  ? 26  ALA A C   1 
ATOM 212  O O   . ALA A 1 45  ? -2.561  -10.740 -7.804  1.00 6.79  ? 26  ALA A O   1 
ATOM 213  C CB  . ALA A 1 45  ? -3.907  -11.279 -4.887  1.00 9.13  ? 26  ALA A CB  1 
ATOM 214  N N   . LEU A 1 46  ? -4.050  -12.431 -7.841  1.00 0.00  ? 27  LEU A N   1 
ATOM 215  C CA  . LEU A 1 46  ? -3.499  -13.077 -9.035  1.00 0.00  ? 27  LEU A CA  1 
ATOM 216  C C   . LEU A 1 46  ? -3.719  -12.195 -10.280 1.00 0.00  ? 27  LEU A C   1 
ATOM 217  O O   . LEU A 1 46  ? -2.782  -11.922 -11.036 1.00 0.00  ? 27  LEU A O   1 
ATOM 218  C CB  . LEU A 1 46  ? -4.146  -14.449 -9.247  1.00 0.00  ? 27  LEU A CB  1 
ATOM 219  C CG  . LEU A 1 46  ? -3.736  -15.540 -8.250  1.00 0.00  ? 27  LEU A CG  1 
ATOM 220  C CD1 . LEU A 1 46  ? -4.703  -16.713 -8.351  1.00 0.00  ? 27  LEU A CD1 1 
ATOM 221  C CD2 . LEU A 1 46  ? -2.307  -15.980 -8.538  1.00 0.00  ? 27  LEU A CD2 1 
ATOM 222  N N   . ALA A 1 47  ? -4.940  -11.682 -10.446 1.00 9.46  ? 28  ALA A N   1 
ATOM 223  C CA  . ALA A 1 47  ? -5.239  -10.784 -11.574 1.00 9.03  ? 28  ALA A CA  1 
ATOM 224  C C   . ALA A 1 47  ? -4.235  -9.649  -11.652 1.00 8.75  ? 28  ALA A C   1 
ATOM 225  O O   . ALA A 1 47  ? -3.583  -9.458  -12.669 1.00 9.59  ? 28  ALA A O   1 
ATOM 226  C CB  . ALA A 1 47  ? -6.644  -10.236 -11.462 1.00 9.00  ? 28  ALA A CB  1 
ATOM 227  N N   . VAL A 1 48  ? -4.116  -8.911  -10.552 1.00 8.27  ? 29  VAL A N   1 
ATOM 228  C CA  . VAL A 1 48  ? -3.204  -7.790  -10.411 1.00 8.21  ? 29  VAL A CA  1 
ATOM 229  C C   . VAL A 1 48  ? -1.736  -8.166  -10.709 1.00 8.07  ? 29  VAL A C   1 
ATOM 230  O O   . VAL A 1 48  ? -1.039  -7.427  -11.418 1.00 8.38  ? 29  VAL A O   1 
ATOM 231  C CB  . VAL A 1 48  ? -3.418  -7.176  -8.980  1.00 8.55  ? 29  VAL A CB  1 
ATOM 232  C CG1 . VAL A 1 48  ? -2.142  -6.836  -8.290  1.00 11.60 ? 29  VAL A CG1 1 
ATOM 233  C CG2 . VAL A 1 48  ? -4.434  -6.062  -9.030  1.00 4.42  ? 29  VAL A CG2 1 
ATOM 234  N N   . PHE A 1 49  ? -1.272  -9.287  -10.147 1.00 0.00  ? 30  PHE A N   1 
ATOM 235  C CA  . PHE A 1 49  ? 0.090   -9.762  -10.373 1.00 0.00  ? 30  PHE A CA  1 
ATOM 236  C C   . PHE A 1 49  ? 0.299   -10.108 -11.852 1.00 0.00  ? 30  PHE A C   1 
ATOM 237  O O   . PHE A 1 49  ? 1.298   -9.689  -12.457 1.00 0.00  ? 30  PHE A O   1 
ATOM 238  C CB  . PHE A 1 49  ? 0.387   -10.987 -9.506  1.00 0.00  ? 30  PHE A CB  1 
ATOM 239  C CG  . PHE A 1 49  ? 1.785   -11.515 -9.655  1.00 0.00  ? 30  PHE A CG  1 
ATOM 240  C CD1 . PHE A 1 49  ? 2.866   -10.811 -9.146  1.00 0.00  ? 30  PHE A CD1 1 
ATOM 241  C CD2 . PHE A 1 49  ? 2.025   -12.716 -10.306 1.00 0.00  ? 30  PHE A CD2 1 
ATOM 242  C CE1 . PHE A 1 49  ? 4.151   -11.295 -9.283  1.00 0.00  ? 30  PHE A CE1 1 
ATOM 243  C CE2 . PHE A 1 49  ? 3.309   -13.203 -10.444 1.00 0.00  ? 30  PHE A CE2 1 
ATOM 244  C CZ  . PHE A 1 49  ? 4.373   -12.491 -9.932  1.00 0.00  ? 30  PHE A CZ  1 
ATOM 245  N N   . LEU A 1 50  ? -0.665  -10.828 -12.421 1.00 0.00  ? 31  LEU A N   1 
ATOM 246  C CA  . LEU A 1 50  ? -0.619  -11.209 -13.835 1.00 0.00  ? 31  LEU A CA  1 
ATOM 247  C C   . LEU A 1 50  ? -0.576  -9.983  -14.726 1.00 0.00  ? 31  LEU A C   1 
ATOM 248  O O   . LEU A 1 50  ? 0.012   -10.018 -15.804 1.00 0.00  ? 31  LEU A O   1 
ATOM 249  C CB  . LEU A 1 50  ? -1.836  -12.067 -14.197 1.00 0.00  ? 31  LEU A CB  1 
ATOM 250  C CG  . LEU A 1 50  ? -1.838  -13.496 -13.633 1.00 0.00  ? 31  LEU A CG  1 
ATOM 251  C CD1 . LEU A 1 50  ? -3.147  -14.183 -13.993 1.00 0.00  ? 31  LEU A CD1 1 
ATOM 252  C CD2 . LEU A 1 50  ? -0.646  -14.261 -14.188 1.00 0.00  ? 31  LEU A CD2 1 
ATOM 253  N N   . GLY A 1 51  ? -1.163  -8.881  -14.252 1.00 0.00  ? 32  GLY A N   1 
ATOM 254  C CA  . GLY A 1 51  ? -1.129  -7.604  -14.969 1.00 0.00  ? 32  GLY A CA  1 
ATOM 255  C C   . GLY A 1 51  ? 0.067   -6.712  -14.672 1.00 0.00  ? 32  GLY A C   1 
ATOM 256  O O   . GLY A 1 51  ? 0.132   -5.566  -15.155 1.00 0.00  ? 32  GLY A O   1 
ATOM 257  N N   . GLY A 1 52  ? 0.990   -7.194  -13.844 1.00 0.00  ? 33  GLY A N   1 
ATOM 258  C CA  . GLY A 1 52  ? 2.275   -6.503  -13.645 1.00 0.00  ? 33  GLY A CA  1 
ATOM 259  C C   . GLY A 1 52  ? 2.452   -5.771  -12.327 1.00 0.00  ? 33  GLY A C   1 
ATOM 260  O O   . GLY A 1 52  ? 3.439   -5.063  -12.134 1.00 0.00  ? 33  GLY A O   1 
ATOM 261  N N   . VAL A 1 53  ? 1.501   -5.934  -11.416 1.00 10.65 ? 34  VAL A N   1 
ATOM 262  C CA  . VAL A 1 53  ? 1.608   -5.285  -10.106 1.00 10.92 ? 34  VAL A CA  1 
ATOM 263  C C   . VAL A 1 53  ? 2.213   -6.272  -9.117  1.00 10.52 ? 34  VAL A C   1 
ATOM 264  O O   . VAL A 1 53  ? 1.593   -7.279  -8.801  1.00 10.83 ? 34  VAL A O   1 
ATOM 265  C CB  . VAL A 1 53  ? 0.239   -4.746  -9.584  1.00 10.71 ? 34  VAL A CB  1 
ATOM 266  C CG1 . VAL A 1 53  ? 0.408   -4.132  -8.195  1.00 8.93  ? 34  VAL A CG1 1 
ATOM 267  C CG2 . VAL A 1 53  ? -0.320  -3.684  -10.538 1.00 12.96 ? 34  VAL A CG2 1 
ATOM 268  N N   . HIS A 1 54  ? 3.418   -5.965  -8.633  1.00 10.08 ? 35  HIS A N   1 
ATOM 269  C CA  . HIS A 1 54  ? 4.157   -6.869  -7.749  1.00 10.41 ? 35  HIS A CA  1 
ATOM 270  C C   . HIS A 1 54  ? 3.898   -6.633  -6.249  1.00 9.08  ? 35  HIS A C   1 
ATOM 271  O O   . HIS A 1 54  ? 4.058   -7.560  -5.434  1.00 10.31 ? 35  HIS A O   1 
ATOM 272  C CB  . HIS A 1 54  ? 5.659   -6.778  -8.051  1.00 11.11 ? 35  HIS A CB  1 
ATOM 273  C CG  . HIS A 1 54  ? 6.072   -7.492  -9.295  1.00 14.37 ? 35  HIS A CG  1 
ATOM 274  N ND1 . HIS A 1 54  ? 6.828   -8.653  -9.279  1.00 15.91 ? 35  HIS A ND1 1 
ATOM 275  C CD2 . HIS A 1 54  ? 5.843   -7.211  -10.603 1.00 18.25 ? 35  HIS A CD2 1 
ATOM 276  C CE1 . HIS A 1 54  ? 7.039   -9.059  -10.520 1.00 18.38 ? 35  HIS A CE1 1 
ATOM 277  N NE2 . HIS A 1 54  ? 6.458   -8.199  -11.344 1.00 18.89 ? 35  HIS A NE2 1 
ATOM 278  N N   . LEU A 1 55  ? 3.477   -5.427  -5.882  1.00 8.11  ? 36  LEU A N   1 
ATOM 279  C CA  . LEU A 1 55  ? 3.246   -5.110  -4.475  1.00 6.57  ? 36  LEU A CA  1 
ATOM 280  C C   . LEU A 1 55  ? 1.775   -5.269  -4.171  1.00 6.06  ? 36  LEU A C   1 
ATOM 281  O O   . LEU A 1 55  ? 0.937   -4.541  -4.693  1.00 5.83  ? 36  LEU A O   1 
ATOM 282  C CB  . LEU A 1 55  ? 3.731   -3.697  -4.095  1.00 6.48  ? 36  LEU A CB  1 
ATOM 283  C CG  . LEU A 1 55  ? 5.189   -3.372  -4.444  1.00 9.55  ? 36  LEU A CG  1 
ATOM 284  C CD1 . LEU A 1 55  ? 5.458   -1.918  -4.324  1.00 8.94  ? 36  LEU A CD1 1 
ATOM 285  C CD2 . LEU A 1 55  ? 6.167   -4.161  -3.595  1.00 12.60 ? 36  LEU A CD2 1 
ATOM 286  N N   . ILE A 1 56  ? 1.456   -6.217  -3.311  1.00 5.10  ? 37  ILE A N   1 
ATOM 287  C CA  . ILE A 1 56  ? 0.060   -6.532  -3.090  1.00 5.22  ? 37  ILE A CA  1 
ATOM 288  C C   . ILE A 1 56  ? -0.233  -6.447  -1.616  1.00 4.28  ? 37  ILE A C   1 
ATOM 289  O O   . ILE A 1 56  ? 0.341   -7.201  -0.819  1.00 4.60  ? 37  ILE A O   1 
ATOM 290  C CB  . ILE A 1 56  ? -0.297  -7.917  -3.670  1.00 4.45  ? 37  ILE A CB  1 
ATOM 291  C CG1 . ILE A 1 56  ? 0.000   -7.988  -5.173  1.00 4.86  ? 37  ILE A CG1 1 
ATOM 292  C CG2 . ILE A 1 56  ? -1.756  -8.316  -3.365  1.00 6.37  ? 37  ILE A CG2 1 
ATOM 293  C CD1 . ILE A 1 56  ? -0.002  -9.430  -5.733  1.00 6.31  ? 37  ILE A CD1 1 
ATOM 294  N N   . GLU A 1 57  ? -1.181  -5.587  -1.271  1.00 2.99  ? 38  GLU A N   1 
ATOM 295  C CA  . GLU A 1 57  ? -1.550  -5.333  0.088   1.00 4.12  ? 38  GLU A CA  1 
ATOM 296  C C   . GLU A 1 57  ? -2.911  -5.976  0.377   1.00 3.74  ? 38  GLU A C   1 
ATOM 297  O O   . GLU A 1 57  ? -3.935  -5.481  -0.078  1.00 4.54  ? 38  GLU A O   1 
ATOM 298  C CB  . GLU A 1 57  ? -1.620  -3.818  0.299   1.00 3.80  ? 38  GLU A CB  1 
ATOM 299  C CG  . GLU A 1 57  ? -1.966  -3.337  1.693   1.00 5.71  ? 38  GLU A CG  1 
ATOM 300  C CD  . GLU A 1 57  ? -2.118  -1.816  1.737   1.00 6.70  ? 38  GLU A CD  1 
ATOM 301  O OE1 . GLU A 1 57  ? -3.100  -1.290  2.354   1.00 7.62  ? 38  GLU A OE1 1 
ATOM 302  O OE2 . GLU A 1 57  ? -1.245  -1.138  1.149   1.00 10.68 ? 38  GLU A OE2 1 
ATOM 303  N N   . ILE A 1 58  ? -2.934  -7.029  1.179   1.00 2.75  ? 39  ILE A N   1 
ATOM 304  C CA  . ILE A 1 58  ? -4.201  -7.671  1.558   1.00 2.92  ? 39  ILE A CA  1 
ATOM 305  C C   . ILE A 1 58  ? -4.742  -6.964  2.772   1.00 3.24  ? 39  ILE A C   1 
ATOM 306  O O   . ILE A 1 58  ? -4.192  -7.087  3.858   1.00 3.80  ? 39  ILE A O   1 
ATOM 307  C CB  . ILE A 1 58  ? -4.026  -9.205  1.869   1.00 3.26  ? 39  ILE A CB  1 
ATOM 308  C CG1 . ILE A 1 58  ? -3.252  -9.939  0.759   1.00 3.69  ? 39  ILE A CG1 1 
ATOM 309  C CG2 . ILE A 1 58  ? -5.369  -9.883  2.091   1.00 3.07  ? 39  ILE A CG2 1 
ATOM 310  C CD1 . ILE A 1 58  ? -3.857  -9.842  -0.635  1.00 3.70  ? 39  ILE A CD1 1 
ATOM 311  N N   . THR A 1 59  ? -5.836  -6.211  2.626   1.00 3.35  ? 40  THR A N   1 
ATOM 312  C CA  . THR A 1 59  ? -6.369  -5.480  3.753   1.00 2.88  ? 40  THR A CA  1 
ATOM 313  C C   . THR A 1 59  ? -7.093  -6.416  4.729   1.00 3.61  ? 40  THR A C   1 
ATOM 314  O O   . THR A 1 59  ? -7.640  -7.450  4.345   1.00 2.35  ? 40  THR A O   1 
ATOM 315  C CB  . THR A 1 59  ? -7.343  -4.366  3.312   1.00 3.05  ? 40  THR A CB  1 
ATOM 316  O OG1 . THR A 1 59  ? -8.484  -4.984  2.669   1.00 3.34  ? 40  THR A OG1 1 
ATOM 317  C CG2 . THR A 1 59  ? -6.623  -3.399  2.355   1.00 2.00  ? 40  THR A CG2 1 
ATOM 318  N N   . PHE A 1 60  ? -7.110  -6.010  5.991   1.00 4.28  ? 41  PHE A N   1 
ATOM 319  C CA  . PHE A 1 60  ? -7.745  -6.815  7.010   1.00 6.04  ? 41  PHE A CA  1 
ATOM 320  C C   . PHE A 1 60  ? -9.277  -6.706  7.048   1.00 6.89  ? 41  PHE A C   1 
ATOM 321  O O   . PHE A 1 60  ? -9.944  -7.350  7.872   1.00 8.41  ? 41  PHE A O   1 
ATOM 322  C CB  . PHE A 1 60  ? -7.103  -6.584  8.374   1.00 6.52  ? 41  PHE A CB  1 
ATOM 323  C CG  . PHE A 1 60  ? -6.129  -7.666  8.730   1.00 7.35  ? 41  PHE A CG  1 
ATOM 324  C CD1 . PHE A 1 60  ? -4.899  -7.717  8.121   1.00 8.70  ? 41  PHE A CD1 1 
ATOM 325  C CD2 . PHE A 1 60  ? -6.480  -8.677  9.630   1.00 8.47  ? 41  PHE A CD2 1 
ATOM 326  C CE1 . PHE A 1 60  ? -4.003  -8.762  8.401   1.00 12.53 ? 41  PHE A CE1 1 
ATOM 327  C CE2 . PHE A 1 60  ? -5.594  -9.706  9.926   1.00 7.46  ? 41  PHE A CE2 1 
ATOM 328  C CZ  . PHE A 1 60  ? -4.361  -9.746  9.319   1.00 8.51  ? 41  PHE A CZ  1 
ATOM 329  N N   . THR A 1 61  ? -9.831  -5.930  6.123   1.00 6.26  ? 42  THR A N   1 
ATOM 330  C CA  . THR A 1 61  ? -11.276 -5.975  5.869   1.00 6.56  ? 42  THR A CA  1 
ATOM 331  C C   . THR A 1 61  ? -11.658 -7.177  5.000   1.00 6.34  ? 42  THR A C   1 
ATOM 332  O O   . THR A 1 61  ? -12.841 -7.537  4.929   1.00 6.76  ? 42  THR A O   1 
ATOM 333  C CB  . THR A 1 61  ? -11.825 -4.641  5.283   1.00 5.94  ? 42  THR A CB  1 
ATOM 334  O OG1 . THR A 1 61  ? -11.115 -4.337  4.077   1.00 6.44  ? 42  THR A OG1 1 
ATOM 335  C CG2 . THR A 1 61  ? -11.668 -3.513  6.270   1.00 8.33  ? 42  THR A CG2 1 
ATOM 336  N N   . VAL A 1 62  ? -10.671 -7.830  4.371   1.00 6.81  ? 43  VAL A N   1 
ATOM 337  C CA  . VAL A 1 62  ? -10.891 -9.107  3.703   1.00 6.78  ? 43  VAL A CA  1 
ATOM 338  C C   . VAL A 1 62  ? -11.144 -10.163 4.792   1.00 7.87  ? 43  VAL A C   1 
ATOM 339  O O   . VAL A 1 62  ? -10.412 -10.224 5.770   1.00 6.76  ? 43  VAL A O   1 
ATOM 340  C CB  . VAL A 1 62  ? -9.714  -9.533  2.770   1.00 6.61  ? 43  VAL A CB  1 
ATOM 341  C CG1 . VAL A 1 62  ? -10.050 -10.830 2.027   1.00 6.80  ? 43  VAL A CG1 1 
ATOM 342  C CG2 . VAL A 1 62  ? -9.432  -8.449  1.740   1.00 6.12  ? 43  VAL A CG2 1 
ATOM 343  N N   . PRO A 1 63  ? -12.233 -10.938 4.661   1.00 8.72  ? 44  PRO A N   1 
ATOM 344  C CA  . PRO A 1 63  ? -12.474 -12.038 5.620   1.00 9.68  ? 44  PRO A CA  1 
ATOM 345  C C   . PRO A 1 63  ? -11.269 -12.990 5.630   1.00 8.91  ? 44  PRO A C   1 
ATOM 346  O O   . PRO A 1 63  ? -10.811 -13.377 4.571   1.00 7.73  ? 44  PRO A O   1 
ATOM 347  C CB  . PRO A 1 63  ? -13.672 -12.796 5.004   1.00 9.88  ? 44  PRO A CB  1 
ATOM 348  C CG  . PRO A 1 63  ? -14.368 -11.788 4.135   1.00 11.03 ? 44  PRO A CG  1 
ATOM 349  C CD  . PRO A 1 63  ? -13.293 -10.837 3.633   1.00 9.44  ? 44  PRO A CD  1 
ATOM 350  N N   . ASP A 1 64  ? -10.786 -13.364 6.814   1.00 9.45  ? 45  ASP A N   1 
ATOM 351  C CA  . ASP A 1 64  ? -9.677  -14.330 6.913   1.00 9.68  ? 45  ASP A CA  1 
ATOM 352  C C   . ASP A 1 64  ? -8.483  -13.844 6.093   1.00 8.43  ? 45  ASP A C   1 
ATOM 353  O O   . ASP A 1 64  ? -7.885  -14.592 5.331   1.00 8.24  ? 45  ASP A O   1 
ATOM 354  C CB  . ASP A 1 64  ? -10.144 -15.721 6.484   1.00 10.52 ? 45  ASP A CB  1 
ATOM 355  C CG  . ASP A 1 64  ? -11.171 -16.303 7.451   1.00 15.02 ? 45  ASP A CG  1 
ATOM 356  O OD1 . ASP A 1 64  ? -10.886 -16.300 8.672   1.00 18.21 ? 45  ASP A OD1 1 
ATOM 357  O OD2 . ASP A 1 64  ? -12.271 -16.729 7.005   1.00 19.74 ? 45  ASP A OD2 1 
ATOM 358  N N   . ALA A 1 65  ? -8.158  -12.567 6.264   1.00 8.24  ? 46  ALA A N   1 
ATOM 359  C CA  . ALA A 1 65  ? -7.081  -11.914 5.476   1.00 8.09  ? 46  ALA A CA  1 
ATOM 360  C C   . ALA A 1 65  ? -5.731  -12.653 5.655   1.00 7.55  ? 46  ALA A C   1 
ATOM 361  O O   . ALA A 1 65  ? -4.958  -12.784 4.760   1.00 6.83  ? 46  ALA A O   1 
ATOM 362  C CB  . ALA A 1 65  ? -6.989  -10.464 5.855   1.00 7.32  ? 46  ALA A CB  1 
ATOM 363  N N   . ASP A 1 66  ? -5.558  -13.218 6.851   1.00 8.94  ? 47  ASP A N   1 
ATOM 364  C CA  . ASP A 1 66  ? -4.334  -14.011 7.132   1.00 9.81  ? 47  ASP A CA  1 
ATOM 365  C C   . ASP A 1 66  ? -4.315  -15.216 6.187   1.00 9.53  ? 47  ASP A C   1 
ATOM 366  O O   . ASP A 1 66  ? -3.275  -15.428 5.547   1.00 9.98  ? 47  ASP A O   1 
ATOM 367  C CB  . ASP A 1 66  ? -4.339  -14.493 8.580   1.00 12.14 ? 47  ASP A CB  1 
ATOM 368  C CG  . ASP A 1 66  ? -5.703  -14.338 9.229   1.00 13.95 ? 47  ASP A CG  1 
ATOM 369  O OD1 . ASP A 1 66  ? -6.579  -15.183 8.954   1.00 13.18 ? 47  ASP A OD1 1 
ATOM 370  O OD2 . ASP A 1 66  ? -5.882  -13.367 9.987   1.00 20.00 ? 47  ASP A OD2 1 
ATOM 371  N N   . THR A 1 67  ? -5.410  -15.980 6.128   1.00 8.18  ? 48  THR A N   1 
ATOM 372  C CA  . THR A 1 67  ? -5.381  -17.136 5.253   1.00 6.84  ? 48  THR A CA  1 
ATOM 373  C C   . THR A 1 67  ? -5.020  -16.736 3.844   1.00 5.76  ? 48  THR A C   1 
ATOM 374  O O   . THR A 1 67  ? -4.232  -17.414 3.205   1.00 6.52  ? 48  THR A O   1 
ATOM 375  C CB  . THR A 1 67  ? -6.746  -17.817 5.248   1.00 7.16  ? 48  THR A CB  1 
ATOM 376  O OG1 . THR A 1 67  ? -7.079  -18.140 6.598   1.00 8.65  ? 48  THR A OG1 1 
ATOM 377  C CG2 . THR A 1 67  ? -6.751  -19.080 4.389   1.00 7.48  ? 48  THR A CG2 1 
ATOM 378  N N   . VAL A 1 68  ? -5.593  -15.634 3.354   1.00 3.33  ? 49  VAL A N   1 
ATOM 379  C CA  . VAL A 1 68  ? -5.299  -15.155 2.007   1.00 2.77  ? 49  VAL A CA  1 
ATOM 380  C C   . VAL A 1 68  ? -3.785  -14.903 1.839   1.00 2.45  ? 49  VAL A C   1 
ATOM 381  O O   . VAL A 1 68  ? -3.195  -15.367 0.877   1.00 3.89  ? 49  VAL A O   1 
ATOM 382  C CB  . VAL A 1 68  ? -6.110  -13.846 1.688   1.00 3.30  ? 49  VAL A CB  1 
ATOM 383  C CG1 . VAL A 1 68  ? -5.661  -13.194 0.365   1.00 2.00  ? 49  VAL A CG1 1 
ATOM 384  C CG2 . VAL A 1 68  ? -7.622  -14.097 1.728   1.00 2.72  ? 49  VAL A CG2 1 
ATOM 385  N N   . ILE A 1 69  ? -3.171  -14.167 2.778   1.00 2.86  ? 50  ILE A N   1 
ATOM 386  C CA  . ILE A 1 69  ? -1.724  -13.918 2.749   1.00 3.92  ? 50  ILE A CA  1 
ATOM 387  C C   . ILE A 1 69  ? -0.936  -15.252 2.746   1.00 5.08  ? 50  ILE A C   1 
ATOM 388  O O   . ILE A 1 69  ? -0.024  -15.432 1.944   1.00 5.72  ? 50  ILE A O   1 
ATOM 389  C CB  . ILE A 1 69  ? -1.259  -13.030 3.935   1.00 3.98  ? 50  ILE A CB  1 
ATOM 390  C CG1 . ILE A 1 69  ? -1.771  -11.586 3.779   1.00 4.02  ? 50  ILE A CG1 1 
ATOM 391  C CG2 . ILE A 1 69  ? 0.259   -12.921 3.957   1.00 7.45  ? 50  ILE A CG2 1 
ATOM 392  C CD1 . ILE A 1 69  ? -1.838  -10.798 5.091   1.00 4.51  ? 50  ILE A CD1 1 
ATOM 393  N N   . LYS A 1 70  ? -1.323  -16.192 3.609   1.00 6.23  ? 51  LYS A N   1 
ATOM 394  C CA  . LYS A 1 70  ? -0.660  -17.501 3.651   1.00 9.15  ? 51  LYS A CA  1 
ATOM 395  C C   . LYS A 1 70  ? -0.816  -18.259 2.339   1.00 9.67  ? 51  LYS A C   1 
ATOM 396  O O   . LYS A 1 70  ? 0.146   -18.837 1.818   1.00 11.18 ? 51  LYS A O   1 
ATOM 397  C CB  . LYS A 1 70  ? -1.198  -18.324 4.830   1.00 8.55  ? 51  LYS A CB  1 
ATOM 398  C CG  . LYS A 1 70  ? -0.593  -19.738 4.993   1.00 11.71 ? 51  LYS A CG  1 
ATOM 399  C CD  . LYS A 1 70  ? -1.191  -20.400 6.250   1.00 11.77 ? 51  LYS A CD  1 
ATOM 400  C CE  . LYS A 1 70  ? -0.554  -21.766 6.543   1.00 14.67 ? 51  LYS A CE  1 
ATOM 401  N NZ  . LYS A 1 70  ? -1.521  -22.550 7.371   1.00 17.58 ? 51  LYS A NZ  1 
ATOM 402  N N   . GLU A 1 71  ? -2.016  -18.276 1.782   1.00 0.00  ? 52  GLU A N   1 
ATOM 403  C CA  . GLU A 1 71  ? -2.227  -18.998 0.510   1.00 0.00  ? 52  GLU A CA  1 
ATOM 404  C C   . GLU A 1 71  ? -1.569  -18.335 -0.724  1.00 0.00  ? 52  GLU A C   1 
ATOM 405  O O   . GLU A 1 71  ? -1.372  -19.004 -1.742  1.00 0.00  ? 52  GLU A O   1 
ATOM 406  C CB  . GLU A 1 71  ? -3.729  -19.144 0.255   1.00 0.00  ? 52  GLU A CB  1 
ATOM 407  C CG  . GLU A 1 71  ? -4.437  -20.099 1.204   1.00 0.00  ? 52  GLU A CG  1 
ATOM 408  C CD  . GLU A 1 71  ? -5.881  -20.316 0.847   1.00 0.00  ? 52  GLU A CD  1 
ATOM 409  O OE1 . GLU A 1 71  ? -6.341  -19.704 -0.086  1.00 0.00  ? 52  GLU A OE1 1 
ATOM 410  O OE2 . GLU A 1 71  ? -6.526  -21.095 1.507   1.00 0.00  ? 52  GLU A OE2 1 
ATOM 411  N N   . LEU A 1 72  ? -1.230  -17.051 -0.618  1.00 12.44 ? 53  LEU A N   1 
ATOM 412  C CA  . LEU A 1 72  ? -0.490  -16.326 -1.671  1.00 13.62 ? 53  LEU A CA  1 
ATOM 413  C C   . LEU A 1 72  ? 1.026   -16.364 -1.475  1.00 15.57 ? 53  LEU A C   1 
ATOM 414  O O   . LEU A 1 72  ? 1.781   -15.906 -2.334  1.00 15.00 ? 53  LEU A O   1 
ATOM 415  C CB  . LEU A 1 72  ? -0.934  -14.858 -1.768  1.00 11.70 ? 53  LEU A CB  1 
ATOM 416  C CG  . LEU A 1 72  ? -2.357  -14.527 -2.231  1.00 9.56  ? 53  LEU A CG  1 
ATOM 417  C CD1 . LEU A 1 72  ? -2.610  -13.032 -2.081  1.00 10.95 ? 53  LEU A CD1 1 
ATOM 418  C CD2 . LEU A 1 72  ? -2.633  -14.927 -3.663  1.00 9.73  ? 53  LEU A CD2 1 
ATOM 419  N N   . SER A 1 73  ? 1.460   -16.913 -0.339  1.00 17.96 ? 54  SER A N   1 
ATOM 420  C CA  . SER A 1 73  ? 2.892   -17.056 -0.017  1.00 20.06 ? 54  SER A CA  1 
ATOM 421  C C   . SER A 1 73  ? 3.757   -17.615 -1.175  1.00 20.16 ? 54  SER A C   1 
ATOM 422  O O   . SER A 1 73  ? 4.906   -17.190 -1.367  1.00 20.83 ? 54  SER A O   1 
ATOM 423  C CB  . SER A 1 73  ? 3.066   -17.946 1.216   1.00 20.20 ? 54  SER A CB  1 
ATOM 424  O OG  . SER A 1 73  ? 2.983   -19.310 0.837   1.00 22.54 ? 54  SER A OG  1 
ATOM 425  N N   . PHE A 1 74  ? 3.203   -18.543 -1.957  1.00 0.00  ? 55  PHE A N   1 
ATOM 426  C CA  . PHE A 1 74  ? 3.914   -19.108 -3.105  1.00 0.00  ? 55  PHE A CA  1 
ATOM 427  C C   . PHE A 1 74  ? 4.237   -18.094 -4.196  1.00 0.00  ? 55  PHE A C   1 
ATOM 428  O O   . PHE A 1 74  ? 5.226   -18.246 -4.918  1.00 0.00  ? 55  PHE A O   1 
ATOM 429  C CB  . PHE A 1 74  ? 3.096   -20.246 -3.717  1.00 0.00  ? 55  PHE A CB  1 
ATOM 430  C CG  . PHE A 1 74  ? 1.948   -19.780 -4.564  1.00 0.00  ? 55  PHE A CG  1 
ATOM 431  C CD1 . PHE A 1 74  ? 0.720   -19.486 -3.990  1.00 0.00  ? 55  PHE A CD1 1 
ATOM 432  C CD2 . PHE A 1 74  ? 2.088   -19.630 -5.935  1.00 0.00  ? 55  PHE A CD2 1 
ATOM 433  C CE1 . PHE A 1 74  ? -0.340  -19.055 -4.765  1.00 0.00  ? 55  PHE A CE1 1 
ATOM 434  C CE2 . PHE A 1 74  ? 1.032   -19.202 -6.714  1.00 0.00  ? 55  PHE A CE2 1 
ATOM 435  C CZ  . PHE A 1 74  ? -0.182  -18.915 -6.128  1.00 0.00  ? 55  PHE A CZ  1 
ATOM 436  N N   . LEU A 1 75  ? 3.395   -17.068 -4.326  1.00 19.29 ? 56  LEU A N   1 
ATOM 437  C CA  . LEU A 1 75  ? 3.621   -16.009 -5.310  1.00 18.98 ? 56  LEU A CA  1 
ATOM 438  C C   . LEU A 1 75  ? 4.891   -15.226 -5.025  1.00 19.47 ? 56  LEU A C   1 
ATOM 439  O O   . LEU A 1 75  ? 5.449   -14.595 -5.922  1.00 18.93 ? 56  LEU A O   1 
ATOM 440  C CB  . LEU A 1 75  ? 2.439   -15.045 -5.381  1.00 18.97 ? 56  LEU A CB  1 
ATOM 441  C CG  . LEU A 1 75  ? 1.230   -15.453 -6.215  1.00 18.78 ? 56  LEU A CG  1 
ATOM 442  C CD1 . LEU A 1 75  ? 0.227   -14.316 -6.228  1.00 17.96 ? 56  LEU A CD1 1 
ATOM 443  C CD2 . LEU A 1 75  ? 1.640   -15.814 -7.638  1.00 19.14 ? 56  LEU A CD2 1 
ATOM 444  N N   . LYS A 1 76  ? 5.329   -15.253 -3.768  1.00 19.82 ? 57  LYS A N   1 
ATOM 445  C CA  . LYS A 1 76  ? 6.621   -14.695 -3.389  1.00 20.48 ? 57  LYS A CA  1 
ATOM 446  C C   . LYS A 1 76  ? 7.736   -15.323 -4.211  1.00 20.70 ? 57  LYS A C   1 
ATOM 447  O O   . LYS A 1 76  ? 8.682   -14.635 -4.574  1.00 21.80 ? 57  LYS A O   1 
ATOM 448  C CB  . LYS A 1 76  ? 6.904   -14.919 -1.904  1.00 20.40 ? 57  LYS A CB  1 
ATOM 449  C CG  . LYS A 1 76  ? 5.949   -14.232 -0.950  1.00 20.76 ? 57  LYS A CG  1 
ATOM 450  C CD  . LYS A 1 76  ? 6.489   -14.383 0.443   1.00 22.30 ? 57  LYS A CD  1 
ATOM 451  C CE  . LYS A 1 76  ? 5.481   -14.001 1.501   1.00 23.40 ? 57  LYS A CE  1 
ATOM 452  N NZ  . LYS A 1 76  ? 6.126   -14.184 2.825   1.00 24.00 ? 57  LYS A NZ  1 
ATOM 453  N N   . GLU A 1 77  ? 7.623   -16.625 -4.502  1.00 0.00  ? 58  GLU A N   1 
ATOM 454  C CA  . GLU A 1 77  ? 8.615   -17.341 -5.345  1.00 0.00  ? 58  GLU A CA  1 
ATOM 455  C C   . GLU A 1 77  ? 8.630   -16.848 -6.792  1.00 0.00  ? 58  GLU A C   1 
ATOM 456  O O   . GLU A 1 77  ? 9.609   -17.065 -7.521  1.00 0.00  ? 58  GLU A O   1 
ATOM 457  C CB  . GLU A 1 77  ? 8.340   -18.846 -5.330  1.00 0.00  ? 58  GLU A CB  1 
ATOM 458  C CG  . GLU A 1 77  ? 8.567   -19.512 -3.979  1.00 0.00  ? 58  GLU A CG  1 
ATOM 459  C CD  . GLU A 1 77  ? 8.287   -20.988 -4.002  1.00 0.00  ? 58  GLU A CD  1 
ATOM 460  O OE1 . GLU A 1 77  ? 7.794   -21.467 -4.996  1.00 0.00  ? 58  GLU A OE1 1 
ATOM 461  O OE2 . GLU A 1 77  ? 8.563   -21.642 -3.022  1.00 0.00  ? 58  GLU A OE2 1 
ATOM 462  N N   . MET A 1 78  ? 7.533   -16.210 -7.203  1.00 0.00  ? 59  MET A N   1 
ATOM 463  C CA  . MET A 1 78  ? 7.438   -15.560 -8.518  1.00 0.00  ? 59  MET A CA  1 
ATOM 464  C C   . MET A 1 78  ? 7.744   -14.073 -8.431  1.00 0.00  ? 59  MET A C   1 
ATOM 465  O O   . MET A 1 78  ? 7.592   -13.350 -9.412  1.00 0.00  ? 59  MET A O   1 
ATOM 466  C CB  . MET A 1 78  ? 6.051   -15.779 -9.117  1.00 0.00  ? 59  MET A CB  1 
ATOM 467  C CG  . MET A 1 78  ? 5.708   -17.236 -9.394  1.00 0.00  ? 59  MET A CG  1 
ATOM 468  S SD  . MET A 1 78  ? 4.043   -17.445 -10.054 1.00 0.00  ? 59  MET A SD  1 
ATOM 469  C CE  . MET A 1 78  ? 4.271   -16.871 -11.735 1.00 0.00  ? 59  MET A CE  1 
ATOM 470  N N   . GLY A 1 79  ? 8.145   -13.616 -7.254  1.00 13.94 ? 60  GLY A N   1 
ATOM 471  C CA  . GLY A 1 79  ? 8.587   -12.234 -7.069  1.00 13.15 ? 60  GLY A CA  1 
ATOM 472  C C   . GLY A 1 79  ? 7.538   -11.272 -6.555  1.00 11.83 ? 60  GLY A C   1 
ATOM 473  O O   . GLY A 1 79  ? 7.797   -10.068 -6.460  1.00 12.20 ? 60  GLY A O   1 
ATOM 474  N N   . ALA A 1 80  ? 6.349   -11.784 -6.240  1.00 10.53 ? 61  ALA A N   1 
ATOM 475  C CA  . ALA A 1 80  ? 5.312   -10.947 -5.611  1.00 9.13  ? 61  ALA A CA  1 
ATOM 476  C C   . ALA A 1 80  ? 5.717   -10.552 -4.202  1.00 8.21  ? 61  ALA A C   1 
ATOM 477  O O   . ALA A 1 80  ? 6.348   -11.342 -3.486  1.00 8.44  ? 61  ALA A O   1 
ATOM 478  C CB  . ALA A 1 80  ? 3.965   -11.692 -5.555  1.00 8.98  ? 61  ALA A CB  1 
ATOM 479  N N   . ILE A 1 81  ? 5.319   -9.347  -3.787  1.00 6.27  ? 62  ILE A N   1 
ATOM 480  C CA  . ILE A 1 81  ? 5.583   -8.921  -2.442  1.00 5.37  ? 62  ILE A CA  1 
ATOM 481  C C   . ILE A 1 81  ? 4.219   -8.716  -1.814  1.00 5.07  ? 62  ILE A C   1 
ATOM 482  O O   . ILE A 1 81  ? 3.481   -7.823  -2.217  1.00 3.98  ? 62  ILE A O   1 
ATOM 483  C CB  . ILE A 1 81  ? 6.492   -7.670  -2.396  1.00 6.22  ? 62  ILE A CB  1 
ATOM 484  C CG1 . ILE A 1 81  ? 7.808   -7.967  -3.127  1.00 7.55  ? 62  ILE A CG1 1 
ATOM 485  C CG2 . ILE A 1 81  ? 6.781   -7.293  -0.973  1.00 6.33  ? 62  ILE A CG2 1 
ATOM 486  C CD1 . ILE A 1 81  ? 7.960   -7.253  -4.453  1.00 12.09 ? 62  ILE A CD1 1 
ATOM 487  N N   . ILE A 1 82  ? 3.881   -9.607  -0.882  1.00 4.46  ? 63  ILE A N   1 
ATOM 488  C CA  . ILE A 1 82  ? 2.564   -9.658  -0.241  1.00 4.92  ? 63  ILE A CA  1 
ATOM 489  C C   . ILE A 1 82  ? 2.628   -9.067  1.172   1.00 4.41  ? 63  ILE A C   1 
ATOM 490  O O   . ILE A 1 82  ? 3.384   -9.553  2.016   1.00 3.81  ? 63  ILE A O   1 
ATOM 491  C CB  . ILE A 1 82  ? 2.050   -11.127 -0.127  1.00 4.76  ? 63  ILE A CB  1 
ATOM 492  C CG1 . ILE A 1 82  ? 2.252   -11.931 -1.430  1.00 7.64  ? 63  ILE A CG1 1 
ATOM 493  C CG2 . ILE A 1 82  ? 0.605   -11.180 0.334   1.00 7.02  ? 63  ILE A CG2 1 
ATOM 494  C CD1 . ILE A 1 82  ? 1.616   -11.309 -2.668  1.00 11.79 ? 63  ILE A CD1 1 
ATOM 495  N N   . GLY A 1 83  ? 1.799   -8.060  1.440   1.00 3.03  ? 64  GLY A N   1 
ATOM 496  C CA  . GLY A 1 83  ? 1.757   -7.438  2.730   1.00 3.30  ? 64  GLY A CA  1 
ATOM 497  C C   . GLY A 1 83  ? 0.337   -7.395  3.199   1.00 3.22  ? 64  GLY A C   1 
ATOM 498  O O   . GLY A 1 83  ? -0.538  -8.034  2.608   1.00 4.19  ? 64  GLY A O   1 
ATOM 499  N N   . ALA A 1 84  ? 0.142   -6.704  4.301   1.00 2.77  ? 65  ALA A N   1 
ATOM 500  C CA  . ALA A 1 84  ? -1.169  -6.558  4.911   1.00 3.41  ? 65  ALA A CA  1 
ATOM 501  C C   . ALA A 1 84  ? -1.503  -5.078  5.058   1.00 3.27  ? 65  ALA A C   1 
ATOM 502  O O   . ALA A 1 84  ? -0.641  -4.260  5.368   1.00 2.46  ? 65  ALA A O   1 
ATOM 503  C CB  . ALA A 1 84  ? -1.187  -7.202  6.255   1.00 4.20  ? 65  ALA A CB  1 
ATOM 504  N N   . GLY A 1 85  ? -2.774  -4.741  4.889   1.00 3.47  ? 66  GLY A N   1 
ATOM 505  C CA  . GLY A 1 85  ? -3.242  -3.357  5.072   1.00 3.45  ? 66  GLY A CA  1 
ATOM 506  C C   . GLY A 1 85  ? -4.409  -3.313  6.049   1.00 3.52  ? 66  GLY A C   1 
ATOM 507  O O   . GLY A 1 85  ? -4.865  -4.362  6.518   1.00 4.07  ? 66  GLY A O   1 
ATOM 508  N N   . THR A 1 86  ? -4.890  -2.103  6.352   1.00 4.12  ? 67  THR A N   1 
ATOM 509  C CA  . THR A 1 86  ? -5.984  -1.887  7.308   1.00 4.90  ? 67  THR A CA  1 
ATOM 510  C C   . THR A 1 86  ? -5.696  -2.621  8.625   1.00 5.35  ? 67  THR A C   1 
ATOM 511  O O   . THR A 1 86  ? -6.597  -3.203  9.269   1.00 2.93  ? 67  THR A O   1 
ATOM 512  C CB  . THR A 1 86  ? -7.399  -2.290  6.733   1.00 5.24  ? 67  THR A CB  1 
ATOM 513  O OG1 . THR A 1 86  ? -7.446  -1.964  5.342   1.00 6.86  ? 67  THR A OG1 1 
ATOM 514  C CG2 . THR A 1 86  ? -8.507  -1.538  7.492   1.00 5.90  ? 67  THR A CG2 1 
ATOM 515  N N   . VAL A 1 87  ? -4.425  -2.564  9.020   1.00 5.80  ? 68  VAL A N   1 
ATOM 516  C CA  . VAL A 1 87  ? -4.004  -3.180  10.275  1.00 6.28  ? 68  VAL A CA  1 
ATOM 517  C C   . VAL A 1 87  ? -4.236  -2.185  11.398  1.00 5.66  ? 68  VAL A C   1 
ATOM 518  O O   . VAL A 1 87  ? -3.644  -1.115  11.425  1.00 6.51  ? 68  VAL A O   1 
ATOM 519  C CB  . VAL A 1 87  ? -2.534  -3.685  10.222  1.00 5.86  ? 68  VAL A CB  1 
ATOM 520  C CG1 . VAL A 1 87  ? -2.125  -4.282  11.585  1.00 5.33  ? 68  VAL A CG1 1 
ATOM 521  C CG2 . VAL A 1 87  ? -2.373  -4.730  9.081   1.00 5.56  ? 68  VAL A CG2 1 
ATOM 522  N N   . THR A 1 88  ? -5.111  -2.542  12.334  1.00 6.11  ? 69  THR A N   1 
ATOM 523  C CA  . THR A 1 88  ? -5.543  -1.607  13.366  1.00 5.62  ? 69  THR A CA  1 
ATOM 524  C C   . THR A 1 88  ? -5.288  -2.024  14.815  1.00 5.88  ? 69  THR A C   1 
ATOM 525  O O   . THR A 1 88  ? -5.602  -1.267  15.756  1.00 6.82  ? 69  THR A O   1 
ATOM 526  C CB  . THR A 1 88  ? -7.011  -1.163  13.157  1.00 6.50  ? 69  THR A CB  1 
ATOM 527  O OG1 . THR A 1 88  ? -7.898  -2.284  13.262  1.00 6.52  ? 69  THR A OG1 1 
ATOM 528  C CG2 . THR A 1 88  ? -7.151  -0.469  11.764  1.00 7.40  ? 69  THR A CG2 1 
ATOM 529  N N   . SER A 1 89  ? -4.712  -3.213  15.000  1.00 6.41  ? 70  SER A N   1 
ATOM 530  C CA  . SER A 1 89  ? -4.311  -3.659  16.332  1.00 6.69  ? 70  SER A CA  1 
ATOM 531  C C   . SER A 1 89  ? -3.053  -4.499  16.218  1.00 7.17  ? 70  SER A C   1 
ATOM 532  O O   . SER A 1 89  ? -2.724  -5.007  15.148  1.00 5.87  ? 70  SER A O   1 
ATOM 533  C CB  . SER A 1 89  ? -5.403  -4.532  16.934  1.00 6.78  ? 70  SER A CB  1 
ATOM 534  O OG  . SER A 1 89  ? -5.368  -5.767  16.274  1.00 6.14  ? 70  SER A OG  1 
ATOM 535  N N   . VAL A 1 90  ? -2.354  -4.655  17.325  1.00 7.99  ? 71  VAL A N   1 
ATOM 536  C CA  . VAL A 1 90  ? -1.150  -5.489  17.320  1.00 9.39  ? 71  VAL A CA  1 
ATOM 537  C C   . VAL A 1 90  ? -1.515  -6.975  17.103  1.00 8.98  ? 71  VAL A C   1 
ATOM 538  O O   . VAL A 1 90  ? -0.760  -7.724  16.499  1.00 9.19  ? 71  VAL A O   1 
ATOM 539  C CB  . VAL A 1 90  ? -0.285  -5.256  18.582  1.00 9.50  ? 71  VAL A CB  1 
ATOM 540  C CG1 . VAL A 1 90  ? 0.876   -6.244  18.619  1.00 11.48 ? 71  VAL A CG1 1 
ATOM 541  C CG2 . VAL A 1 90  ? 0.246   -3.819  18.581  1.00 10.56 ? 71  VAL A CG2 1 
ATOM 542  N N   . GLU A 1 91  ? -2.696  -7.380  17.555  1.00 8.74  ? 72  GLU A N   1 
ATOM 543  C CA  . GLU A 1 91  ? -3.149  -8.751  17.333  1.00 9.17  ? 72  GLU A CA  1 
ATOM 544  C C   . GLU A 1 91  ? -3.273  -9.076  15.863  1.00 7.79  ? 72  GLU A C   1 
ATOM 545  O O   . GLU A 1 91  ? -2.885  -10.157 15.451  1.00 7.22  ? 72  GLU A O   1 
ATOM 546  C CB  . GLU A 1 91  ? -4.477  -8.985  18.021  1.00 9.94  ? 72  GLU A CB  1 
ATOM 547  C CG  . GLU A 1 91  ? -4.330  -9.163  19.515  1.00 15.45 ? 72  GLU A CG  1 
ATOM 548  C CD  . GLU A 1 91  ? -4.556  -7.885  20.291  1.00 18.87 ? 72  GLU A CD  1 
ATOM 549  O OE1 . GLU A 1 91  ? -5.210  -7.992  21.344  1.00 24.89 ? 72  GLU A OE1 1 
ATOM 550  O OE2 . GLU A 1 91  ? -4.112  -6.780  19.876  1.00 20.84 ? 72  GLU A OE2 1 
ATOM 551  N N   . GLN A 1 92  ? -3.790  -8.124  15.079  1.00 6.50  ? 73  GLN A N   1 
ATOM 552  C CA  . GLN A 1 92  ? -3.900  -8.278  13.616  1.00 5.95  ? 73  GLN A CA  1 
ATOM 553  C C   . GLN A 1 92  ? -2.530  -8.266  12.999  1.00 4.63  ? 73  GLN A C   1 
ATOM 554  O O   . GLN A 1 92  ? -2.232  -9.019  12.086  1.00 4.48  ? 73  GLN A O   1 
ATOM 555  C CB  . GLN A 1 92  ? -4.686  -7.109  13.013  1.00 6.18  ? 73  GLN A CB  1 
ATOM 556  C CG  . GLN A 1 92  ? -6.193  -7.167  13.161  1.00 8.13  ? 73  GLN A CG  1 
ATOM 557  C CD  . GLN A 1 92  ? -6.839  -5.969  12.490  1.00 9.27  ? 73  GLN A CD  1 
ATOM 558  O OE1 . GLN A 1 92  ? -6.264  -4.888  12.461  1.00 10.35 ? 73  GLN A OE1 1 
ATOM 559  N NE2 . GLN A 1 92  ? -8.047  -6.155  11.967  1.00 11.75 ? 73  GLN A NE2 1 
ATOM 560  N N   . CYS A 1 93  ? -1.682  -7.370  13.501  1.00 5.04  ? 74  CYS A N   1 
ATOM 561  C CA  . CYS A 1 93  ? -0.317  -7.295  13.030  1.00 4.57  ? 74  CYS A CA  1 
ATOM 562  C C   . CYS A 1 93  ? 0.428   -8.618  13.219  1.00 3.76  ? 74  CYS A C   1 
ATOM 563  O O   . CYS A 1 93  ? 1.104   -9.086  12.311  1.00 3.11  ? 74  CYS A O   1 
ATOM 564  C CB  . CYS A 1 93  ? 0.430   -6.170  13.747  1.00 30.00 ? 74  CYS A CB  1 
ATOM 565  S SG  . CYS A 1 93  ? -0.205  -4.514  13.404  1.00 30.00 ? 74  CYS A SG  1 
ATOM 566  N N   . ARG A 1 94  ? 0.298   -9.222  14.401  1.00 4.10  ? 75  ARG A N   1 
ATOM 567  C CA  . ARG A 1 94  ? 0.904   -10.524 14.676  1.00 4.45  ? 75  ARG A CA  1 
ATOM 568  C C   . ARG A 1 94  ? 0.428   -11.604 13.694  1.00 4.32  ? 75  ARG A C   1 
ATOM 569  O O   . ARG A 1 94  ? 1.238   -12.333 13.103  1.00 4.06  ? 75  ARG A O   1 
ATOM 570  C CB  . ARG A 1 94  ? 0.602   -10.940 16.117  1.00 4.83  ? 75  ARG A CB  1 
ATOM 571  C CG  . ARG A 1 94  ? 1.123   -12.333 16.491  1.00 6.87  ? 75  ARG A CG  1 
ATOM 572  C CD  . ARG A 1 94  ? 0.976   -12.632 17.987  1.00 8.51  ? 75  ARG A CD  1 
ATOM 573  N NE  . ARG A 1 94  ? 1.886   -11.787 18.778  1.00 16.98 ? 75  ARG A NE  1 
ATOM 574  C CZ  . ARG A 1 94  ? 3.162   -12.104 19.028  1.00 19.02 ? 75  ARG A CZ  1 
ATOM 575  N NH1 . ARG A 1 94  ? 3.672   -13.241 18.561  1.00 21.29 ? 75  ARG A NH1 1 
ATOM 576  N NH2 . ARG A 1 94  ? 3.925   -11.288 19.743  1.00 20.13 ? 75  ARG A NH2 1 
ATOM 577  N N   . LYS A 1 95  ? -0.878  -11.711 13.501  1.00 3.42  ? 76  LYS A N   1 
ATOM 578  C CA  . LYS A 1 95  ? -1.408  -12.701 12.539  1.00 3.77  ? 76  LYS A CA  1 
ATOM 579  C C   . LYS A 1 95  ? -0.876  -12.522 11.125  1.00 2.65  ? 76  LYS A C   1 
ATOM 580  O O   . LYS A 1 95  ? -0.468  -13.487 10.474  1.00 2.88  ? 76  LYS A O   1 
ATOM 581  C CB  . LYS A 1 95  ? -2.927  -12.607 12.513  1.00 4.01  ? 76  LYS A CB  1 
ATOM 582  C CG  . LYS A 1 95  ? -3.598  -13.041 13.741  1.00 8.14  ? 76  LYS A CG  1 
ATOM 583  C CD  . LYS A 1 95  ? -5.069  -12.948 13.506  1.00 13.66 ? 76  LYS A CD  1 
ATOM 584  C CE  . LYS A 1 95  ? -5.815  -13.116 14.790  1.00 15.77 ? 76  LYS A CE  1 
ATOM 585  N NZ  . LYS A 1 95  ? -7.262  -12.951 14.530  1.00 20.06 ? 76  LYS A NZ  1 
ATOM 586  N N   . ALA A 1 96  ? -0.858  -11.275 10.639  1.00 3.19  ? 77  ALA A N   1 
ATOM 587  C CA  . ALA A 1 96  ? -0.321  -10.974 9.315   1.00 2.78  ? 77  ALA A CA  1 
ATOM 588  C C   . ALA A 1 96  ? 1.144   -11.408 9.169   1.00 3.72  ? 77  ALA A C   1 
ATOM 589  O O   . ALA A 1 96  ? 1.496   -12.138 8.231   1.00 3.04  ? 77  ALA A O   1 
ATOM 590  C CB  . ALA A 1 96  ? -0.450  -9.470  9.021   1.00 2.63  ? 77  ALA A CB  1 
ATOM 591  N N   . VAL A 1 97  ? 1.982   -10.979 10.116  1.00 4.68  ? 78  VAL A N   1 
ATOM 592  C CA  . VAL A 1 97  ? 3.412   -11.371 10.113  1.00 6.32  ? 78  VAL A CA  1 
ATOM 593  C C   . VAL A 1 97  ? 3.589   -12.908 10.206  1.00 7.31  ? 78  VAL A C   1 
ATOM 594  O O   . VAL A 1 97  ? 4.392   -13.493 9.455   1.00 7.60  ? 78  VAL A O   1 
ATOM 595  C CB  . VAL A 1 97  ? 4.205   -10.615 11.229  1.00 6.39  ? 78  VAL A CB  1 
ATOM 596  C CG1 . VAL A 1 97  ? 5.665   -11.077 11.282  1.00 7.69  ? 78  VAL A CG1 1 
ATOM 597  C CG2 . VAL A 1 97  ? 4.125   -9.114  11.025  1.00 5.08  ? 78  VAL A CG2 1 
ATOM 598  N N   . GLU A 1 98  ? 2.809   -13.544 11.089  1.00 8.49  ? 79  GLU A N   1 
ATOM 599  C CA  . GLU A 1 98  ? 2.823   -15.004 11.284  1.00 10.29 ? 79  GLU A CA  1 
ATOM 600  C C   . GLU A 1 98  ? 2.480   -15.705 9.987   1.00 10.08 ? 79  GLU A C   1 
ATOM 601  O O   . GLU A 1 98  ? 3.000   -16.783 9.704   1.00 9.08  ? 79  GLU A O   1 
ATOM 602  C CB  . GLU A 1 98  ? 1.819   -15.458 12.360  1.00 10.78 ? 79  GLU A CB  1 
ATOM 603  C CG  . GLU A 1 98  ? 2.315   -15.316 13.815  1.00 13.82 ? 79  GLU A CG  1 
ATOM 604  C CD  . GLU A 1 98  ? 1.218   -15.520 14.885  1.00 14.95 ? 79  GLU A CD  1 
ATOM 605  O OE1 . GLU A 1 98  ? 0.035   -15.819 14.560  1.00 17.31 ? 79  GLU A OE1 1 
ATOM 606  O OE2 . GLU A 1 98  ? 1.553   -15.349 16.080  1.00 20.67 ? 79  GLU A OE2 1 
ATOM 607  N N   . SER A 1 99  ? 1.622   -15.075 9.180   1.00 9.96  ? 80  SER A N   1 
ATOM 608  C CA  . SER A 1 99  ? 1.191   -15.700 7.914   1.00 10.85 ? 80  SER A CA  1 
ATOM 609  C C   . SER A 1 99  ? 2.050   -15.301 6.707   1.00 9.25  ? 80  SER A C   1 
ATOM 610  O O   . SER A 1 99  ? 1.757   -15.688 5.575   1.00 10.28 ? 80  SER A O   1 
ATOM 611  C CB  . SER A 1 99  ? -0.299  -15.441 7.657   1.00 10.50 ? 80  SER A CB  1 
ATOM 612  O OG  . SER A 1 99  ? -0.443  -14.126 7.144   1.00 15.39 ? 80  SER A OG  1 
ATOM 613  N N   . GLY A 1 100 ? 3.115   -14.543 6.941   1.00 8.75  ? 81  GLY A N   1 
ATOM 614  C CA  . GLY A 1 100 ? 4.089   -14.248 5.887   1.00 7.64  ? 81  GLY A CA  1 
ATOM 615  C C   . GLY A 1 100 ? 4.066   -12.858 5.286   1.00 7.29  ? 81  GLY A C   1 
ATOM 616  O O   . GLY A 1 100 ? 4.748   -12.588 4.291   1.00 7.19  ? 81  GLY A O   1 
ATOM 617  N N   . ALA A 1 101 ? 3.336   -11.931 5.907   1.00 7.70  ? 82  ALA A N   1 
ATOM 618  C CA  . ALA A 1 101 ? 3.332   -10.562 5.417   1.00 6.42  ? 82  ALA A CA  1 
ATOM 619  C C   . ALA A 1 101 ? 4.731   -9.963  5.451   1.00 6.73  ? 82  ALA A C   1 
ATOM 620  O O   . ALA A 1 101 ? 5.407   -10.008 6.478   1.00 7.07  ? 82  ALA A O   1 
ATOM 621  C CB  . ALA A 1 101 ? 2.378   -9.691  6.237   1.00 6.51  ? 82  ALA A CB  1 
ATOM 622  N N   . GLU A 1 102 ? 5.130   -9.385  4.327   1.00 5.74  ? 83  GLU A N   1 
ATOM 623  C CA  . GLU A 1 102 ? 6.437   -8.780  4.152   1.00 6.64  ? 83  GLU A CA  1 
ATOM 624  C C   . GLU A 1 102 ? 6.424   -7.296  4.483   1.00 5.64  ? 83  GLU A C   1 
ATOM 625  O O   . GLU A 1 102 ? 7.483   -6.652  4.552   1.00 6.07  ? 83  GLU A O   1 
ATOM 626  C CB  . GLU A 1 102 ? 6.892   -8.998  2.716   1.00 6.95  ? 83  GLU A CB  1 
ATOM 627  C CG  . GLU A 1 102 ? 6.934   -10.484 2.371   1.00 10.84 ? 83  GLU A CG  1 
ATOM 628  C CD  . GLU A 1 102 ? 7.266   -10.761 0.918   1.00 15.29 ? 83  GLU A CD  1 
ATOM 629  O OE1 . GLU A 1 102 ? 6.344   -11.060 0.130   1.00 16.49 ? 83  GLU A OE1 1 
ATOM 630  O OE2 . GLU A 1 102 ? 8.453   -10.692 0.562   1.00 19.18 ? 83  GLU A OE2 1 
ATOM 631  N N   . PHE A 1 103 ? 5.222   -6.728  4.641   1.00 4.37  ? 84  PHE A N   1 
ATOM 632  C CA  . PHE A 1 103 ? 5.088   -5.328  5.034   1.00 2.55  ? 84  PHE A CA  1 
ATOM 633  C C   . PHE A 1 103 ? 3.701   -5.112  5.655   1.00 2.04  ? 84  PHE A C   1 
ATOM 634  O O   . PHE A 1 103 ? 2.783   -5.902  5.374   1.00 2.00  ? 84  PHE A O   1 
ATOM 635  C CB  . PHE A 1 103 ? 5.383   -4.346  3.868   1.00 3.81  ? 84  PHE A CB  1 
ATOM 636  C CG  . PHE A 1 103 ? 4.398   -4.425  2.725   1.00 4.81  ? 84  PHE A CG  1 
ATOM 637  C CD1 . PHE A 1 103 ? 3.221   -3.654  2.745   1.00 7.38  ? 84  PHE A CD1 1 
ATOM 638  C CD2 . PHE A 1 103 ? 4.640   -5.249  1.643   1.00 4.22  ? 84  PHE A CD2 1 
ATOM 639  C CE1 . PHE A 1 103 ? 2.299   -3.745  1.713   1.00 9.20  ? 84  PHE A CE1 1 
ATOM 640  C CE2 . PHE A 1 103 ? 3.739   -5.339  0.587   1.00 6.34  ? 84  PHE A CE2 1 
ATOM 641  C CZ  . PHE A 1 103 ? 2.571   -4.585  0.606   1.00 4.73  ? 84  PHE A CZ  1 
ATOM 642  N N   . ILE A 1 104 ? 3.594   -4.131  6.551   1.00 2.00  ? 85  ILE A N   1 
ATOM 643  C CA  . ILE A 1 104 ? 2.345   -3.782  7.245   1.00 2.00  ? 85  ILE A CA  1 
ATOM 644  C C   . ILE A 1 104 ? 1.966   -2.318  6.910   1.00 2.00  ? 85  ILE A C   1 
ATOM 645  O O   . ILE A 1 104 ? 2.811   -1.394  6.945   1.00 2.00  ? 85  ILE A O   1 
ATOM 646  C CB  . ILE A 1 104 ? 2.482   -3.975  8.785   1.00 2.00  ? 85  ILE A CB  1 
ATOM 647  C CG1 . ILE A 1 104 ? 2.939   -5.399  9.157   1.00 2.00  ? 85  ILE A CG1 1 
ATOM 648  C CG2 . ILE A 1 104 ? 1.223   -3.500  9.590   1.00 2.02  ? 85  ILE A CG2 1 
ATOM 649  C CD1 . ILE A 1 104 ? 1.904   -6.554  8.832   1.00 2.00  ? 85  ILE A CD1 1 
ATOM 650  N N   . VAL A 1 105 ? 0.692   -2.110  6.584   1.00 2.00  ? 86  VAL A N   1 
ATOM 651  C CA  . VAL A 1 105 ? 0.175   -0.773  6.249   1.00 2.00  ? 86  VAL A CA  1 
ATOM 652  C C   . VAL A 1 105 ? -1.045  -0.540  7.126   1.00 2.00  ? 86  VAL A C   1 
ATOM 653  O O   . VAL A 1 105 ? -1.817  -1.458  7.371   1.00 2.00  ? 86  VAL A O   1 
ATOM 654  C CB  . VAL A 1 105 ? -0.184  -0.647  4.729   1.00 2.00  ? 86  VAL A CB  1 
ATOM 655  C CG1 . VAL A 1 105 ? -0.594  0.792   4.384   1.00 2.43  ? 86  VAL A CG1 1 
ATOM 656  C CG2 . VAL A 1 105 ? 0.975   -1.053  3.878   1.00 2.94  ? 86  VAL A CG2 1 
ATOM 657  N N   . SER A 1 106 ? -1.190  0.673   7.642   1.00 2.00  ? 87  SER A N   1 
ATOM 658  C CA  . SER A 1 106 ? -2.411  1.041   8.322   1.00 2.00  ? 87  SER A CA  1 
ATOM 659  C C   . SER A 1 106 ? -2.963  2.365   7.789   1.00 2.00  ? 87  SER A C   1 
ATOM 660  O O   . SER A 1 106 ? -2.236  3.154   7.234   1.00 2.00  ? 87  SER A O   1 
ATOM 661  C CB  . SER A 1 106 ? -2.206  1.098   9.829   1.00 2.00  ? 87  SER A CB  1 
ATOM 662  O OG  . SER A 1 106 ? -1.243  2.073   10.146  1.00 2.90  ? 87  SER A OG  1 
ATOM 663  N N   . PRO A 1 107 ? -4.281  2.621   7.975   1.00 2.35  ? 88  PRO A N   1 
ATOM 664  C CA  . PRO A 1 107 ? -4.775  3.960   7.551   1.00 2.08  ? 88  PRO A CA  1 
ATOM 665  C C   . PRO A 1 107 ? -4.334  5.113   8.452   1.00 2.68  ? 88  PRO A C   1 
ATOM 666  O O   . PRO A 1 107 ? -4.455  6.258   8.049   1.00 3.16  ? 88  PRO A O   1 
ATOM 667  C CB  . PRO A 1 107 ? -6.293  3.872   7.726   1.00 2.66  ? 88  PRO A CB  1 
ATOM 668  C CG  . PRO A 1 107 ? -6.600  2.532   8.338   1.00 2.79  ? 88  PRO A CG  1 
ATOM 669  C CD  . PRO A 1 107 ? -5.324  1.732   8.481   1.00 3.24  ? 88  PRO A CD  1 
ATOM 670  N N   . HIS A 1 108 ? -3.937  4.796   9.685   1.00 3.19  ? 89  HIS A N   1 
ATOM 671  C CA  . HIS A 1 108 ? -3.620  5.764   10.736  1.00 2.64  ? 89  HIS A CA  1 
ATOM 672  C C   . HIS A 1 108 ? -2.182  5.578   11.267  1.00 4.21  ? 89  HIS A C   1 
ATOM 673  O O   . HIS A 1 108 ? -1.480  4.648   10.874  1.00 4.12  ? 89  HIS A O   1 
ATOM 674  C CB  . HIS A 1 108 ? -4.566  5.535   11.905  1.00 2.00  ? 89  HIS A CB  1 
ATOM 675  C CG  . HIS A 1 108 ? -4.373  4.211   12.576  1.00 2.90  ? 89  HIS A CG  1 
ATOM 676  N ND1 . HIS A 1 108 ? -4.379  3.023   11.883  1.00 2.00  ? 89  HIS A ND1 1 
ATOM 677  C CD2 . HIS A 1 108 ? -4.188  3.882   13.877  1.00 2.00  ? 89  HIS A CD2 1 
ATOM 678  C CE1 . HIS A 1 108 ? -4.204  2.016   12.723  1.00 2.00  ? 89  HIS A CE1 1 
ATOM 679  N NE2 . HIS A 1 108 ? -4.063  2.517   13.939  1.00 2.00  ? 89  HIS A NE2 1 
ATOM 680  N N   . LEU A 1 109 ? -1.745  6.430   12.191  1.00 4.56  ? 90  LEU A N   1 
ATOM 681  C CA  . LEU A 1 109 ? -0.439  6.218   12.815  1.00 5.70  ? 90  LEU A CA  1 
ATOM 682  C C   . LEU A 1 109 ? -0.681  5.512   14.124  1.00 5.90  ? 90  LEU A C   1 
ATOM 683  O O   . LEU A 1 109 ? -1.353  6.055   15.009  1.00 5.30  ? 90  LEU A O   1 
ATOM 684  C CB  . LEU A 1 109 ? 0.242   7.566   13.079  1.00 7.04  ? 90  LEU A CB  1 
ATOM 685  C CG  . LEU A 1 109 ? 1.551   7.613   13.908  1.00 9.42  ? 90  LEU A CG  1 
ATOM 686  C CD1 . LEU A 1 109 ? 2.657   6.787   13.232  1.00 11.01 ? 90  LEU A CD1 1 
ATOM 687  C CD2 . LEU A 1 109 ? 2.005   9.081   14.039  1.00 7.45  ? 90  LEU A CD2 1 
ATOM 688  N N   . ASP A 1 110 ? -0.129  4.311   14.261  1.00 7.12  ? 91  ASP A N   1 
ATOM 689  C CA  . ASP A 1 110 ? -0.328  3.494   15.465  1.00 8.45  ? 91  ASP A CA  1 
ATOM 690  C C   . ASP A 1 110 ? 1.025   3.252   16.179  1.00 8.71  ? 91  ASP A C   1 
ATOM 691  O O   . ASP A 1 110 ? 1.850   2.500   15.695  1.00 6.98  ? 91  ASP A O   1 
ATOM 692  C CB  . ASP A 1 110 ? -0.975  2.153   15.077  1.00 8.33  ? 91  ASP A CB  1 
ATOM 693  C CG  . ASP A 1 110 ? -1.651  1.466   16.255  1.00 13.08 ? 91  ASP A CG  1 
ATOM 694  O OD1 . ASP A 1 110 ? -0.944  1.096   17.211  1.00 14.68 ? 91  ASP A OD1 1 
ATOM 695  O OD2 . ASP A 1 110 ? -2.897  1.285   16.233  1.00 17.45 ? 91  ASP A OD2 1 
ATOM 696  N N   . GLU A 1 111 ? 1.232   3.891   17.330  1.00 9.82  ? 92  GLU A N   1 
ATOM 697  C CA  . GLU A 1 111 ? 2.483   3.730   18.082  1.00 11.17 ? 92  GLU A CA  1 
ATOM 698  C C   . GLU A 1 111 ? 2.755   2.286   18.458  1.00 10.40 ? 92  GLU A C   1 
ATOM 699  O O   . GLU A 1 111 ? 3.907   1.864   18.450  1.00 10.87 ? 92  GLU A O   1 
ATOM 700  C CB  . GLU A 1 111 ? 2.463   4.539   19.387  1.00 12.01 ? 92  GLU A CB  1 
ATOM 701  C CG  . GLU A 1 111 ? 2.439   6.025   19.227  1.00 17.20 ? 92  GLU A CG  1 
ATOM 702  C CD  . GLU A 1 111 ? 1.945   6.696   20.495  1.00 25.82 ? 92  GLU A CD  1 
ATOM 703  O OE1 . GLU A 1 111 ? 2.740   6.807   21.457  1.00 29.79 ? 92  GLU A OE1 1 
ATOM 704  O OE2 . GLU A 1 111 ? 0.761   7.107   20.549  1.00 29.37 ? 92  GLU A OE2 1 
ATOM 705  N N   . GLU A 1 112 ? 1.704   1.550   18.816  1.00 9.94  ? 93  GLU A N   1 
ATOM 706  C CA  . GLU A 1 112 ? 1.832   0.158   19.272  1.00 9.65  ? 93  GLU A CA  1 
ATOM 707  C C   . GLU A 1 112 ? 2.242   -0.753  18.123  1.00 8.85  ? 93  GLU A C   1 
ATOM 708  O O   . GLU A 1 112 ? 3.037   -1.692  18.289  1.00 8.26  ? 93  GLU A O   1 
ATOM 709  C CB  . GLU A 1 112 ? 0.506   -0.337  19.903  1.00 10.34 ? 93  GLU A CB  1 
ATOM 710  C CG  . GLU A 1 112 ? 0.060   0.406   21.180  1.00 15.75 ? 93  GLU A CG  1 
ATOM 711  C CD  . GLU A 1 112 ? -0.883  1.606   20.931  1.00 22.92 ? 93  GLU A CD  1 
ATOM 712  O OE1 . GLU A 1 112 ? -0.882  2.193   19.815  1.00 25.61 ? 93  GLU A OE1 1 
ATOM 713  O OE2 . GLU A 1 112 ? -1.629  1.976   21.880  1.00 26.05 ? 93  GLU A OE2 1 
ATOM 714  N N   . ILE A 1 113 ? 1.664   -0.504  16.954  1.00 8.00  ? 94  ILE A N   1 
ATOM 715  C CA  . ILE A 1 113 ? 2.037   -1.267  15.752  1.00 7.39  ? 94  ILE A CA  1 
ATOM 716  C C   . ILE A 1 113 ? 3.449   -0.868  15.304  1.00 6.72  ? 94  ILE A C   1 
ATOM 717  O O   . ILE A 1 113 ? 4.239   -1.735  14.923  1.00 6.56  ? 94  ILE A O   1 
ATOM 718  C CB  . ILE A 1 113 ? 0.975   -1.130  14.605  1.00 7.54  ? 94  ILE A CB  1 
ATOM 719  C CG1 . ILE A 1 113 ? -0.343  -1.805  15.031  1.00 8.44  ? 94  ILE A CG1 1 
ATOM 720  C CG2 . ILE A 1 113 ? 1.500   -1.711  13.242  1.00 7.01  ? 94  ILE A CG2 1 
ATOM 721  C CD1 . ILE A 1 113 ? -1.561  -1.461  14.149  1.00 9.85  ? 94  ILE A CD1 1 
ATOM 722  N N   . SER A 1 114 ? 3.766   0.430   15.345  1.00 6.74  ? 95  SER A N   1 
ATOM 723  C CA  . SER A 1 114 ? 5.142   0.884   15.070  1.00 7.58  ? 95  SER A CA  1 
ATOM 724  C C   . SER A 1 114 ? 6.181   0.075   15.891  1.00 8.24  ? 95  SER A C   1 
ATOM 725  O O   . SER A 1 114 ? 7.117   -0.511  15.333  1.00 7.50  ? 95  SER A O   1 
ATOM 726  C CB  . SER A 1 114 ? 5.327   2.391   15.332  1.00 7.73  ? 95  SER A CB  1 
ATOM 727  O OG  . SER A 1 114 ? 6.560   2.816   14.763  1.00 9.06  ? 95  SER A OG  1 
ATOM 728  N N   . GLN A 1 115 ? 5.982   0.040   17.209  1.00 8.78  ? 96  GLN A N   1 
ATOM 729  C CA  . GLN A 1 115 ? 6.885   -0.669  18.135  1.00 10.19 ? 96  GLN A CA  1 
ATOM 730  C C   . GLN A 1 115 ? 7.007   -2.166  17.898  1.00 9.95  ? 96  GLN A C   1 
ATOM 731  O O   . GLN A 1 115 ? 8.112   -2.717  17.884  1.00 10.30 ? 96  GLN A O   1 
ATOM 732  C CB  . GLN A 1 115 ? 6.451   -0.413  19.578  1.00 10.24 ? 96  GLN A CB  1 
ATOM 733  C CG  . GLN A 1 115 ? 6.663   1.027   20.021  1.00 14.27 ? 96  GLN A CG  1 
ATOM 734  C CD  . GLN A 1 115 ? 8.056   1.539   19.675  1.00 19.18 ? 96  GLN A CD  1 
ATOM 735  O OE1 . GLN A 1 115 ? 9.065   0.910   20.036  1.00 21.00 ? 96  GLN A OE1 1 
ATOM 736  N NE2 . GLN A 1 115 ? 8.119   2.673   18.961  1.00 16.64 ? 96  GLN A NE2 1 
ATOM 737  N N   . PHE A 1 116 ? 5.869   -2.837  17.753  1.00 9.45  ? 97  PHE A N   1 
ATOM 738  C CA  . PHE A 1 116 ? 5.845   -4.246  17.386  1.00 9.59  ? 97  PHE A CA  1 
ATOM 739  C C   . PHE A 1 116 ? 6.595   -4.556  16.089  1.00 9.80  ? 97  PHE A C   1 
ATOM 740  O O   . PHE A 1 116 ? 7.330   -5.523  16.022  1.00 9.08  ? 97  PHE A O   1 
ATOM 741  C CB  . PHE A 1 116 ? 4.397   -4.728  17.273  1.00 9.48  ? 97  PHE A CB  1 
ATOM 742  C CG  . PHE A 1 116 ? 4.261   -6.161  16.855  1.00 9.14  ? 97  PHE A CG  1 
ATOM 743  C CD1 . PHE A 1 116 ? 4.178   -6.495  15.509  1.00 7.90  ? 97  PHE A CD1 1 
ATOM 744  C CD2 . PHE A 1 116 ? 4.195   -7.171  17.804  1.00 8.60  ? 97  PHE A CD2 1 
ATOM 745  C CE1 . PHE A 1 116 ? 4.036   -7.828  15.107  1.00 9.90  ? 97  PHE A CE1 1 
ATOM 746  C CE2 . PHE A 1 116 ? 4.063   -8.488  17.423  1.00 10.12 ? 97  PHE A CE2 1 
ATOM 747  C CZ  . PHE A 1 116 ? 3.974   -8.819  16.071  1.00 9.54  ? 97  PHE A CZ  1 
ATOM 748  N N   . CYS A 1 117 ? 6.380   -3.749  15.057  1.00 9.68  ? 98  CYS A N   1 
ATOM 749  C CA  . CYS A 1 117 ? 7.042   -3.952  13.772  1.00 9.76  ? 98  CYS A CA  1 
ATOM 750  C C   . CYS A 1 117 ? 8.539   -3.669  13.857  1.00 10.87 ? 98  CYS A C   1 
ATOM 751  O O   . CYS A 1 117 ? 9.312   -4.292  13.145  1.00 10.99 ? 98  CYS A O   1 
ATOM 752  C CB  . CYS A 1 117 ? 6.402   -3.070  12.698  1.00 30.00 ? 98  CYS A CB  1 
ATOM 753  S SG  . CYS A 1 117 ? 4.682   -3.474  12.326  1.00 30.00 ? 98  CYS A SG  1 
ATOM 754  N N   . LYS A 1 118 ? 8.919   -2.716  14.717  1.00 11.39 ? 99  LYS A N   1 
ATOM 755  C CA  . LYS A 1 118 ? 10.323  -2.441  14.982  1.00 13.22 ? 99  LYS A CA  1 
ATOM 756  C C   . LYS A 1 118 ? 11.060  -3.624  15.622  1.00 13.90 ? 99  LYS A C   1 
ATOM 757  O O   . LYS A 1 118 ? 12.150  -3.977  15.191  1.00 14.13 ? 99  LYS A O   1 
ATOM 758  C CB  . LYS A 1 118 ? 10.474  -1.193  15.852  1.00 14.03 ? 99  LYS A CB  1 
ATOM 759  C CG  . LYS A 1 118 ? 11.912  -0.920  16.256  1.00 15.94 ? 99  LYS A CG  1 
ATOM 760  C CD  . LYS A 1 118 ? 12.169  0.528   16.278  1.00 17.89 ? 99  LYS A CD  1 
ATOM 761  C CE  . LYS A 1 118 ? 11.332  1.232   17.325  1.00 18.38 ? 99  LYS A CE  1 
ATOM 762  N NZ  . LYS A 1 118 ? 11.520  2.686   17.134  1.00 22.26 ? 99  LYS A NZ  1 
ATOM 763  N N   . GLU A 1 119 ? 10.444  -4.230  16.637  1.00 14.52 ? 100 GLU A N   1 
ATOM 764  C CA  . GLU A 1 119 ? 11.027  -5.384  17.324  1.00 16.01 ? 100 GLU A CA  1 
ATOM 765  C C   . GLU A 1 119 ? 11.054  -6.614  16.436  1.00 16.13 ? 100 GLU A C   1 
ATOM 766  O O   . GLU A 1 119 ? 11.992  -7.430  16.501  1.00 16.55 ? 100 GLU A O   1 
ATOM 767  C CB  . GLU A 1 119 ? 10.233  -5.714  18.581  1.00 15.84 ? 100 GLU A CB  1 
ATOM 768  C CG  . GLU A 1 119 ? 10.220  -4.605  19.652  1.00 17.33 ? 100 GLU A CG  1 
ATOM 769  C CD  . GLU A 1 119 ? 9.286   -4.962  20.806  1.00 17.96 ? 100 GLU A CD  1 
ATOM 770  O OE1 . GLU A 1 119 ? 8.953   -4.080  21.627  1.00 20.38 ? 100 GLU A OE1 1 
ATOM 771  O OE2 . GLU A 1 119 ? 8.859   -6.133  20.864  1.00 20.61 ? 100 GLU A OE2 1 
ATOM 772  N N   . LYS A 1 120 ? 10.010  -6.753  15.620  1.00 16.17 ? 101 LYS A N   1 
ATOM 773  C CA  . LYS A 1 120 ? 9.856   -7.911  14.733  1.00 15.75 ? 101 LYS A CA  1 
ATOM 774  C C   . LYS A 1 120 ? 10.687  -7.789  13.460  1.00 15.15 ? 101 LYS A C   1 
ATOM 775  O O   . LYS A 1 120 ? 10.873  -8.770  12.735  1.00 16.20 ? 101 LYS A O   1 
ATOM 776  C CB  . LYS A 1 120 ? 8.374   -8.112  14.394  1.00 15.68 ? 101 LYS A CB  1 
ATOM 777  C CG  . LYS A 1 120 ? 8.021   -9.431  13.763  1.00 16.89 ? 101 LYS A CG  1 
ATOM 778  C CD  . LYS A 1 120 ? 8.328   -10.612 14.671  1.00 17.20 ? 101 LYS A CD  1 
ATOM 779  C CE  . LYS A 1 120 ? 7.302   -10.796 15.796  1.00 17.30 ? 101 LYS A CE  1 
ATOM 780  N NZ  . LYS A 1 120 ? 7.649   -12.111 16.459  1.00 17.40 ? 101 LYS A NZ  1 
ATOM 781  N N   . GLY A 1 121 ? 11.195  -6.594  13.196  1.00 14.58 ? 102 GLY A N   1 
ATOM 782  C CA  . GLY A 1 121 ? 11.965  -6.325  11.982  1.00 13.70 ? 102 GLY A CA  1 
ATOM 783  C C   . GLY A 1 121 ? 11.172  -6.405  10.674  1.00 12.76 ? 102 GLY A C   1 
ATOM 784  O O   . GLY A 1 121 ? 11.646  -6.976  9.672   1.00 12.32 ? 102 GLY A O   1 
ATOM 785  N N   . VAL A 1 122 ? 9.969   -5.812  10.683  1.00 11.30 ? 103 VAL A N   1 
ATOM 786  C CA  . VAL A 1 122 ? 9.076   -5.818  9.520   1.00 9.29  ? 103 VAL A CA  1 
ATOM 787  C C   . VAL A 1 122 ? 8.733   -4.377  9.176   1.00 7.40  ? 103 VAL A C   1 
ATOM 788  O O   . VAL A 1 122 ? 8.539   -3.561  10.082  1.00 6.86  ? 103 VAL A O   1 
ATOM 789  C CB  . VAL A 1 122 ? 7.794   -6.605  9.821   1.00 9.36  ? 103 VAL A CB  1 
ATOM 790  C CG1 . VAL A 1 122 ? 6.840   -6.545  8.647   1.00 10.64 ? 103 VAL A CG1 1 
ATOM 791  C CG2 . VAL A 1 122 ? 8.140   -8.054  10.110  1.00 9.90  ? 103 VAL A CG2 1 
ATOM 792  N N   . PHE A 1 123 ? 8.691   -4.062  7.886   1.00 5.64  ? 104 PHE A N   1 
ATOM 793  C CA  . PHE A 1 123 ? 8.446   -2.705  7.425   1.00 6.23  ? 104 PHE A CA  1 
ATOM 794  C C   . PHE A 1 123 ? 6.996   -2.309  7.702   1.00 5.23  ? 104 PHE A C   1 
ATOM 795  O O   . PHE A 1 123 ? 6.088   -3.061  7.347   1.00 5.42  ? 104 PHE A O   1 
ATOM 796  C CB  . PHE A 1 123 ? 8.760   -2.573  5.930   1.00 6.89  ? 104 PHE A CB  1 
ATOM 797  C CG  . PHE A 1 123 ? 8.457   -1.194  5.370   1.00 10.01 ? 104 PHE A CG  1 
ATOM 798  C CD1 . PHE A 1 123 ? 9.349   -0.127  5.554   1.00 10.46 ? 104 PHE A CD1 1 
ATOM 799  C CD2 . PHE A 1 123 ? 7.267   -0.953  4.682   1.00 11.77 ? 104 PHE A CD2 1 
ATOM 800  C CE1 . PHE A 1 123 ? 9.062   1.149   5.049   1.00 11.94 ? 104 PHE A CE1 1 
ATOM 801  C CE2 . PHE A 1 123 ? 6.979   0.324   4.179   1.00 11.62 ? 104 PHE A CE2 1 
ATOM 802  C CZ  . PHE A 1 123 ? 7.885   1.373   4.365   1.00 10.87 ? 104 PHE A CZ  1 
ATOM 803  N N   . TYR A 1 124 ? 6.816   -1.163  8.349   1.00 4.87  ? 105 TYR A N   1 
ATOM 804  C CA  . TYR A 1 124 ? 5.509   -0.587  8.662   1.00 3.95  ? 105 TYR A CA  1 
ATOM 805  C C   . TYR A 1 124 ? 5.374   0.792   8.028   1.00 3.95  ? 105 TYR A C   1 
ATOM 806  O O   . TYR A 1 124 ? 6.235   1.693   8.195   1.00 4.00  ? 105 TYR A O   1 
ATOM 807  C CB  . TYR A 1 124 ? 5.326   -0.467  10.158  1.00 3.12  ? 105 TYR A CB  1 
ATOM 808  C CG  . TYR A 1 124 ? 4.079   0.296   10.638  1.00 2.36  ? 105 TYR A CG  1 
ATOM 809  C CD1 . TYR A 1 124 ? 2.797   -0.004  10.132  1.00 2.25  ? 105 TYR A CD1 1 
ATOM 810  C CD2 . TYR A 1 124 ? 4.168   1.239   11.651  1.00 2.00  ? 105 TYR A CD2 1 
ATOM 811  C CE1 . TYR A 1 124 ? 1.651   0.661   10.570  1.00 2.00  ? 105 TYR A CE1 1 
ATOM 812  C CE2 . TYR A 1 124 ? 3.014   1.891   12.148  1.00 4.60  ? 105 TYR A CE2 1 
ATOM 813  C CZ  . TYR A 1 124 ? 1.753   1.598   11.596  1.00 3.97  ? 105 TYR A CZ  1 
ATOM 814  O OH  . TYR A 1 124 ? 0.623   2.268   12.045  1.00 3.38  ? 105 TYR A OH  1 
ATOM 815  N N   . MET A 1 125 ? 4.284   0.957   7.290   1.00 3.17  ? 106 MET A N   1 
ATOM 816  C CA  . MET A 1 125 ? 3.959   2.244   6.699   1.00 4.62  ? 106 MET A CA  1 
ATOM 817  C C   . MET A 1 125 ? 2.661   2.757   7.323   1.00 2.99  ? 106 MET A C   1 
ATOM 818  O O   . MET A 1 125 ? 1.597   2.350   6.916   1.00 3.12  ? 106 MET A O   1 
ATOM 819  C CB  . MET A 1 125 ? 3.825   2.104   5.171   1.00 3.34  ? 106 MET A CB  1 
ATOM 820  C CG  . MET A 1 125 ? 3.386   3.406   4.520   1.00 5.67  ? 106 MET A CG  1 
ATOM 821  S SD  . MET A 1 125 ? 3.517   3.334   2.735   1.00 11.04 ? 106 MET A SD  1 
ATOM 822  C CE  . MET A 1 125 ? 2.119   2.319   2.294   1.00 9.58  ? 106 MET A CE  1 
ATOM 823  N N   . PRO A 1 126 ? 2.753   3.636   8.332   1.00 2.94  ? 107 PRO A N   1 
ATOM 824  C CA  . PRO A 1 126 ? 1.568   4.216   8.929   1.00 2.29  ? 107 PRO A CA  1 
ATOM 825  C C   . PRO A 1 126 ? 0.973   5.265   7.980   1.00 2.42  ? 107 PRO A C   1 
ATOM 826  O O   . PRO A 1 126 ? 1.697   5.865   7.172   1.00 3.98  ? 107 PRO A O   1 
ATOM 827  C CB  . PRO A 1 126 ? 2.117   4.941   10.172  1.00 2.44  ? 107 PRO A CB  1 
ATOM 828  C CG  . PRO A 1 126 ? 3.530   5.343   9.791   1.00 2.00  ? 107 PRO A CG  1 
ATOM 829  C CD  . PRO A 1 126 ? 4.001   4.172   8.916   1.00 3.71  ? 107 PRO A CD  1 
ATOM 830  N N   . GLY A 1 127 ? -0.327  5.515   8.149   1.00 3.11  ? 108 GLY A N   1 
ATOM 831  C CA  . GLY A 1 127 ? -1.020  6.540   7.351   1.00 3.27  ? 108 GLY A CA  1 
ATOM 832  C C   . GLY A 1 127 ? -1.075  7.842   8.116   1.00 2.57  ? 108 GLY A C   1 
ATOM 833  O O   . GLY A 1 127 ? -1.170  7.794   9.352   1.00 2.07  ? 108 GLY A O   1 
ATOM 834  N N   . VAL A 1 128 ? -1.023  8.969   7.412   1.00 2.96  ? 109 VAL A N   1 
ATOM 835  C CA  . VAL A 1 128 ? -0.950  10.288  8.093   1.00 4.37  ? 109 VAL A CA  1 
ATOM 836  C C   . VAL A 1 128 ? -1.777  11.258  7.254   1.00 4.02  ? 109 VAL A C   1 
ATOM 837  O O   . VAL A 1 128 ? -1.874  11.024  6.042   1.00 3.04  ? 109 VAL A O   1 
ATOM 838  C CB  . VAL A 1 128 ? 0.528   10.703  8.177   1.00 6.35  ? 109 VAL A CB  1 
ATOM 839  C CG1 . VAL A 1 128 ? 0.791   12.165  7.865   1.00 3.75  ? 109 VAL A CG1 1 
ATOM 840  C CG2 . VAL A 1 128 ? 1.179   10.278  9.483   1.00 7.54  ? 109 VAL A CG2 1 
ATOM 841  N N   . MET A 1 129 ? -2.388  12.265  7.877   1.00 4.24  ? 110 MET A N   1 
ATOM 842  C CA  . MET A 1 129 ? -3.118  13.279  7.080   1.00 6.26  ? 110 MET A CA  1 
ATOM 843  C C   . MET A 1 129 ? -2.699  14.696  7.487   1.00 5.11  ? 110 MET A C   1 
ATOM 844  O O   . MET A 1 129 ? -3.171  15.638  6.828   1.00 5.55  ? 110 MET A O   1 
ATOM 845  C CB  . MET A 1 129 ? -4.628  13.130  7.264   1.00 6.35  ? 110 MET A CB  1 
ATOM 846  C CG  . MET A 1 129 ? -5.427  14.139  6.475   1.00 10.63 ? 110 MET A CG  1 
ATOM 847  S SD  . MET A 1 129 ? -7.198  13.781  6.502   1.00 7.28  ? 110 MET A SD  1 
ATOM 848  C CE  . MET A 1 129 ? -7.835  15.228  5.656   1.00 6.44  ? 110 MET A CE  1 
ATOM 849  N N   . THR A 1 130 ? -1.867  14.863  8.526   1.00 3.54  ? 111 THR A N   1 
ATOM 850  C CA  . THR A 1 130 ? -1.551  16.218  8.957   1.00 3.46  ? 111 THR A CA  1 
ATOM 851  C C   . THR A 1 130 ? -0.048  16.379  9.199   1.00 3.65  ? 111 THR A C   1 
ATOM 852  O O   . THR A 1 130 ? 0.635   15.390  9.385   1.00 2.00  ? 111 THR A O   1 
ATOM 853  C CB  . THR A 1 130 ? -2.298  16.673  10.252  1.00 4.35  ? 111 THR A CB  1 
ATOM 854  O OG1 . THR A 1 130 ? -1.595  16.217  11.422  1.00 3.87  ? 111 THR A OG1 1 
ATOM 855  C CG2 . THR A 1 130 ? -3.767  16.153  10.314  1.00 2.35  ? 111 THR A CG2 1 
ATOM 856  N N   . PRO A 1 131 ? 0.456   17.630  9.171   1.00 3.38  ? 112 PRO A N   1 
ATOM 857  C CA  . PRO A 1 131 ? 1.858   17.862  9.618   1.00 3.97  ? 112 PRO A CA  1 
ATOM 858  C C   . PRO A 1 131 ? 2.218   17.333  11.024  1.00 3.73  ? 112 PRO A C   1 
ATOM 859  O O   . PRO A 1 131 ? 3.329   16.780  11.212  1.00 4.11  ? 112 PRO A O   1 
ATOM 860  C CB  . PRO A 1 131 ? 2.015   19.385  9.501   1.00 4.28  ? 112 PRO A CB  1 
ATOM 861  C CG  . PRO A 1 131 ? 1.134   19.692  8.270   1.00 4.95  ? 112 PRO A CG  1 
ATOM 862  C CD  . PRO A 1 131 ? -0.146  18.853  8.622   1.00 3.00  ? 112 PRO A CD  1 
ATOM 863  N N   . THR A 1 132 ? 1.308   17.459  11.975  1.00 3.09  ? 113 THR A N   1 
ATOM 864  C CA  . THR A 1 132 ? 1.566   16.954  13.322  1.00 3.61  ? 113 THR A CA  1 
ATOM 865  C C   . THR A 1 132 ? 1.674   15.424  13.338  1.00 4.17  ? 113 THR A C   1 
ATOM 866  O O   . THR A 1 132 ? 2.559   14.864  13.983  1.00 4.61  ? 113 THR A O   1 
ATOM 867  C CB  . THR A 1 132 ? 0.572   17.524  14.359  1.00 3.56  ? 113 THR A CB  1 
ATOM 868  O OG1 . THR A 1 132 ? 0.597   18.962  14.287  1.00 3.39  ? 113 THR A OG1 1 
ATOM 869  C CG2 . THR A 1 132 ? 0.926   17.105  15.785  1.00 5.24  ? 113 THR A CG2 1 
ATOM 870  N N   . GLU A 1 133 ? 0.767   14.741  12.633  1.00 3.62  ? 114 GLU A N   1 
ATOM 871  C CA  . GLU A 1 133 ? 0.853   13.294  12.505  1.00 3.81  ? 114 GLU A CA  1 
ATOM 872  C C   . GLU A 1 133 ? 2.135   12.840  11.831  1.00 3.67  ? 114 GLU A C   1 
ATOM 873  O O   . GLU A 1 133 ? 2.753   11.850  12.272  1.00 3.92  ? 114 GLU A O   1 
ATOM 874  C CB  . GLU A 1 133 ? -0.392  12.725  11.804  1.00 2.69  ? 114 GLU A CB  1 
ATOM 875  C CG  . GLU A 1 133 ? -1.671  12.962  12.656  1.00 3.81  ? 114 GLU A CG  1 
ATOM 876  C CD  . GLU A 1 133 ? -2.988  12.607  11.942  1.00 4.97  ? 114 GLU A CD  1 
ATOM 877  O OE1 . GLU A 1 133 ? -2.934  12.329  10.728  1.00 4.45  ? 114 GLU A OE1 1 
ATOM 878  O OE2 . GLU A 1 133 ? -4.044  12.612  12.623  1.00 3.80  ? 114 GLU A OE2 1 
ATOM 879  N N   . LEU A 1 134 ? 2.502   13.554  10.768  1.00 3.50  ? 115 LEU A N   1 
ATOM 880  C CA  . LEU A 1 134 ? 3.740   13.333  10.029  1.00 3.92  ? 115 LEU A CA  1 
ATOM 881  C C   . LEU A 1 134 ? 4.922   13.410  11.000  1.00 4.51  ? 115 LEU A C   1 
ATOM 882  O O   . LEU A 1 134 ? 5.768   12.501  11.024  1.00 3.90  ? 115 LEU A O   1 
ATOM 883  C CB  . LEU A 1 134 ? 3.894   14.393  8.942   1.00 3.60  ? 115 LEU A CB  1 
ATOM 884  C CG  . LEU A 1 134 ? 5.133   14.426  8.025   1.00 7.03  ? 115 LEU A CG  1 
ATOM 885  C CD1 . LEU A 1 134 ? 4.840   15.305  6.811   1.00 9.76  ? 115 LEU A CD1 1 
ATOM 886  C CD2 . LEU A 1 134 ? 6.323   14.991  8.751   1.00 10.44 ? 115 LEU A CD2 1 
ATOM 887  N N   . VAL A 1 135 ? 4.970   14.475  11.797  1.00 3.64  ? 116 VAL A N   1 
ATOM 888  C CA  . VAL A 1 135 ? 6.127   14.658  12.677  1.00 4.89  ? 116 VAL A CA  1 
ATOM 889  C C   . VAL A 1 135 ? 6.210   13.548  13.724  1.00 4.63  ? 116 VAL A C   1 
ATOM 890  O O   . VAL A 1 135 ? 7.303   12.961  13.939  1.00 4.06  ? 116 VAL A O   1 
ATOM 891  C CB  . VAL A 1 135 ? 6.205   16.078  13.260  1.00 4.22  ? 116 VAL A CB  1 
ATOM 892  C CG1 . VAL A 1 135 ? 7.266   16.123  14.387  1.00 6.88  ? 116 VAL A CG1 1 
ATOM 893  C CG2 . VAL A 1 135 ? 6.552   17.061  12.126  1.00 4.50  ? 116 VAL A CG2 1 
ATOM 894  N N   . LYS A 1 136 ? 5.072   13.217  14.352  1.00 4.31  ? 117 LYS A N   1 
ATOM 895  C CA  . LYS A 1 136 ? 5.028   12.078  15.253  1.00 5.18  ? 117 LYS A CA  1 
ATOM 896  C C   . LYS A 1 136 ? 5.554   10.783  14.605  1.00 5.54  ? 117 LYS A C   1 
ATOM 897  O O   . LYS A 1 136 ? 6.282   10.021  15.250  1.00 4.74  ? 117 LYS A O   1 
ATOM 898  C CB  . LYS A 1 136 ? 3.630   11.869  15.806  1.00 5.61  ? 117 LYS A CB  1 
ATOM 899  C CG  . LYS A 1 136 ? 3.546   10.836  16.951  1.00 8.66  ? 117 LYS A CG  1 
ATOM 900  C CD  . LYS A 1 136 ? 2.124   10.666  17.436  1.00 10.08 ? 117 LYS A CD  1 
ATOM 901  C CE  . LYS A 1 136 ? 1.560   11.995  17.962  1.00 15.92 ? 117 LYS A CE  1 
ATOM 902  N NZ  . LYS A 1 136 ? 1.808   12.166  19.447  1.00 22.60 ? 117 LYS A NZ  1 
ATOM 903  N N   . ALA A 1 137 ? 5.160   10.517  13.362  1.00 4.99  ? 118 ALA A N   1 
ATOM 904  C CA  . ALA A 1 137 ? 5.624   9.314   12.650  1.00 6.36  ? 118 ALA A CA  1 
ATOM 905  C C   . ALA A 1 137 ? 7.158   9.357   12.448  1.00 7.30  ? 118 ALA A C   1 
ATOM 906  O O   . ALA A 1 137 ? 7.858   8.351   12.672  1.00 7.58  ? 118 ALA A O   1 
ATOM 907  C CB  . ALA A 1 137 ? 4.921   9.178   11.332  1.00 4.65  ? 118 ALA A CB  1 
ATOM 908  N N   . MET A 1 138 ? 7.667   10.504  12.012  1.00 8.10  ? 119 MET A N   1 
ATOM 909  C CA  . MET A 1 138 ? 9.140   10.707  11.901  1.00 11.49 ? 119 MET A CA  1 
ATOM 910  C C   . MET A 1 138 ? 9.865   10.440  13.222  1.00 10.25 ? 119 MET A C   1 
ATOM 911  O O   . MET A 1 138 ? 10.893  9.755   13.226  1.00 10.48 ? 119 MET A O   1 
ATOM 912  C CB  . MET A 1 138 ? 9.482   12.100  11.400  1.00 10.10 ? 119 MET A CB  1 
ATOM 913  C CG  . MET A 1 138 ? 8.943   12.426  10.035  1.00 13.72 ? 119 MET A CG  1 
ATOM 914  S SD  . MET A 1 138 ? 9.633   14.001  9.504   1.00 21.37 ? 119 MET A SD  1 
ATOM 915  C CE  . MET A 1 138 ? 11.331  13.494  9.136   1.00 24.50 ? 119 MET A CE  1 
ATOM 916  N N   . LYS A 1 139 ? 9.321   10.954  14.327  1.00 10.07 ? 120 LYS A N   1 
ATOM 917  C CA  . LYS A 1 139 ? 9.865   10.671  15.669  1.00 11.55 ? 120 LYS A CA  1 
ATOM 918  C C   . LYS A 1 139 ? 9.838   9.209   16.075  1.00 12.18 ? 120 LYS A C   1 
ATOM 919  O O   . LYS A 1 139 ? 10.535  8.799   17.032  1.00 12.53 ? 120 LYS A O   1 
ATOM 920  C CB  . LYS A 1 139 ? 9.146   11.507  16.740  1.00 12.12 ? 120 LYS A CB  1 
ATOM 921  C CG  . LYS A 1 139 ? 9.386   12.978  16.584  1.00 12.70 ? 120 LYS A CG  1 
ATOM 922  C CD  . LYS A 1 139 ? 8.776   13.727  17.743  1.00 17.84 ? 120 LYS A CD  1 
ATOM 923  C CE  . LYS A 1 139 ? 9.227   15.183  17.697  1.00 18.95 ? 120 LYS A CE  1 
ATOM 924  N NZ  . LYS A 1 139 ? 8.340   16.043  18.510  1.00 21.05 ? 120 LYS A NZ  1 
ATOM 925  N N   . LEU A 1 140 ? 9.024   8.413   15.375  1.00 11.43 ? 121 LEU A N   1 
ATOM 926  C CA  . LEU A 1 140 ? 8.955   6.981   15.614  1.00 11.26 ? 121 LEU A CA  1 
ATOM 927  C C   . LEU A 1 140 ? 9.816   6.207   14.622  1.00 11.23 ? 121 LEU A C   1 
ATOM 928  O O   . LEU A 1 140 ? 9.811   4.974   14.625  1.00 12.60 ? 121 LEU A O   1 
ATOM 929  C CB  . LEU A 1 140 ? 7.508   6.495   15.539  1.00 10.74 ? 121 LEU A CB  1 
ATOM 930  C CG  . LEU A 1 140 ? 6.642   6.648   16.779  1.00 12.63 ? 121 LEU A CG  1 
ATOM 931  C CD1 . LEU A 1 140 ? 5.167   6.403   16.437  1.00 14.60 ? 121 LEU A CD1 1 
ATOM 932  C CD2 . LEU A 1 140 ? 7.094   5.638   17.818  1.00 15.37 ? 121 LEU A CD2 1 
ATOM 933  N N   . GLY A 1 141 ? 10.492  6.945   13.752  1.00 11.27 ? 122 GLY A N   1 
ATOM 934  C CA  . GLY A 1 141 ? 11.503  6.420   12.858  1.00 11.12 ? 122 GLY A CA  1 
ATOM 935  C C   . GLY A 1 141 ? 11.067  6.248   11.421  1.00 11.68 ? 122 GLY A C   1 
ATOM 936  O O   . GLY A 1 141 ? 11.771  5.603   10.654  1.00 11.93 ? 122 GLY A O   1 
ATOM 937  N N   . HIS A 1 142 ? 9.901   6.793   11.050  1.00 11.35 ? 123 HIS A N   1 
ATOM 938  C CA  . HIS A 1 142 ? 9.338   6.552   9.712   1.00 10.58 ? 123 HIS A CA  1 
ATOM 939  C C   . HIS A 1 142 ? 9.604   7.718   8.777   1.00 10.77 ? 123 HIS A C   1 
ATOM 940  O O   . HIS A 1 142 ? 9.426   8.871   9.147   1.00 10.92 ? 123 HIS A O   1 
ATOM 941  C CB  . HIS A 1 142 ? 7.824   6.301   9.783   1.00 10.35 ? 123 HIS A CB  1 
ATOM 942  C CG  . HIS A 1 142 ? 7.435   5.207   10.722  1.00 8.08  ? 123 HIS A CG  1 
ATOM 943  N ND1 . HIS A 1 142 ? 7.460   3.879   10.357  1.00 10.96 ? 123 HIS A ND1 1 
ATOM 944  C CD2 . HIS A 1 142 ? 7.012   5.237   12.006  1.00 9.06  ? 123 HIS A CD2 1 
ATOM 945  C CE1 . HIS A 1 142 ? 7.069   3.138   11.377  1.00 8.35  ? 123 HIS A CE1 1 
ATOM 946  N NE2 . HIS A 1 142 ? 6.795   3.941   12.392  1.00 9.63  ? 123 HIS A NE2 1 
ATOM 947  N N   . THR A 1 143 ? 10.015  7.434   7.552   1.00 10.29 ? 124 THR A N   1 
ATOM 948  C CA  . THR A 1 143 ? 10.149  8.530   6.579   1.00 11.13 ? 124 THR A CA  1 
ATOM 949  C C   . THR A 1 143 ? 9.355   8.240   5.302   1.00 10.11 ? 124 THR A C   1 
ATOM 950  O O   . THR A 1 143 ? 9.224   9.098   4.436   1.00 11.35 ? 124 THR A O   1 
ATOM 951  C CB  . THR A 1 143 ? 11.622  8.833   6.260   1.00 11.50 ? 124 THR A CB  1 
ATOM 952  O OG1 . THR A 1 143 ? 12.292  7.613   5.974   1.00 14.26 ? 124 THR A OG1 1 
ATOM 953  C CG2 . THR A 1 143 ? 12.306  9.542   7.451   1.00 14.88 ? 124 THR A CG2 1 
ATOM 954  N N   . ILE A 1 144 ? 8.840   7.022   5.186   1.00 8.69  ? 125 ILE A N   1 
ATOM 955  C CA  . ILE A 1 144 ? 7.918   6.699   4.096   1.00 7.98  ? 125 ILE A CA  1 
ATOM 956  C C   . ILE A 1 144 ? 6.535   6.552   4.712   1.00 7.63  ? 125 ILE A C   1 
ATOM 957  O O   . ILE A 1 144 ? 6.297   5.686   5.574   1.00 8.21  ? 125 ILE A O   1 
ATOM 958  C CB  . ILE A 1 144 ? 8.298   5.429   3.339   1.00 8.07  ? 125 ILE A CB  1 
ATOM 959  C CG1 . ILE A 1 144 ? 9.693   5.604   2.716   1.00 8.20  ? 125 ILE A CG1 1 
ATOM 960  C CG2 . ILE A 1 144 ? 7.193   5.086   2.294   1.00 6.83  ? 125 ILE A CG2 1 
ATOM 961  C CD1 . ILE A 1 144 ? 10.271  4.304   2.135   1.00 8.66  ? 125 ILE A CD1 1 
ATOM 962  N N   . LEU A 1 145 ? 5.644   7.442   4.288   1.00 7.06  ? 126 LEU A N   1 
ATOM 963  C CA  . LEU A 1 145 ? 4.337   7.534   4.922   1.00 6.79  ? 126 LEU A CA  1 
ATOM 964  C C   . LEU A 1 145 ? 3.205   7.287   3.941   1.00 6.30  ? 126 LEU A C   1 
ATOM 965  O O   . LEU A 1 145 ? 3.233   7.759   2.792   1.00 7.26  ? 126 LEU A O   1 
ATOM 966  C CB  . LEU A 1 145 ? 4.168   8.891   5.560   1.00 6.54  ? 126 LEU A CB  1 
ATOM 967  C CG  . LEU A 1 145 ? 5.018   9.285   6.781   1.00 8.68  ? 126 LEU A CG  1 
ATOM 968  C CD1 . LEU A 1 145 ? 5.217   8.134   7.771   1.00 7.97  ? 126 LEU A CD1 1 
ATOM 969  C CD2 . LEU A 1 145 ? 6.293   9.875   6.373   1.00 14.86 ? 126 LEU A CD2 1 
ATOM 970  N N   . LYS A 1 146 ? 2.217   6.537   4.389   1.00 5.16  ? 127 LYS A N   1 
ATOM 971  C CA  . LYS A 1 146 ? 0.985   6.479   3.625   1.00 4.49  ? 127 LYS A CA  1 
ATOM 972  C C   . LYS A 1 146 ? 0.254   7.812   3.799   1.00 4.13  ? 127 LYS A C   1 
ATOM 973  O O   . LYS A 1 146 ? 0.122   8.322   4.923   1.00 4.66  ? 127 LYS A O   1 
ATOM 974  C CB  . LYS A 1 146 ? 0.141   5.289   4.079   1.00 3.67  ? 127 LYS A CB  1 
ATOM 975  C CG  . LYS A 1 146 ? -1.251  5.268   3.538   1.00 3.75  ? 127 LYS A CG  1 
ATOM 976  C CD  . LYS A 1 146 ? -1.876  3.936   3.988   1.00 5.22  ? 127 LYS A CD  1 
ATOM 977  C CE  . LYS A 1 146 ? -3.363  4.000   4.133   1.00 3.11  ? 127 LYS A CE  1 
ATOM 978  N NZ  . LYS A 1 146 ? -3.864  2.566   4.212   1.00 3.31  ? 127 LYS A NZ  1 
ATOM 979  N N   . LEU A 1 147 ? -0.166  8.427   2.703   1.00 2.87  ? 128 LEU A N   1 
ATOM 980  C CA  . LEU A 1 147 ? -0.977  9.661   2.835   1.00 2.16  ? 128 LEU A CA  1 
ATOM 981  C C   . LEU A 1 147 ? -2.426  9.244   2.600   1.00 2.46  ? 128 LEU A C   1 
ATOM 982  O O   . LEU A 1 147 ? -2.755  8.755   1.531   1.00 3.37  ? 128 LEU A O   1 
ATOM 983  C CB  . LEU A 1 147 ? -0.520  10.710  1.801   1.00 2.00  ? 128 LEU A CB  1 
ATOM 984  C CG  . LEU A 1 147 ? -1.245  12.054  1.888   1.00 2.00  ? 128 LEU A CG  1 
ATOM 985  C CD1 . LEU A 1 147 ? -0.947  12.786  3.219   1.00 2.88  ? 128 LEU A CD1 1 
ATOM 986  C CD2 . LEU A 1 147 ? -0.824  12.914  0.667   1.00 2.09  ? 128 LEU A CD2 1 
ATOM 987  N N   . PHE A 1 148 ? -3.286  9.391   3.599   1.00 2.60  ? 129 PHE A N   1 
ATOM 988  C CA  . PHE A 1 148 ? -4.652  8.846   3.478   1.00 2.52  ? 129 PHE A CA  1 
ATOM 989  C C   . PHE A 1 148 ? -5.614  9.735   4.249   1.00 3.92  ? 129 PHE A C   1 
ATOM 990  O O   . PHE A 1 148 ? -5.334  10.053  5.442   1.00 3.07  ? 129 PHE A O   1 
ATOM 991  C CB  . PHE A 1 148 ? -4.726  7.415   4.021   1.00 2.00  ? 129 PHE A CB  1 
ATOM 992  C CG  . PHE A 1 148 ? -6.140  6.847   4.038   1.00 2.00  ? 129 PHE A CG  1 
ATOM 993  C CD1 . PHE A 1 148 ? -6.775  6.508   2.833   1.00 2.35  ? 129 PHE A CD1 1 
ATOM 994  C CD2 . PHE A 1 148 ? -6.810  6.637   5.230   1.00 2.00  ? 129 PHE A CD2 1 
ATOM 995  C CE1 . PHE A 1 148 ? -8.069  6.017   2.809   1.00 2.24  ? 129 PHE A CE1 1 
ATOM 996  C CE2 . PHE A 1 148 ? -8.118  6.108   5.229   1.00 2.00  ? 129 PHE A CE2 1 
ATOM 997  C CZ  . PHE A 1 148 ? -8.745  5.787   4.007   1.00 2.00  ? 129 PHE A CZ  1 
ATOM 998  N N   . PRO A 1 149 ? -6.756  10.134  3.619   1.00 3.76  ? 130 PRO A N   1 
ATOM 999  C CA  . PRO A 1 149 ? -7.215  9.795   2.249   1.00 4.76  ? 130 PRO A CA  1 
ATOM 1000 C C   . PRO A 1 149 ? -6.693  10.797  1.223   1.00 5.19  ? 130 PRO A C   1 
ATOM 1001 O O   . PRO A 1 149 ? -6.891  12.012  1.366   1.00 6.01  ? 130 PRO A O   1 
ATOM 1002 C CB  . PRO A 1 149 ? -8.753  9.822   2.366   1.00 2.98  ? 130 PRO A CB  1 
ATOM 1003 C CG  . PRO A 1 149 ? -9.038  10.824  3.455   1.00 5.43  ? 130 PRO A CG  1 
ATOM 1004 C CD  . PRO A 1 149 ? -7.739  10.970  4.330   1.00 3.44  ? 130 PRO A CD  1 
ATOM 1005 N N   . GLY A 1 150 ? -6.006  10.292  0.209   1.00 7.14  ? 131 GLY A N   1 
ATOM 1006 C CA  . GLY A 1 150 ? -5.399  11.151  -0.831  1.00 8.85  ? 131 GLY A CA  1 
ATOM 1007 C C   . GLY A 1 150 ? -6.398  12.047  -1.556  1.00 10.41 ? 131 GLY A C   1 
ATOM 1008 O O   . GLY A 1 150 ? -6.084  13.185  -1.879  1.00 12.19 ? 131 GLY A O   1 
ATOM 1009 N N   . GLU A 1 151 ? -7.601  11.548  -1.800  1.00 11.56 ? 132 GLU A N   1 
ATOM 1010 C CA  . GLU A 1 151 ? -8.647  12.341  -2.470  1.00 12.81 ? 132 GLU A CA  1 
ATOM 1011 C C   . GLU A 1 151 ? -9.118  13.562  -1.672  1.00 12.76 ? 132 GLU A C   1 
ATOM 1012 O O   . GLU A 1 151 ? -9.694  14.495  -2.247  1.00 14.89 ? 132 GLU A O   1 
ATOM 1013 C CB  . GLU A 1 151 ? -9.832  11.456  -2.934  1.00 12.85 ? 132 GLU A CB  1 
ATOM 1014 C CG  . GLU A 1 151 ? -10.637 10.825  -1.815  1.00 15.06 ? 132 GLU A CG  1 
ATOM 1015 C CD  . GLU A 1 151 ? -10.129 9.436   -1.418  1.00 18.22 ? 132 GLU A CD  1 
ATOM 1016 O OE1 . GLU A 1 151 ? -9.094  9.320   -0.724  1.00 17.85 ? 132 GLU A OE1 1 
ATOM 1017 O OE2 . GLU A 1 151 ? -10.788 8.450   -1.783  1.00 19.17 ? 132 GLU A OE2 1 
ATOM 1018 N N   . VAL A 1 152 ? -8.862  13.543  -0.364  1.00 11.24 ? 133 VAL A N   1 
ATOM 1019 C CA  . VAL A 1 152 ? -9.278  14.684  0.500   1.00 10.35 ? 133 VAL A CA  1 
ATOM 1020 C C   . VAL A 1 152 ? -8.164  15.732  0.494   1.00 10.98 ? 133 VAL A C   1 
ATOM 1021 O O   . VAL A 1 152 ? -8.470  16.907  0.237   1.00 11.47 ? 133 VAL A O   1 
ATOM 1022 C CB  . VAL A 1 152 ? -9.613  14.198  1.921   1.00 9.13  ? 133 VAL A CB  1 
ATOM 1023 C CG1 . VAL A 1 152 ? -9.427  15.277  2.975   1.00 11.87 ? 133 VAL A CG1 1 
ATOM 1024 C CG2 . VAL A 1 152 ? -11.018 13.628  1.983   1.00 8.06  ? 133 VAL A CG2 1 
ATOM 1025 N N   . VAL A 1 153 ? -6.916  15.314  0.701   1.00 10.10 ? 134 VAL A N   1 
ATOM 1026 C CA  . VAL A 1 153 ? -5.808  16.304  0.816   1.00 10.84 ? 134 VAL A CA  1 
ATOM 1027 C C   . VAL A 1 153 ? -5.289  16.650  -0.580  1.00 10.68 ? 134 VAL A C   1 
ATOM 1028 O O   . VAL A 1 153 ? -5.104  17.845  -0.849  1.00 9.52  ? 134 VAL A O   1 
ATOM 1029 C CB  . VAL A 1 153 ? -4.705  15.750  1.733   1.00 11.89 ? 134 VAL A CB  1 
ATOM 1030 C CG1 . VAL A 1 153 ? -5.022  16.002  3.195   1.00 11.09 ? 134 VAL A CG1 1 
ATOM 1031 C CG2 . VAL A 1 153 ? -4.455  14.271  1.503   1.00 10.02 ? 134 VAL A CG2 1 
ATOM 1032 N N   . GLY A 1 154 ? -5.077  15.656  -1.431  1.00 11.41 ? 135 GLY A N   1 
ATOM 1033 C CA  . GLY A 1 154 ? -4.556  15.814  -2.809  1.00 10.96 ? 135 GLY A CA  1 
ATOM 1034 C C   . GLY A 1 154 ? -3.049  15.942  -2.987  1.00 10.24 ? 135 GLY A C   1 
ATOM 1035 O O   . GLY A 1 154 ? -2.307  16.028  -2.007  1.00 10.05 ? 135 GLY A O   1 
ATOM 1036 N N   . PRO A 1 155 ? -2.591  15.999  -4.248  1.00 9.70  ? 136 PRO A N   1 
ATOM 1037 C CA  . PRO A 1 155 ? -1.211  16.347  -4.565  1.00 9.82  ? 136 PRO A CA  1 
ATOM 1038 C C   . PRO A 1 155 ? -0.752  17.639  -3.896  1.00 10.04 ? 136 PRO A C   1 
ATOM 1039 O O   . PRO A 1 155 ? 0.417   17.760  -3.545  1.00 9.50  ? 136 PRO A O   1 
ATOM 1040 C CB  . PRO A 1 155 ? -1.229  16.541  -6.086  1.00 9.95  ? 136 PRO A CB  1 
ATOM 1041 C CG  . PRO A 1 155 ? -2.363  15.745  -6.569  1.00 10.27 ? 136 PRO A CG  1 
ATOM 1042 C CD  . PRO A 1 155 ? -3.381  15.674  -5.458  1.00 10.04 ? 136 PRO A CD  1 
ATOM 1043 N N   . GLN A 1 156 ? -1.667  18.607  -3.740  1.00 10.01 ? 137 GLN A N   1 
ATOM 1044 C CA  . GLN A 1 156 ? -1.392  19.865  -3.095  1.00 10.76 ? 137 GLN A CA  1 
ATOM 1045 C C   . GLN A 1 156 ? -0.709  19.641  -1.750  1.00 9.93  ? 137 GLN A C   1 
ATOM 1046 O O   . GLN A 1 156 ? 0.212   20.376  -1.397  1.00 8.07  ? 137 GLN A O   1 
ATOM 1047 C CB  . GLN A 1 156 ? -2.704  20.651  -2.854  1.00 11.94 ? 137 GLN A CB  1 
ATOM 1048 C CG  . GLN A 1 156 ? -3.465  21.082  -4.137  1.00 16.48 ? 137 GLN A CG  1 
ATOM 1049 C CD  . GLN A 1 156 ? -4.325  19.970  -4.772  1.00 21.68 ? 137 GLN A CD  1 
ATOM 1050 O OE1 . GLN A 1 156 ? -4.257  18.798  -4.393  1.00 18.66 ? 137 GLN A OE1 1 
ATOM 1051 N NE2 . GLN A 1 156 ? -5.117  20.354  -5.778  1.00 22.41 ? 137 GLN A NE2 1 
ATOM 1052 N N   . PHE A 1 157 ? -1.181  18.637  -1.011  1.00 6.62  ? 138 PHE A N   1 
ATOM 1053 C CA  . PHE A 1 157 ? -0.655  18.376  0.310   1.00 5.94  ? 138 PHE A CA  1 
ATOM 1054 C C   . PHE A 1 157 ? 0.770   17.874  0.156   1.00 4.80  ? 138 PHE A C   1 
ATOM 1055 O O   . PHE A 1 157 ? 1.688   18.313  0.886   1.00 5.18  ? 138 PHE A O   1 
ATOM 1056 C CB  . PHE A 1 157 ? -1.491  17.316  1.022   1.00 5.60  ? 138 PHE A CB  1 
ATOM 1057 C CG  . PHE A 1 157 ? -1.048  17.041  2.437   1.00 4.79  ? 138 PHE A CG  1 
ATOM 1058 C CD1 . PHE A 1 157 ? -0.045  16.095  2.706   1.00 5.39  ? 138 PHE A CD1 1 
ATOM 1059 C CD2 . PHE A 1 157 ? -1.653  17.691  3.501   1.00 6.07  ? 138 PHE A CD2 1 
ATOM 1060 C CE1 . PHE A 1 157 ? 0.367   15.842  4.011   1.00 2.00  ? 138 PHE A CE1 1 
ATOM 1061 C CE2 . PHE A 1 157 ? -1.256  17.442  4.802   1.00 7.63  ? 138 PHE A CE2 1 
ATOM 1062 C CZ  . PHE A 1 157 ? -0.261  16.499  5.062   1.00 3.21  ? 138 PHE A CZ  1 
ATOM 1063 N N   . VAL A 1 158 ? 0.971   16.985  -0.803  1.00 4.26  ? 139 VAL A N   1 
ATOM 1064 C CA  . VAL A 1 158 ? 2.315   16.417  -1.023  1.00 5.92  ? 139 VAL A CA  1 
ATOM 1065 C C   . VAL A 1 158 ? 3.305   17.551  -1.392  1.00 6.74  ? 139 VAL A C   1 
ATOM 1066 O O   . VAL A 1 158 ? 4.415   17.661  -0.841  1.00 7.22  ? 139 VAL A O   1 
ATOM 1067 C CB  . VAL A 1 158 ? 2.284   15.330  -2.110  1.00 5.18  ? 139 VAL A CB  1 
ATOM 1068 C CG1 . VAL A 1 158 ? 3.692   14.899  -2.546  1.00 5.57  ? 139 VAL A CG1 1 
ATOM 1069 C CG2 . VAL A 1 158 ? 1.495   14.087  -1.617  1.00 5.44  ? 139 VAL A CG2 1 
ATOM 1070 N N   . LYS A 1 159 ? 2.886   18.432  -2.300  1.00 8.23  ? 140 LYS A N   1 
ATOM 1071 C CA  . LYS A 1 159 ? 3.760   19.559  -2.659  1.00 9.33  ? 140 LYS A CA  1 
ATOM 1072 C C   . LYS A 1 159 ? 4.052   20.481  -1.478  1.00 8.99  ? 140 LYS A C   1 
ATOM 1073 O O   . LYS A 1 159 ? 5.178   20.977  -1.366  1.00 10.70 ? 140 LYS A O   1 
ATOM 1074 C CB  . LYS A 1 159 ? 3.199   20.369  -3.821  1.00 10.16 ? 140 LYS A CB  1 
ATOM 1075 C CG  . LYS A 1 159 ? 3.089   19.597  -5.139  1.00 14.62 ? 140 LYS A CG  1 
ATOM 1076 C CD  . LYS A 1 159 ? 2.491   20.524  -6.205  1.00 21.15 ? 140 LYS A CD  1 
ATOM 1077 C CE  . LYS A 1 159 ? 1.924   19.768  -7.392  1.00 24.58 ? 140 LYS A CE  1 
ATOM 1078 N NZ  . LYS A 1 159 ? 1.626   20.779  -8.462  1.00 27.37 ? 140 LYS A NZ  1 
ATOM 1079 N N   . ALA A 1 160 ? 3.048   20.735  -0.637  1.00 9.78  ? 141 ALA A N   1 
ATOM 1080 C CA  . ALA A 1 160 ? 3.199   21.593  0.566   1.00 9.42  ? 141 ALA A CA  1 
ATOM 1081 C C   . ALA A 1 160 ? 4.197   21.022  1.578   1.00 9.68  ? 141 ALA A C   1 
ATOM 1082 O O   . ALA A 1 160 ? 4.897   21.781  2.291   1.00 10.23 ? 141 ALA A O   1 
ATOM 1083 C CB  . ALA A 1 160 ? 1.867   21.814  1.260   1.00 9.63  ? 141 ALA A CB  1 
ATOM 1084 N N   . MET A 1 161 ? 4.233   19.698  1.680   1.00 9.51  ? 142 MET A N   1 
ATOM 1085 C CA  . MET A 1 161 ? 5.131   19.045  2.638   1.00 9.81  ? 142 MET A CA  1 
ATOM 1086 C C   . MET A 1 161 ? 6.590   19.105  2.191   1.00 10.19 ? 142 MET A C   1 
ATOM 1087 O O   . MET A 1 161 ? 7.478   18.961  3.027   1.00 9.90  ? 142 MET A O   1 
ATOM 1088 C CB  . MET A 1 161 ? 4.710   17.586  2.910   1.00 8.68  ? 142 MET A CB  1 
ATOM 1089 C CG  . MET A 1 161 ? 3.314   17.463  3.593   1.00 9.42  ? 142 MET A CG  1 
ATOM 1090 S SD  . MET A 1 161 ? 3.197   18.213  5.254   1.00 13.00 ? 142 MET A SD  1 
ATOM 1091 C CE  . MET A 1 161 ? 2.333   19.701  4.863   1.00 18.93 ? 142 MET A CE  1 
ATOM 1092 N N   . LYS A 1 162 ? 6.831   19.298  0.894   1.00 9.98  ? 143 LYS A N   1 
ATOM 1093 C CA  . LYS A 1 162 ? 8.212   19.307  0.368   1.00 12.77 ? 143 LYS A CA  1 
ATOM 1094 C C   . LYS A 1 162 ? 9.014   20.470  0.941   1.00 12.35 ? 143 LYS A C   1 
ATOM 1095 O O   . LYS A 1 162 ? 10.224  20.341  1.140   1.00 12.58 ? 143 LYS A O   1 
ATOM 1096 C CB  . LYS A 1 162 ? 8.281   19.387  -1.156  1.00 12.43 ? 143 LYS A CB  1 
ATOM 1097 C CG  . LYS A 1 162 ? 7.901   18.113  -1.857  1.00 16.36 ? 143 LYS A CG  1 
ATOM 1098 C CD  . LYS A 1 162 ? 7.805   18.287  -3.397  1.00 19.08 ? 143 LYS A CD  1 
ATOM 1099 C CE  . LYS A 1 162 ? 9.159   18.134  -4.109  1.00 24.41 ? 143 LYS A CE  1 
ATOM 1100 N NZ  . LYS A 1 162 ? 8.999   17.534  -5.501  1.00 27.77 ? 143 LYS A NZ  1 
ATOM 1101 N N   . GLY A 1 163 ? 8.345   21.595  1.163   1.00 11.97 ? 144 GLY A N   1 
ATOM 1102 C CA  . GLY A 1 163 ? 8.980   22.767  1.762   1.00 12.98 ? 144 GLY A CA  1 
ATOM 1103 C C   . GLY A 1 163 ? 9.589   22.435  3.121   1.00 11.12 ? 144 GLY A C   1 
ATOM 1104 O O   . GLY A 1 163 ? 10.812  22.348  3.249   1.00 13.23 ? 144 GLY A O   1 
ATOM 1105 N N   . PRO A 1 164 ? 8.743   22.226  4.141   1.00 10.53 ? 145 PRO A N   1 
ATOM 1106 C CA  . PRO A 1 164 ? 9.270   21.965  5.478   1.00 9.39  ? 145 PRO A CA  1 
ATOM 1107 C C   . PRO A 1 164 ? 9.860   20.592  5.714   1.00 9.48  ? 145 PRO A C   1 
ATOM 1108 O O   . PRO A 1 164 ? 10.642  20.439  6.647   1.00 9.82  ? 145 PRO A O   1 
ATOM 1109 C CB  . PRO A 1 164 ? 8.047   22.144  6.382   1.00 8.70  ? 145 PRO A CB  1 
ATOM 1110 C CG  . PRO A 1 164 ? 6.863   21.785  5.491   1.00 9.14  ? 145 PRO A CG  1 
ATOM 1111 C CD  . PRO A 1 164 ? 7.269   22.334  4.147   1.00 10.40 ? 145 PRO A CD  1 
ATOM 1112 N N   . PHE A 1 165 ? 9.468   19.587  4.924   1.00 9.30  ? 146 PHE A N   1 
ATOM 1113 C CA  . PHE A 1 165 ? 9.880   18.221  5.218   1.00 9.12  ? 146 PHE A CA  1 
ATOM 1114 C C   . PHE A 1 165 ? 10.404  17.621  3.943   1.00 10.92 ? 146 PHE A C   1 
ATOM 1115 O O   . PHE A 1 165 ? 9.823   16.653  3.412   1.00 10.59 ? 146 PHE A O   1 
ATOM 1116 C CB  . PHE A 1 165 ? 8.717   17.358  5.769   1.00 8.45  ? 146 PHE A CB  1 
ATOM 1117 C CG  . PHE A 1 165 ? 8.015   17.951  6.952   1.00 8.46  ? 146 PHE A CG  1 
ATOM 1118 C CD1 . PHE A 1 165 ? 8.615   17.967  8.207   1.00 9.29  ? 146 PHE A CD1 1 
ATOM 1119 C CD2 . PHE A 1 165 ? 6.734   18.496  6.817   1.00 5.89  ? 146 PHE A CD2 1 
ATOM 1120 C CE1 . PHE A 1 165 ? 7.937   18.499  9.318   1.00 8.01  ? 146 PHE A CE1 1 
ATOM 1121 C CE2 . PHE A 1 165 ? 6.061   19.045  7.911   1.00 8.14  ? 146 PHE A CE2 1 
ATOM 1122 C CZ  . PHE A 1 165 ? 6.649   19.021  9.161   1.00 6.41  ? 146 PHE A CZ  1 
ATOM 1123 N N   . PRO A 1 166 ? 11.530  18.162  3.444   1.00 12.40 ? 147 PRO A N   1 
ATOM 1124 C CA  . PRO A 1 166 ? 12.044  17.690  2.154   1.00 13.42 ? 147 PRO A CA  1 
ATOM 1125 C C   . PRO A 1 166 ? 12.362  16.199  2.105   1.00 14.26 ? 147 PRO A C   1 
ATOM 1126 O O   . PRO A 1 166 ? 12.378  15.611  1.014   1.00 15.16 ? 147 PRO A O   1 
ATOM 1127 C CB  . PRO A 1 166 ? 13.337  18.521  1.960   1.00 13.97 ? 147 PRO A CB  1 
ATOM 1128 C CG  . PRO A 1 166 ? 13.709  19.011  3.333   1.00 14.22 ? 147 PRO A CG  1 
ATOM 1129 C CD  . PRO A 1 166 ? 12.392  19.199  4.050   1.00 11.74 ? 147 PRO A CD  1 
ATOM 1130 N N   . ASN A 1 167 ? 12.639  15.582  3.252   1.00 13.91 ? 148 ASN A N   1 
ATOM 1131 C CA  . ASN A 1 167 ? 13.059  14.196  3.258   1.00 14.54 ? 148 ASN A CA  1 
ATOM 1132 C C   . ASN A 1 167 ? 11.982  13.141  3.583   1.00 13.76 ? 148 ASN A C   1 
ATOM 1133 O O   . ASN A 1 167 ? 12.284  11.969  3.682   1.00 13.90 ? 148 ASN A O   1 
ATOM 1134 C CB  . ASN A 1 167 ? 14.314  14.038  4.121   1.00 15.90 ? 148 ASN A CB  1 
ATOM 1135 C CG  . ASN A 1 167 ? 15.474  14.883  3.587   1.00 18.25 ? 148 ASN A CG  1 
ATOM 1136 O OD1 . ASN A 1 167 ? 15.976  14.635  2.487   1.00 22.02 ? 148 ASN A OD1 1 
ATOM 1137 N ND2 . ASN A 1 167 ? 15.860  15.911  4.342   1.00 20.19 ? 148 ASN A ND2 1 
ATOM 1138 N N   . VAL A 1 168 ? 10.734  13.577  3.720   1.00 12.09 ? 149 VAL A N   1 
ATOM 1139 C CA  . VAL A 1 168 ? 9.611   12.677  3.844   1.00 11.58 ? 149 VAL A CA  1 
ATOM 1140 C C   . VAL A 1 168 ? 9.071   12.300  2.475   1.00 11.23 ? 149 VAL A C   1 
ATOM 1141 O O   . VAL A 1 168 ? 8.910   13.155  1.605   1.00 11.49 ? 149 VAL A O   1 
ATOM 1142 C CB  . VAL A 1 168 ? 8.491   13.303  4.688   1.00 10.87 ? 149 VAL A CB  1 
ATOM 1143 C CG1 . VAL A 1 168 ? 7.146   12.560  4.474   1.00 12.12 ? 149 VAL A CG1 1 
ATOM 1144 C CG2 . VAL A 1 168 ? 8.869   13.239  6.153   1.00 13.10 ? 149 VAL A CG2 1 
ATOM 1145 N N   . LYS A 1 169 ? 8.761   11.023  2.285   1.00 10.72 ? 150 LYS A N   1 
ATOM 1146 C CA  . LYS A 1 169 ? 8.119   10.608  1.056   1.00 11.16 ? 150 LYS A CA  1 
ATOM 1147 C C   . LYS A 1 169 ? 6.781   9.938   1.301   1.00 10.33 ? 150 LYS A C   1 
ATOM 1148 O O   . LYS A 1 169 ? 6.637   9.119   2.214   1.00 10.25 ? 150 LYS A O   1 
ATOM 1149 C CB  . LYS A 1 169 ? 9.006   9.641   0.273   1.00 12.40 ? 150 LYS A CB  1 
ATOM 1150 C CG  . LYS A 1 169 ? 10.320  10.249  -0.298  1.00 15.55 ? 150 LYS A CG  1 
ATOM 1151 C CD  . LYS A 1 169 ? 11.105  9.133   -1.036  1.00 20.19 ? 150 LYS A CD  1 
ATOM 1152 C CE  . LYS A 1 169 ? 12.423  9.637   -1.667  1.00 21.44 ? 150 LYS A CE  1 
ATOM 1153 N NZ  . LYS A 1 169 ? 13.232  8.578   -2.376  1.00 24.03 ? 150 LYS A NZ  1 
ATOM 1154 N N   . PHE A 1 170 ? 5.830   10.236  0.417   1.00 8.65  ? 151 PHE A N   1 
ATOM 1155 C CA  . PHE A 1 170 ? 4.453   9.746   0.566   1.00 7.76  ? 151 PHE A CA  1 
ATOM 1156 C C   . PHE A 1 170 ? 4.065   8.683   -0.456  1.00 6.45  ? 151 PHE A C   1 
ATOM 1157 O O   . PHE A 1 170 ? 4.560   8.665   -1.586  1.00 7.47  ? 151 PHE A O   1 
ATOM 1158 C CB  . PHE A 1 170 ? 3.465   10.929  0.474   1.00 6.67  ? 151 PHE A CB  1 
ATOM 1159 C CG  . PHE A 1 170 ? 3.526   11.859  1.629   1.00 7.45  ? 151 PHE A CG  1 
ATOM 1160 C CD1 . PHE A 1 170 ? 2.928   11.535  2.845   1.00 7.08  ? 151 PHE A CD1 1 
ATOM 1161 C CD2 . PHE A 1 170 ? 4.194   13.085  1.511   1.00 8.57  ? 151 PHE A CD2 1 
ATOM 1162 C CE1 . PHE A 1 170 ? 2.996   12.428  3.942   1.00 5.55  ? 151 PHE A CE1 1 
ATOM 1163 C CE2 . PHE A 1 170 ? 4.272   13.953  2.573   1.00 8.23  ? 151 PHE A CE2 1 
ATOM 1164 C CZ  . PHE A 1 170 ? 3.664   13.625  3.787   1.00 8.53  ? 151 PHE A CZ  1 
ATOM 1165 N N   . VAL A 1 171 ? 3.187   7.785   -0.010  1.00 6.80  ? 152 VAL A N   1 
ATOM 1166 C CA  . VAL A 1 171 ? 2.467   6.845   -0.828  1.00 6.05  ? 152 VAL A CA  1 
ATOM 1167 C C   . VAL A 1 171 ? 0.988   7.093   -0.572  1.00 7.05  ? 152 VAL A C   1 
ATOM 1168 O O   . VAL A 1 171 ? 0.426   6.619   0.416   1.00 7.49  ? 152 VAL A O   1 
ATOM 1169 C CB  . VAL A 1 171 ? 2.840   5.378   -0.464  1.00 6.00  ? 152 VAL A CB  1 
ATOM 1170 C CG1 . VAL A 1 171 ? 2.127   4.402   -1.411  1.00 4.17  ? 152 VAL A CG1 1 
ATOM 1171 C CG2 . VAL A 1 171 ? 4.393   5.219   -0.550  1.00 5.49  ? 152 VAL A CG2 1 
ATOM 1172 N N   . PRO A 1 172 ? 0.360   7.898   -1.416  1.00 7.53  ? 153 PRO A N   1 
ATOM 1173 C CA  . PRO A 1 172 ? -1.040  8.193   -1.243  1.00 8.03  ? 153 PRO A CA  1 
ATOM 1174 C C   . PRO A 1 172 ? -1.903  7.001   -1.554  1.00 7.97  ? 153 PRO A C   1 
ATOM 1175 O O   . PRO A 1 172 ? -1.612  6.248   -2.462  1.00 6.98  ? 153 PRO A O   1 
ATOM 1176 C CB  . PRO A 1 172 ? -1.301  9.290   -2.289  1.00 8.38  ? 153 PRO A CB  1 
ATOM 1177 C CG  . PRO A 1 172 ? -0.283  8.995   -3.365  1.00 9.15  ? 153 PRO A CG  1 
ATOM 1178 C CD  . PRO A 1 172 ? 0.934   8.643   -2.552  1.00 9.21  ? 153 PRO A CD  1 
ATOM 1179 N N   . THR A 1 173 ? -2.939  6.841   -0.744  1.00 8.09  ? 154 THR A N   1 
ATOM 1180 C CA  . THR A 1 173 ? -3.999  5.880   -0.987  1.00 7.87  ? 154 THR A CA  1 
ATOM 1181 C C   . THR A 1 173 ? -5.287  6.679   -0.933  1.00 8.35  ? 154 THR A C   1 
ATOM 1182 O O   . THR A 1 173 ? -5.455  7.508   -0.046  1.00 6.10  ? 154 THR A O   1 
ATOM 1183 C CB  . THR A 1 173 ? -4.059  4.788   0.119   1.00 8.59  ? 154 THR A CB  1 
ATOM 1184 O OG1 . THR A 1 173 ? -3.045  3.802   -0.106  1.00 10.94 ? 154 THR A OG1 1 
ATOM 1185 C CG2 . THR A 1 173 ? -5.412  4.095   0.132   1.00 7.03  ? 154 THR A CG2 1 
ATOM 1186 N N   . GLY A 1 174 ? -6.202  6.403   -1.856  1.00 9.63  ? 155 GLY A N   1 
ATOM 1187 C CA  . GLY A 1 174 ? -7.542  6.984   -1.800  1.00 11.76 ? 155 GLY A CA  1 
ATOM 1188 C C   . GLY A 1 174 ? -7.779  7.767   -3.077  1.00 13.56 ? 155 GLY A C   1 
ATOM 1189 O O   . GLY A 1 174 ? -7.173  8.806   -3.291  1.00 13.67 ? 155 GLY A O   1 
ATOM 1190 N N   . GLY A 1 175 ? -8.635  7.227   -3.945  1.00 14.10 ? 156 GLY A N   1 
ATOM 1191 C CA  . GLY A 1 175 ? -9.008  7.910   -5.185  1.00 15.63 ? 156 GLY A CA  1 
ATOM 1192 C C   . GLY A 1 175 ? -7.980  7.982   -6.324  1.00 16.45 ? 156 GLY A C   1 
ATOM 1193 O O   . GLY A 1 175 ? -8.261  8.585   -7.370  1.00 17.02 ? 156 GLY A O   1 
ATOM 1194 N N   . VAL A 1 176 ? -6.805  7.366   -6.158  1.00 15.55 ? 157 VAL A N   1 
ATOM 1195 C CA  . VAL A 1 176 ? -5.793  7.404   -7.206  1.00 14.66 ? 157 VAL A CA  1 
ATOM 1196 C C   . VAL A 1 176 ? -6.400  6.684   -8.394  1.00 14.18 ? 157 VAL A C   1 
ATOM 1197 O O   . VAL A 1 176 ? -6.935  5.605   -8.248  1.00 14.17 ? 157 VAL A O   1 
ATOM 1198 C CB  . VAL A 1 176 ? -4.454  6.739   -6.799  1.00 14.31 ? 157 VAL A CB  1 
ATOM 1199 C CG1 . VAL A 1 176 ? -3.444  6.832   -7.946  1.00 14.03 ? 157 VAL A CG1 1 
ATOM 1200 C CG2 . VAL A 1 176 ? -3.872  7.414   -5.565  1.00 14.10 ? 157 VAL A CG2 1 
ATOM 1201 N N   . ASN A 1 177 ? -6.359  7.300   -9.570  1.00 14.05 ? 158 ASN A N   1 
ATOM 1202 C CA  . ASN A 1 177 ? -6.911  6.631   -10.763 1.00 13.76 ? 158 ASN A CA  1 
ATOM 1203 C C   . ASN A 1 177 ? -6.130  6.955   -12.014 1.00 13.46 ? 158 ASN A C   1 
ATOM 1204 O O   . ASN A 1 177 ? -5.100  7.617   -11.963 1.00 12.80 ? 158 ASN A O   1 
ATOM 1205 C CB  . ASN A 1 177 ? -8.384  6.997   -10.962 1.00 14.02 ? 158 ASN A CB  1 
ATOM 1206 C CG  . ASN A 1 177 ? -8.601  8.505   -11.055 1.00 14.56 ? 158 ASN A CG  1 
ATOM 1207 O OD1 . ASN A 1 177 ? -7.837  9.236   -11.708 1.00 15.66 ? 158 ASN A OD1 1 
ATOM 1208 N ND2 . ASN A 1 177 ? -9.635  8.982   -10.376 1.00 16.78 ? 158 ASN A ND2 1 
ATOM 1209 N N   . LEU A 1 178 ? -6.650  6.498   -13.144 1.00 14.23 ? 159 LEU A N   1 
ATOM 1210 C CA  . LEU A 1 178 ? -5.946  6.627   -14.405 1.00 15.47 ? 159 LEU A CA  1 
ATOM 1211 C C   . LEU A 1 178 ? -5.738  8.060   -14.831 1.00 16.33 ? 159 LEU A C   1 
ATOM 1212 O O   . LEU A 1 178 ? -4.725  8.369   -15.448 1.00 17.04 ? 159 LEU A O   1 
ATOM 1213 C CB  . LEU A 1 178 ? -6.669  5.831   -15.510 1.00 15.09 ? 159 LEU A CB  1 
ATOM 1214 C CG  . LEU A 1 178 ? -6.348  4.338   -15.504 1.00 15.87 ? 159 LEU A CG  1 
ATOM 1215 C CD1 . LEU A 1 178 ? -7.168  3.580   -16.537 1.00 16.94 ? 159 LEU A CD1 1 
ATOM 1216 C CD2 . LEU A 1 178 ? -4.859  4.113   -15.722 1.00 17.71 ? 159 LEU A CD2 1 
ATOM 1217 N N   . ASP A 1 179 ? -6.668  8.936   -14.472 1.00 17.41 ? 160 ASP A N   1 
ATOM 1218 C CA  . ASP A 1 179 ? -6.596  10.353  -14.866 1.00 18.27 ? 160 ASP A CA  1 
ATOM 1219 C C   . ASP A 1 179 ? -5.660  11.170  -13.990 1.00 18.67 ? 160 ASP A C   1 
ATOM 1220 O O   . ASP A 1 179 ? -5.115  12.181  -14.445 1.00 19.78 ? 160 ASP A O   1 
ATOM 1221 C CB  . ASP A 1 179 ? -7.983  10.997  -14.840 1.00 18.87 ? 160 ASP A CB  1 
ATOM 1222 C CG  . ASP A 1 179 ? -8.971  10.279  -15.743 1.00 21.36 ? 160 ASP A CG  1 
ATOM 1223 O OD1 . ASP A 1 179 ? -8.850  10.421  -16.977 1.00 25.87 ? 160 ASP A OD1 1 
ATOM 1224 O OD2 . ASP A 1 179 ? -9.849  9.551   -15.228 1.00 24.12 ? 160 ASP A OD2 1 
ATOM 1225 N N   . ASN A 1 180 ? -5.500  10.776  -12.734 1.00 18.50 ? 161 ASN A N   1 
ATOM 1226 C CA  . ASN A 1 180 ? -4.694  11.597  -11.819 1.00 18.65 ? 161 ASN A CA  1 
ATOM 1227 C C   . ASN A 1 180 ? -3.353  10.985  -11.372 1.00 18.19 ? 161 ASN A C   1 
ATOM 1228 O O   . ASN A 1 180 ? -2.552  11.647  -10.715 1.00 17.54 ? 161 ASN A O   1 
ATOM 1229 C CB  . ASN A 1 180 ? -5.524  12.137  -10.636 1.00 18.65 ? 161 ASN A CB  1 
ATOM 1230 C CG  . ASN A 1 180 ? -5.926  11.062  -9.639  1.00 19.58 ? 161 ASN A CG  1 
ATOM 1231 O OD1 . ASN A 1 180 ? -5.385  9.961   -9.632  1.00 20.67 ? 161 ASN A OD1 1 
ATOM 1232 N ND2 . ASN A 1 180 ? -6.886  11.388  -8.779  1.00 21.20 ? 161 ASN A ND2 1 
ATOM 1233 N N   . VAL A 1 181 ? -3.088  9.743   -11.769 1.00 17.94 ? 162 VAL A N   1 
ATOM 1234 C CA  . VAL A 1 181 ? -1.894  9.082   -11.285 1.00 17.62 ? 162 VAL A CA  1 
ATOM 1235 C C   . VAL A 1 181 ? -0.631  9.855   -11.626 1.00 18.01 ? 162 VAL A C   1 
ATOM 1236 O O   . VAL A 1 181 ? 0.271   9.974   -10.791 1.00 16.46 ? 162 VAL A O   1 
ATOM 1237 C CB  . VAL A 1 181 ? -1.822  7.558   -11.625 1.00 17.63 ? 162 VAL A CB  1 
ATOM 1238 C CG1 . VAL A 1 181 ? -1.926  7.272   -13.144 1.00 16.34 ? 162 VAL A CG1 1 
ATOM 1239 C CG2 . VAL A 1 181 ? -0.569  6.943   -11.012 1.00 17.21 ? 162 VAL A CG2 1 
ATOM 1240 N N   . CYS A 1 182 ? -0.585  10.434  -12.822 1.00 0.00  ? 163 CYS A N   1 
ATOM 1241 C CA  . CYS A 1 182 ? 0.586   11.212  -13.217 1.00 0.00  ? 163 CYS A CA  1 
ATOM 1242 C C   . CYS A 1 182 ? 0.745   12.523  -12.451 1.00 0.00  ? 163 CYS A C   1 
ATOM 1243 O O   . CYS A 1 182 ? 1.870   12.890  -12.124 1.00 0.00  ? 163 CYS A O   1 
ATOM 1244 C CB  . CYS A 1 182 ? 0.673   11.386  -14.731 1.00 0.00  ? 163 CYS A CB  1 
ATOM 1245 S SG  . CYS A 1 182 ? 0.840   9.796   -15.575 1.00 0.00  ? 163 CYS A SG  1 
ATOM 1246 N N   . GLU A 1 183 ? -0.361  13.199  -12.107 1.00 19.91 ? 164 GLU A N   1 
ATOM 1247 C CA  . GLU A 1 183 ? -0.286  14.395  -11.248 1.00 19.82 ? 164 GLU A CA  1 
ATOM 1248 C C   . GLU A 1 183 ? 0.355   14.056  -9.896  1.00 17.89 ? 164 GLU A C   1 
ATOM 1249 O O   . GLU A 1 183 ? 1.157   14.820  -9.350  1.00 16.47 ? 164 GLU A O   1 
ATOM 1250 C CB  . GLU A 1 183 ? -1.669  15.013  -10.948 1.00 20.48 ? 164 GLU A CB  1 
ATOM 1251 C CG  . GLU A 1 183 ? -2.748  15.000  -12.058 1.00 22.82 ? 164 GLU A CG  1 
ATOM 1252 C CD  . GLU A 1 183 ? -3.870  16.049  -11.797 1.00 25.07 ? 164 GLU A CD  1 
ATOM 1253 O OE1 . GLU A 1 183 ? -4.010  16.523  -10.642 1.00 28.89 ? 164 GLU A OE1 1 
ATOM 1254 O OE2 . GLU A 1 183 ? -4.617  16.407  -12.745 1.00 30.18 ? 164 GLU A OE2 1 
ATOM 1255 N N   . TRP A 1 184 ? -0.025  12.911  -9.342  1.00 15.87 ? 165 TRP A N   1 
ATOM 1256 C CA  . TRP A 1 184 ? 0.516   12.481  -8.060  1.00 13.39 ? 165 TRP A CA  1 
ATOM 1257 C C   . TRP A 1 184 ? 2.021   12.334  -8.163  1.00 12.52 ? 165 TRP A C   1 
ATOM 1258 O O   . TRP A 1 184 ? 2.749   12.795  -7.293  1.00 12.47 ? 165 TRP A O   1 
ATOM 1259 C CB  . TRP A 1 184 ? -0.093  11.141  -7.672  1.00 11.74 ? 165 TRP A CB  1 
ATOM 1260 C CG  . TRP A 1 184 ? -1.415  11.262  -6.993  1.00 10.23 ? 165 TRP A CG  1 
ATOM 1261 C CD1 . TRP A 1 184 ? -2.622  10.858  -7.488  1.00 7.94  ? 165 TRP A CD1 1 
ATOM 1262 C CD2 . TRP A 1 184 ? -1.670  11.818  -5.698  1.00 6.72  ? 165 TRP A CD2 1 
ATOM 1263 N NE1 . TRP A 1 184 ? -3.625  11.126  -6.572  1.00 8.47  ? 165 TRP A NE1 1 
ATOM 1264 C CE2 . TRP A 1 184 ? -3.065  11.698  -5.461  1.00 5.17  ? 165 TRP A CE2 1 
ATOM 1265 C CE3 . TRP A 1 184 ? -0.861  12.407  -4.708  1.00 4.47  ? 165 TRP A CE3 1 
ATOM 1266 C CZ2 . TRP A 1 184 ? -3.658  12.134  -4.289  1.00 7.85  ? 165 TRP A CZ2 1 
ATOM 1267 C CZ3 . TRP A 1 184 ? -1.464  12.840  -3.526  1.00 7.89  ? 165 TRP A CZ3 1 
ATOM 1268 C CH2 . TRP A 1 184 ? -2.850  12.702  -3.336  1.00 9.00  ? 165 TRP A CH2 1 
ATOM 1269 N N   . PHE A 1 185 ? 2.485   11.700  -9.233  1.00 12.33 ? 166 PHE A N   1 
ATOM 1270 C CA  . PHE A 1 185 ? 3.918   11.541  -9.416  1.00 13.01 ? 166 PHE A CA  1 
ATOM 1271 C C   . PHE A 1 185 ? 4.633   12.869  -9.686  1.00 13.72 ? 166 PHE A C   1 
ATOM 1272 O O   . PHE A 1 185 ? 5.741   13.090  -9.198  1.00 13.85 ? 166 PHE A O   1 
ATOM 1273 C CB  . PHE A 1 185 ? 4.231   10.470  -10.453 1.00 12.85 ? 166 PHE A CB  1 
ATOM 1274 C CG  . PHE A 1 185 ? 4.151   9.084   -9.897  1.00 12.79 ? 166 PHE A CG  1 
ATOM 1275 C CD1 . PHE A 1 185 ? 5.186   8.571   -9.104  1.00 13.71 ? 166 PHE A CD1 1 
ATOM 1276 C CD2 . PHE A 1 185 ? 3.035   8.296   -10.129 1.00 11.27 ? 166 PHE A CD2 1 
ATOM 1277 C CE1 . PHE A 1 185 ? 5.102   7.277   -8.565  1.00 11.98 ? 166 PHE A CE1 1 
ATOM 1278 C CE2 . PHE A 1 185 ? 2.939   7.002   -9.593  1.00 10.61 ? 166 PHE A CE2 1 
ATOM 1279 C CZ  . PHE A 1 185 ? 3.970   6.495   -8.810  1.00 11.68 ? 166 PHE A CZ  1 
ATOM 1280 N N   . LYS A 1 186 ? 3.967   13.771  -10.402 1.00 14.38 ? 167 LYS A N   1 
ATOM 1281 C CA  . LYS A 1 186 ? 4.450   15.151  -10.532 1.00 15.04 ? 167 LYS A CA  1 
ATOM 1282 C C   . LYS A 1 186 ? 4.612   15.884  -9.191  1.00 14.87 ? 167 LYS A C   1 
ATOM 1283 O O   . LYS A 1 186 ? 5.513   16.716  -9.037  1.00 14.02 ? 167 LYS A O   1 
ATOM 1284 C CB  . LYS A 1 186 ? 3.523   15.967  -11.426 1.00 15.82 ? 167 LYS A CB  1 
ATOM 1285 C CG  . LYS A 1 186 ? 3.634   15.645  -12.906 1.00 17.94 ? 167 LYS A CG  1 
ATOM 1286 C CD  . LYS A 1 186 ? 3.327   16.923  -13.692 1.00 23.17 ? 167 LYS A CD  1 
ATOM 1287 C CE  . LYS A 1 186 ? 3.136   16.665  -15.186 1.00 24.78 ? 167 LYS A CE  1 
ATOM 1288 N NZ  . LYS A 1 186 ? 2.148   15.560  -15.439 1.00 26.56 ? 167 LYS A NZ  1 
ATOM 1289 N N   . ALA A 1 187 ? 3.752   15.587  -8.216  1.00 13.27 ? 168 ALA A N   1 
ATOM 1290 C CA  . ALA A 1 187 ? 3.825   16.262  -6.918  1.00 13.45 ? 168 ALA A CA  1 
ATOM 1291 C C   . ALA A 1 187 ? 5.009   15.807  -6.077  1.00 13.09 ? 168 ALA A C   1 
ATOM 1292 O O   . ALA A 1 187 ? 5.398   16.484  -5.123  1.00 13.24 ? 168 ALA A O   1 
ATOM 1293 C CB  . ALA A 1 187 ? 2.530   16.092  -6.143  1.00 12.46 ? 168 ALA A CB  1 
ATOM 1294 N N   . GLY A 1 188 ? 5.577   14.665  -6.441  1.00 13.77 ? 169 GLY A N   1 
ATOM 1295 C CA  . GLY A 1 188 ? 6.708   14.117  -5.715  1.00 14.43 ? 169 GLY A CA  1 
ATOM 1296 C C   . GLY A 1 188 ? 6.467   12.851  -4.894  1.00 14.38 ? 169 GLY A C   1 
ATOM 1297 O O   . GLY A 1 188 ? 7.268   12.576  -3.997  1.00 15.24 ? 169 GLY A O   1 
ATOM 1298 N N   . VAL A 1 189 ? 5.402   12.073  -5.171  1.00 12.60 ? 170 VAL A N   1 
ATOM 1299 C CA  . VAL A 1 189 ? 5.178   10.829  -4.394  1.00 10.33 ? 170 VAL A CA  1 
ATOM 1300 C C   . VAL A 1 189 ? 6.166   9.735   -4.765  1.00 10.34 ? 170 VAL A C   1 
ATOM 1301 O O   . VAL A 1 189 ? 6.677   9.691   -5.887  1.00 11.68 ? 170 VAL A O   1 
ATOM 1302 C CB  . VAL A 1 189 ? 3.758   10.270  -4.491  1.00 9.71  ? 170 VAL A CB  1 
ATOM 1303 C CG1 . VAL A 1 189 ? 2.732   11.320  -4.059  1.00 7.12  ? 170 VAL A CG1 1 
ATOM 1304 C CG2 . VAL A 1 189 ? 3.468   9.687   -5.918  1.00 7.50  ? 170 VAL A CG2 1 
ATOM 1305 N N   . LEU A 1 190 ? 6.423   8.858   -3.803  1.00 9.36  ? 171 LEU A N   1 
ATOM 1306 C CA  . LEU A 1 190 ? 7.322   7.742   -3.953  1.00 9.13  ? 171 LEU A CA  1 
ATOM 1307 C C   . LEU A 1 190 ? 6.655   6.581   -4.707  1.00 8.85  ? 171 LEU A C   1 
ATOM 1308 O O   . LEU A 1 190 ? 7.273   5.929   -5.564  1.00 8.88  ? 171 LEU A O   1 
ATOM 1309 C CB  . LEU A 1 190 ? 7.773   7.319   -2.557  1.00 10.00 ? 171 LEU A CB  1 
ATOM 1310 C CG  . LEU A 1 190 ? 8.690   6.115   -2.272  1.00 11.06 ? 171 LEU A CG  1 
ATOM 1311 C CD1 . LEU A 1 190 ? 10.040  6.305   -2.890  1.00 12.13 ? 171 LEU A CD1 1 
ATOM 1312 C CD2 . LEU A 1 190 ? 8.785   5.810   -0.805  1.00 16.72 ? 171 LEU A CD2 1 
ATOM 1313 N N   . ALA A 1 191 ? 5.402   6.276   -4.359  1.00 7.18  ? 172 ALA A N   1 
ATOM 1314 C CA  . ALA A 1 191 ? 4.613   5.258   -5.073  1.00 5.37  ? 172 ALA A CA  1 
ATOM 1315 C C   . ALA A 1 191 ? 3.156   5.633   -4.860  1.00 4.87  ? 172 ALA A C   1 
ATOM 1316 O O   . ALA A 1 191 ? 2.898   6.575   -4.156  1.00 3.61  ? 172 ALA A O   1 
ATOM 1317 C CB  . ALA A 1 191 ? 4.886   3.831   -4.513  1.00 4.75  ? 172 ALA A CB  1 
ATOM 1318 N N   . VAL A 1 192 ? 2.218   4.905   -5.475  1.00 5.52  ? 173 VAL A N   1 
ATOM 1319 C CA  . VAL A 1 192 ? 0.781   5.138   -5.184  1.00 5.09  ? 173 VAL A CA  1 
ATOM 1320 C C   . VAL A 1 192 ? 0.139   3.817   -4.711  1.00 4.86  ? 173 VAL A C   1 
ATOM 1321 O O   . VAL A 1 192 ? 0.544   2.739   -5.126  1.00 5.55  ? 173 VAL A O   1 
ATOM 1322 C CB  . VAL A 1 192 ? -0.009  5.738   -6.397  1.00 5.02  ? 173 VAL A CB  1 
ATOM 1323 C CG1 . VAL A 1 192 ? 0.451   7.189   -6.703  1.00 3.47  ? 173 VAL A CG1 1 
ATOM 1324 C CG2 . VAL A 1 192 ? 0.099   4.817   -7.667  1.00 3.87  ? 173 VAL A CG2 1 
ATOM 1325 N N   . GLY A 1 193 ? -0.843  3.909   -3.829  1.00 4.66  ? 174 GLY A N   1 
ATOM 1326 C CA  . GLY A 1 193 ? -1.644  2.751   -3.465  1.00 5.10  ? 174 GLY A CA  1 
ATOM 1327 C C   . GLY A 1 193 ? -3.005  2.876   -4.132  1.00 5.81  ? 174 GLY A C   1 
ATOM 1328 O O   . GLY A 1 193 ? -3.701  3.876   -3.953  1.00 6.17  ? 174 GLY A O   1 
ATOM 1329 N N   . VAL A 1 194 ? -3.361  1.883   -4.945  1.00 6.46  ? 175 VAL A N   1 
ATOM 1330 C CA  . VAL A 1 194 ? -4.573  1.960   -5.743  1.00 6.74  ? 175 VAL A CA  1 
ATOM 1331 C C   . VAL A 1 194 ? -5.528  0.866   -5.302  1.00 7.53  ? 175 VAL A C   1 
ATOM 1332 O O   . VAL A 1 194 ? -5.182  -0.304  -5.325  1.00 7.30  ? 175 VAL A O   1 
ATOM 1333 C CB  . VAL A 1 194 ? -4.262  1.786   -7.263  1.00 6.58  ? 175 VAL A CB  1 
ATOM 1334 C CG1 . VAL A 1 194 ? -5.505  2.089   -8.095  1.00 6.05  ? 175 VAL A CG1 1 
ATOM 1335 C CG2 . VAL A 1 194 ? -3.082  2.660   -7.675  1.00 6.84  ? 175 VAL A CG2 1 
ATOM 1336 N N   . GLY A 1 195 ? -6.723  1.265   -4.881  1.00 8.26  ? 176 GLY A N   1 
ATOM 1337 C CA  . GLY A 1 195 ? -7.752  0.337   -4.452  1.00 9.89  ? 176 GLY A CA  1 
ATOM 1338 C C   . GLY A 1 195 ? -8.767  0.141   -5.566  1.00 11.34 ? 176 GLY A C   1 
ATOM 1339 O O   . GLY A 1 195 ? -8.459  -0.477  -6.584  1.00 10.91 ? 176 GLY A O   1 
ATOM 1340 N N   . SER A 1 196 ? -9.963  0.710   -5.375  1.00 12.44 ? 177 SER A N   1 
ATOM 1341 C CA  . SER A 1 196 ? -11.124 0.418   -6.223  1.00 14.04 ? 177 SER A CA  1 
ATOM 1342 C C   . SER A 1 196 ? -10.902 0.661   -7.718  1.00 14.10 ? 177 SER A C   1 
ATOM 1343 O O   . SER A 1 196 ? -11.396 -0.102  -8.520  1.00 14.41 ? 177 SER A O   1 
ATOM 1344 C CB  . SER A 1 196 ? -12.397 1.128   -5.717  1.00 14.39 ? 177 SER A CB  1 
ATOM 1345 O OG  . SER A 1 196 ? -12.387 2.527   -5.985  1.00 17.59 ? 177 SER A OG  1 
ATOM 1346 N N   . ALA A 1 197 ? -10.143 1.692   -8.099  1.00 14.60 ? 178 ALA A N   1 
ATOM 1347 C CA  . ALA A 1 197 ? -9.853  1.911   -9.529  1.00 14.57 ? 178 ALA A CA  1 
ATOM 1348 C C   . ALA A 1 197 ? -9.137  0.724   -10.172 1.00 15.04 ? 178 ALA A C   1 
ATOM 1349 O O   . ALA A 1 197 ? -9.242  0.514   -11.390 1.00 15.61 ? 178 ALA A O   1 
ATOM 1350 C CB  . ALA A 1 197 ? -9.054  3.187   -9.735  1.00 14.32 ? 178 ALA A CB  1 
ATOM 1351 N N   . LEU A 1 198 ? -8.445  -0.077  -9.368  1.00 15.44 ? 179 LEU A N   1 
ATOM 1352 C CA  . LEU A 1 198 ? -7.650  -1.199  -9.888  1.00 15.61 ? 179 LEU A CA  1 
ATOM 1353 C C   . LEU A 1 198 ? -8.389  -2.505  -9.656  1.00 16.37 ? 179 LEU A C   1 
ATOM 1354 O O   . LEU A 1 198 ? -8.545  -3.343  -10.561 1.00 15.68 ? 179 LEU A O   1 
ATOM 1355 C CB  . LEU A 1 198 ? -6.343  -1.284  -9.111  1.00 15.53 ? 179 LEU A CB  1 
ATOM 1356 C CG  . LEU A 1 198 ? -5.264  -2.357  -9.300  1.00 17.22 ? 179 LEU A CG  1 
ATOM 1357 C CD1 . LEU A 1 198 ? -4.673  -2.287  -10.712 1.00 15.98 ? 179 LEU A CD1 1 
ATOM 1358 C CD2 . LEU A 1 198 ? -4.193  -2.310  -8.257  1.00 13.59 ? 179 LEU A CD2 1 
ATOM 1359 N N   . VAL A 1 199 ? -8.860  -2.639  -8.419  1.00 17.04 ? 180 VAL A N   1 
ATOM 1360 C CA  . VAL A 1 199 ? -9.248  -3.915  -7.831  1.00 18.20 ? 180 VAL A CA  1 
ATOM 1361 C C   . VAL A 1 199 ? -10.738 -4.260  -8.011  1.00 18.54 ? 180 VAL A C   1 
ATOM 1362 O O   . VAL A 1 199 ? -11.113 -5.426  -7.937  1.00 18.81 ? 180 VAL A O   1 
ATOM 1363 C CB  . VAL A 1 199 ? -8.818  -3.908  -6.319  1.00 18.49 ? 180 VAL A CB  1 
ATOM 1364 C CG1 . VAL A 1 199 ? -9.774  -4.681  -5.435  1.00 19.44 ? 180 VAL A CG1 1 
ATOM 1365 C CG2 . VAL A 1 199 ? -7.348  -4.373  -6.172  1.00 18.13 ? 180 VAL A CG2 1 
ATOM 1366 N N   . LYS A 1 200 ? -11.591 -3.263  -8.252  1.00 18.96 ? 181 LYS A N   1 
ATOM 1367 C CA  . LYS A 1 200 ? -13.028 -3.535  -8.371  1.00 19.47 ? 181 LYS A CA  1 
ATOM 1368 C C   . LYS A 1 200 ? -13.391 -4.076  -9.765  1.00 19.32 ? 181 LYS A C   1 
ATOM 1369 O O   . LYS A 1 200 ? -12.748 -3.746  -10.748 1.00 19.35 ? 181 LYS A O   1 
ATOM 1370 C CB  . LYS A 1 200 ? -13.870 -2.312  -7.972  1.00 19.96 ? 181 LYS A CB  1 
ATOM 1371 C CG  . LYS A 1 200 ? -15.151 -2.704  -7.214  1.00 21.28 ? 181 LYS A CG  1 
ATOM 1372 C CD  . LYS A 1 200 ? -15.605 -1.593  -6.267  1.00 23.56 ? 181 LYS A CD  1 
ATOM 1373 C CE  . LYS A 1 200 ? -16.843 -2.003  -5.452  1.00 23.04 ? 181 LYS A CE  1 
ATOM 1374 N NZ  . LYS A 1 200 ? -17.302 -0.852  -4.558  1.00 23.32 ? 181 LYS A NZ  1 
ATOM 1375 N N   . GLY A 1 201 ? -14.393 -4.944  -9.832  1.00 19.53 ? 182 GLY A N   1 
ATOM 1376 C CA  . GLY A 1 201 ? -14.723 -5.622  -11.071 1.00 19.43 ? 182 GLY A CA  1 
ATOM 1377 C C   . GLY A 1 201 ? -14.430 -7.114  -10.992 1.00 19.84 ? 182 GLY A C   1 
ATOM 1378 O O   . GLY A 1 201 ? -14.187 -7.661  -9.915  1.00 19.25 ? 182 GLY A O   1 
ATOM 1379 N N   . THR A 1 202 ? -14.471 -7.776  -12.140 1.00 0.00  ? 183 THR A N   1 
ATOM 1380 C CA  . THR A 1 202 ? -14.121 -9.190  -12.201 1.00 0.00  ? 183 THR A CA  1 
ATOM 1381 C C   . THR A 1 202 ? -12.607 -9.320  -12.371 1.00 0.00  ? 183 THR A C   1 
ATOM 1382 O O   . THR A 1 202 ? -11.963 -8.393  -12.871 1.00 0.00  ? 183 THR A O   1 
ATOM 1383 C CB  . THR A 1 202 ? -14.854 -9.904  -13.352 1.00 0.00  ? 183 THR A CB  1 
ATOM 1384 O OG1 . THR A 1 202 ? -14.492 -9.299  -14.600 1.00 0.00  ? 183 THR A OG1 1 
ATOM 1385 C CG2 . THR A 1 202 ? -16.361 -9.813  -13.166 1.00 0.00  ? 183 THR A CG2 1 
ATOM 1386 N N   . PRO A 1 203 ? -12.033 -10.478 -11.952 1.00 0.00  ? 184 PRO A N   1 
ATOM 1387 C CA  . PRO A 1 203 ? -10.653 -10.889 -12.259 1.00 0.00  ? 184 PRO A CA  1 
ATOM 1388 C C   . PRO A 1 203 ? -10.115 -10.416 -13.600 1.00 0.00  ? 184 PRO A C   1 
ATOM 1389 O O   . PRO A 1 203 ? -9.039  -9.841  -13.638 1.00 0.00  ? 184 PRO A O   1 
ATOM 1390 C CB  . PRO A 1 203 ? -10.762 -12.416 -12.229 1.00 0.00  ? 184 PRO A CB  1 
ATOM 1391 C CG  . PRO A 1 203 ? -11.756 -12.693 -11.153 1.00 0.00  ? 184 PRO A CG  1 
ATOM 1392 C CD  . PRO A 1 203 ? -12.788 -11.611 -11.313 1.00 0.00  ? 184 PRO A CD  1 
ATOM 1393 N N   . VAL A 1 204 ? -10.850 -10.665 -14.684 1.00 0.00  ? 185 VAL A N   1 
ATOM 1394 C CA  . VAL A 1 204 ? -10.442 -10.241 -16.031 1.00 0.00  ? 185 VAL A CA  1 
ATOM 1395 C C   . VAL A 1 204 ? -10.332 -8.739  -16.157 1.00 0.00  ? 185 VAL A C   1 
ATOM 1396 O O   . VAL A 1 204 ? -9.377  -8.221  -16.746 1.00 0.00  ? 185 VAL A O   1 
ATOM 1397 C CB  . VAL A 1 204 ? -11.454 -10.749 -17.075 1.00 0.00  ? 185 VAL A CB  1 
ATOM 1398 C CG1 . VAL A 1 204 ? -11.170 -10.132 -18.436 1.00 0.00  ? 185 VAL A CG1 1 
ATOM 1399 C CG2 . VAL A 1 204 ? -11.402 -12.265 -17.150 1.00 0.00  ? 185 VAL A CG2 1 
ATOM 1400 N N   . GLU A 1 205 ? -11.304 -8.031  -15.589 1.00 0.00  ? 186 GLU A N   1 
ATOM 1401 C CA  . GLU A 1 205 ? -11.309 -6.584  -15.669 1.00 0.00  ? 186 GLU A CA  1 
ATOM 1402 C C   . GLU A 1 205 ? -10.153 -6.032  -14.822 1.00 0.00  ? 186 GLU A C   1 
ATOM 1403 O O   . GLU A 1 205 ? -9.475  -5.083  -15.227 1.00 0.00  ? 186 GLU A O   1 
ATOM 1404 C CB  . GLU A 1 205 ? -12.648 -6.023  -15.184 1.00 0.00  ? 186 GLU A CB  1 
ATOM 1405 C CG  . GLU A 1 205 ? -13.818 -6.293  -16.119 1.00 0.00  ? 186 GLU A CG  1 
ATOM 1406 C CD  . GLU A 1 205 ? -15.149 -5.973  -15.497 1.00 0.00  ? 186 GLU A CD  1 
ATOM 1407 O OE1 . GLU A 1 205 ? -15.497 -6.599  -14.524 1.00 0.00  ? 186 GLU A OE1 1 
ATOM 1408 O OE2 . GLU A 1 205 ? -15.823 -5.102  -15.996 1.00 0.00  ? 186 GLU A OE2 1 
ATOM 1409 N N   . VAL A 1 206 ? -9.912  -6.671  -13.674 1.00 15.81 ? 187 VAL A N   1 
ATOM 1410 C CA  . VAL A 1 206 ? -8.841  -6.258  -12.752 1.00 14.96 ? 187 VAL A CA  1 
ATOM 1411 C C   . VAL A 1 206 ? -7.445  -6.463  -13.376 1.00 14.66 ? 187 VAL A C   1 
ATOM 1412 O O   . VAL A 1 206 ? -6.604  -5.572  -13.335 1.00 13.54 ? 187 VAL A O   1 
ATOM 1413 C CB  . VAL A 1 206 ? -8.978  -6.978  -11.379 1.00 15.04 ? 187 VAL A CB  1 
ATOM 1414 C CG1 . VAL A 1 206 ? -7.739  -6.754  -10.519 1.00 14.19 ? 187 VAL A CG1 1 
ATOM 1415 C CG2 . VAL A 1 206 ? -10.228 -6.481  -10.639 1.00 14.81 ? 187 VAL A CG2 1 
ATOM 1416 N N   . ALA A 1 207 ? -7.216  -7.642  -13.955 1.00 0.00  ? 188 ALA A N   1 
ATOM 1417 C CA  . ALA A 1 207 ? -5.958  -7.927  -14.654 1.00 0.00  ? 188 ALA A CA  1 
ATOM 1418 C C   . ALA A 1 207 ? -5.663  -6.902  -15.741 1.00 0.00  ? 188 ALA A C   1 
ATOM 1419 O O   . ALA A 1 207 ? -4.527  -6.460  -15.918 1.00 0.00  ? 188 ALA A O   1 
ATOM 1420 C CB  . ALA A 1 207 ? -5.989  -9.325  -15.253 1.00 0.00  ? 188 ALA A CB  1 
ATOM 1421 N N   . GLU A 1 208 ? -6.709  -6.544  -16.480 1.00 0.00  ? 189 GLU A N   1 
ATOM 1422 C CA  . GLU A 1 208 ? -6.619  -5.527  -17.533 1.00 0.00  ? 189 GLU A CA  1 
ATOM 1423 C C   . GLU A 1 208 ? -6.357  -4.148  -16.971 1.00 0.00  ? 189 GLU A C   1 
ATOM 1424 O O   . GLU A 1 208 ? -5.475  -3.428  -17.448 1.00 0.00  ? 189 GLU A O   1 
ATOM 1425 C CB  . GLU A 1 208 ? -7.906  -5.501  -18.363 1.00 0.00  ? 189 GLU A CB  1 
ATOM 1426 C CG  . GLU A 1 208 ? -7.909  -4.472  -19.485 1.00 0.00  ? 189 GLU A CG  1 
ATOM 1427 C CD  . GLU A 1 208 ? -9.208  -4.440  -20.242 1.00 0.00  ? 189 GLU A CD  1 
ATOM 1428 O OE1 . GLU A 1 208 ? -10.083 -5.205  -19.918 1.00 0.00  ? 189 GLU A OE1 1 
ATOM 1429 O OE2 . GLU A 1 208 ? -9.326  -3.645  -21.142 1.00 0.00  ? 189 GLU A OE2 1 
ATOM 1430 N N   . LYS A 1 209 ? -7.099  -3.760  -15.940 1.00 0.00  ? 190 LYS A N   1 
ATOM 1431 C CA  . LYS A 1 209 ? -6.855  -2.423  -15.349 1.00 0.00  ? 190 LYS A CA  1 
ATOM 1432 C C   . LYS A 1 209 ? -5.437  -2.303  -14.768 1.00 0.00  ? 190 LYS A C   1 
ATOM 1433 O O   . LYS A 1 209 ? -4.820  -1.258  -14.852 1.00 0.00  ? 190 LYS A O   1 
ATOM 1434 C CB  . LYS A 1 209 ? -7.889  -2.126  -14.262 1.00 0.00  ? 190 LYS A CB  1 
ATOM 1435 C CG  . LYS A 1 209 ? -9.301  -1.895  -14.783 1.00 0.00  ? 190 LYS A CG  1 
ATOM 1436 C CD  . LYS A 1 209 ? -10.290 -1.714  -13.639 1.00 0.00  ? 190 LYS A CD  1 
ATOM 1437 C CE  . LYS A 1 209 ? -11.711 -1.562  -14.154 1.00 0.00  ? 190 LYS A CE  1 
ATOM 1438 N NZ  . LYS A 1 209 ? -12.690 -1.389  -13.046 1.00 0.00  ? 190 LYS A NZ  1 
ATOM 1439 N N   . ALA A 1 210 ? -4.952  -3.395  -14.180 1.00 13.49 ? 191 ALA A N   1 
ATOM 1440 C CA  . ALA A 1 210 ? -3.559  -3.561  -13.751 1.00 13.03 ? 191 ALA A CA  1 
ATOM 1441 C C   . ALA A 1 210 ? -2.552  -3.207  -14.851 1.00 12.90 ? 191 ALA A C   1 
ATOM 1442 O O   . ALA A 1 210 ? -1.607  -2.446  -14.611 1.00 12.89 ? 191 ALA A O   1 
ATOM 1443 C CB  . ALA A 1 210 ? -3.342  -5.019  -13.253 1.00 12.51 ? 191 ALA A CB  1 
ATOM 1444 N N   . LYS A 1 211 ? -2.770  -3.747  -16.052 1.00 0.00  ? 192 LYS A N   1 
ATOM 1445 C CA  . LYS A 1 211 ? -1.922  -3.480  -17.218 1.00 0.00  ? 192 LYS A CA  1 
ATOM 1446 C C   . LYS A 1 211 ? -1.939  -1.994  -17.567 1.00 0.00  ? 192 LYS A C   1 
ATOM 1447 O O   . LYS A 1 211 ? -0.874  -1.373  -17.751 1.00 0.00  ? 192 LYS A O   1 
ATOM 1448 C CB  . LYS A 1 211 ? -2.381  -4.308  -18.421 1.00 0.00  ? 192 LYS A CB  1 
ATOM 1449 C CG  . LYS A 1 211 ? -1.537  -4.115  -19.674 1.00 0.00  ? 192 LYS A CG  1 
ATOM 1450 C CD  . LYS A 1 211 ? -2.018  -5.010  -20.807 1.00 0.00  ? 192 LYS A CD  1 
ATOM 1451 C CE  . LYS A 1 211 ? -1.125  -4.886  -22.031 1.00 0.00  ? 192 LYS A CE  1 
ATOM 1452 N NZ  . LYS A 1 211 ? -1.216  -3.533  -22.648 1.00 0.00  ? 192 LYS A NZ  1 
ATOM 1453 N N   . ALA A 1 212 ? -3.140  -1.412  -17.598 1.00 0.00  ? 193 ALA A N   1 
ATOM 1454 C CA  . ALA A 1 212 ? -3.318  0.019   -17.911 1.00 0.00  ? 193 ALA A CA  1 
ATOM 1455 C C   . ALA A 1 212 ? -2.573  0.938   -16.954 1.00 0.00  ? 193 ALA A C   1 
ATOM 1456 O O   . ALA A 1 212 ? -1.917  1.889   -17.394 1.00 0.00  ? 193 ALA A O   1 
ATOM 1457 C CB  . ALA A 1 212 ? -4.802  0.383   -17.949 1.00 0.00  ? 193 ALA A CB  1 
ATOM 1458 N N   . PHE A 1 213 ? -2.683  0.675   -15.648 1.00 16.78 ? 194 PHE A N   1 
ATOM 1459 C CA  . PHE A 1 213 ? -1.942  1.456   -14.631 1.00 16.96 ? 194 PHE A CA  1 
ATOM 1460 C C   . PHE A 1 213 ? -0.424  1.378   -14.779 1.00 17.03 ? 194 PHE A C   1 
ATOM 1461 O O   . PHE A 1 213 ? 0.257   2.367   -14.644 1.00 16.45 ? 194 PHE A O   1 
ATOM 1462 C CB  . PHE A 1 213 ? -2.330  1.050   -13.201 1.00 16.63 ? 194 PHE A CB  1 
ATOM 1463 C CG  . PHE A 1 213 ? -3.481  1.822   -12.650 1.00 15.83 ? 194 PHE A CG  1 
ATOM 1464 C CD1 . PHE A 1 213 ? -3.279  3.051   -12.047 1.00 14.99 ? 194 PHE A CD1 1 
ATOM 1465 C CD2 . PHE A 1 213 ? -4.772  1.312   -12.737 1.00 15.70 ? 194 PHE A CD2 1 
ATOM 1466 C CE1 . PHE A 1 213 ? -4.348  3.788   -11.545 1.00 16.51 ? 194 PHE A CE1 1 
ATOM 1467 C CE2 . PHE A 1 213 ? -5.846  2.023   -12.247 1.00 15.30 ? 194 PHE A CE2 1 
ATOM 1468 C CZ  . PHE A 1 213 ? -5.640  3.265   -11.644 1.00 17.17 ? 194 PHE A CZ  1 
ATOM 1469 N N   . VAL A 1 214 ? 0.101   0.186   -15.032 1.00 0.00  ? 195 VAL A N   1 
ATOM 1470 C CA  . VAL A 1 214 ? 1.534   0.026   -15.223 1.00 0.00  ? 195 VAL A CA  1 
ATOM 1471 C C   . VAL A 1 214 ? 2.006   0.871   -16.417 1.00 0.00  ? 195 VAL A C   1 
ATOM 1472 O O   . VAL A 1 214 ? 3.018   1.560   -16.317 1.00 0.00  ? 195 VAL A O   1 
ATOM 1473 C CB  . VAL A 1 214 ? 1.882   -1.454  -15.458 1.00 0.00  ? 195 VAL A CB  1 
ATOM 1474 C CG1 . VAL A 1 214 ? 3.332   -1.596  -15.903 1.00 0.00  ? 195 VAL A CG1 1 
ATOM 1475 C CG2 . VAL A 1 214 ? 1.626   -2.255  -14.191 1.00 0.00  ? 195 VAL A CG2 1 
ATOM 1476 N N   . GLU A 1 215 ? 1.248   0.814   -17.518 1.00 22.52 ? 196 GLU A N   1 
ATOM 1477 C CA  . GLU A 1 215 ? 1.574   1.548   -18.756 1.00 23.91 ? 196 GLU A CA  1 
ATOM 1478 C C   . GLU A 1 215 ? 1.434   3.041   -18.558 1.00 24.12 ? 196 GLU A C   1 
ATOM 1479 O O   . GLU A 1 215 ? 2.336   3.802   -18.913 1.00 24.37 ? 196 GLU A O   1 
ATOM 1480 C CB  . GLU A 1 215 ? 0.707   1.070   -19.939 1.00 24.15 ? 196 GLU A CB  1 
ATOM 1481 C CG  . GLU A 1 215 ? 1.217   1.557   -21.296 1.00 25.34 ? 196 GLU A CG  1 
ATOM 1482 C CD  . GLU A 1 215 ? 0.244   1.335   -22.450 1.00 27.05 ? 196 GLU A CD  1 
ATOM 1483 O OE1 . GLU A 1 215 ? -0.518  0.317   -22.430 1.00 30.41 ? 196 GLU A OE1 1 
ATOM 1484 O OE2 . GLU A 1 215 ? 0.265   2.173   -23.397 1.00 28.18 ? 196 GLU A OE2 1 
ATOM 1485 N N   . LYS A 1 216 ? 0.314   3.461   -17.976 1.00 24.73 ? 197 LYS A N   1 
ATOM 1486 C CA  . LYS A 1 216 ? 0.113   4.870   -17.627 1.00 25.16 ? 197 LYS A CA  1 
ATOM 1487 C C   . LYS A 1 216 ? 1.213   5.408   -16.695 1.00 25.54 ? 197 LYS A C   1 
ATOM 1488 O O   . LYS A 1 216 ? 1.679   6.526   -16.889 1.00 25.65 ? 197 LYS A O   1 
ATOM 1489 C CB  . LYS A 1 216 ? -1.292  5.094   -17.029 1.00 25.51 ? 197 LYS A CB  1 
ATOM 1490 C CG  . LYS A 1 216 ? -1.670  6.561   -16.764 1.00 25.51 ? 197 LYS A CG  1 
ATOM 1491 C CD  . LYS A 1 216 ? -2.121  7.286   -18.041 1.00 26.62 ? 197 LYS A CD  1 
ATOM 1492 C CE  . LYS A 1 216 ? -2.461  8.740   -17.736 1.00 28.05 ? 197 LYS A CE  1 
ATOM 1493 N NZ  . LYS A 1 216 ? -2.428  9.624   -18.949 1.00 29.69 ? 197 LYS A NZ  1 
ATOM 1494 N N   . ILE A 1 217 ? 1.636   4.624   -15.703 1.00 25.89 ? 198 ILE A N   1 
ATOM 1495 C CA  . ILE A 1 217 ? 2.737   5.042   -14.812 1.00 26.08 ? 198 ILE A CA  1 
ATOM 1496 C C   . ILE A 1 217 ? 4.079   5.105   -15.547 1.00 26.83 ? 198 ILE A C   1 
ATOM 1497 O O   . ILE A 1 217 ? 4.826   6.061   -15.380 1.00 26.96 ? 198 ILE A O   1 
ATOM 1498 C CB  . ILE A 1 217 ? 2.852   4.166   -13.531 1.00 25.76 ? 198 ILE A CB  1 
ATOM 1499 C CG1 . ILE A 1 217 ? 1.665   4.429   -12.607 1.00 24.55 ? 198 ILE A CG1 1 
ATOM 1500 C CG2 . ILE A 1 217 ? 4.150   4.455   -12.772 1.00 24.99 ? 198 ILE A CG2 1 
ATOM 1501 C CD1 . ILE A 1 217 ? 1.396   3.308   -11.596 1.00 22.31 ? 198 ILE A CD1 1 
ATOM 1502 N N   . ARG A 1 218 ? 4.375   4.084   -16.345 1.00 28.21 ? 199 ARG A N   1 
ATOM 1503 C CA  . ARG A 1 218 ? 5.580   4.093   -17.158 1.00 29.04 ? 199 ARG A CA  1 
ATOM 1504 C C   . ARG A 1 218 ? 5.539   5.334   -18.047 1.00 29.65 ? 199 ARG A C   1 
ATOM 1505 O O   . ARG A 1 218 ? 6.494   6.116   -18.087 1.00 29.90 ? 199 ARG A O   1 
ATOM 1506 C CB  . ARG A 1 218 ? 5.673   2.819   -17.975 1.00 29.44 ? 199 ARG A CB  1 
ATOM 1507 C CG  . ARG A 1 218 ? 6.047   1.597   -17.147 1.00 30.50 ? 199 ARG A CG  1 
ATOM 1508 C CD  . ARG A 1 218 ? 6.006   0.351   -18.002 1.00 33.66 ? 199 ARG A CD  1 
ATOM 1509 N NE  . ARG A 1 218 ? 6.489   -0.835  -17.283 1.00 35.30 ? 199 ARG A NE  1 
ATOM 1510 C CZ  . ARG A 1 218 ? 6.556   -2.057  -17.810 1.00 35.84 ? 199 ARG A CZ  1 
ATOM 1511 N NH1 . ARG A 1 218 ? 6.159   -2.285  -19.060 1.00 35.22 ? 199 ARG A NH1 1 
ATOM 1512 N NH2 . ARG A 1 218 ? 7.008   -3.063  -17.072 1.00 37.60 ? 199 ARG A NH2 1 
ATOM 1513 N N   . GLY A 1 219 ? 4.399   5.532   -18.711 1.00 30.11 ? 200 GLY A N   1 
ATOM 1514 C CA  . GLY A 1 219 ? 4.130   6.716   -19.527 1.00 30.40 ? 200 GLY A CA  1 
ATOM 1515 C C   . GLY A 1 219 ? 4.343   8.063   -18.862 1.00 30.67 ? 200 GLY A C   1 
ATOM 1516 O O   . GLY A 1 219 ? 4.372   9.079   -19.541 1.00 31.30 ? 200 GLY A O   1 
ATOM 1517 N N   . CYS A 1 220 ? 4.582   8.081   -17.549 1.00 0.00  ? 201 CYS A N   1 
ATOM 1518 C CA  . CYS A 1 220 ? 4.929   9.386   -16.915 1.00 0.00  ? 201 CYS A CA  1 
ATOM 1519 C C   . CYS A 1 220 ? 5.982   9.188   -15.818 1.00 0.00  ? 201 CYS A C   1 
ATOM 1520 O O   . CYS A 1 220 ? 5.677   8.506   -14.822 1.00 0.00  ? 201 CYS A O   1 
ATOM 1521 C CB  . CYS A 1 220 ? 3.704   10.110  -16.367 1.00 0.00  ? 201 CYS A CB  1 
ATOM 1522 S SG  . CYS A 1 220 ? 2.725   9.154   -15.181 1.00 0.00  ? 201 CYS A SG  1 
# 
